data_8V8T
#
_entry.id   8V8T
#
_cell.length_a   1.00
_cell.length_b   1.00
_cell.length_c   1.00
_cell.angle_alpha   90.00
_cell.angle_beta   90.00
_cell.angle_gamma   90.00
#
_symmetry.space_group_name_H-M   'P 1'
#
_entity_poly.entity_id   1
_entity_poly.type   'polypeptide(L)'
_entity_poly.pdbx_seq_one_letter_code
;GPHMGGSMEALIPVINKLQDVFNTVGADIIQLPQIVVVGTQSSGKSSVLESLVGRDLLPRGTGIVTRRPLILQLVHVSQE
DKRKTTGEENGVEAEEWGKFLHTKNKLYTDFDEIRQEIENETERISGNNKGVSPEPIHLKIFSPNVVNLTLVDLPGMTKV
PVGDQPKDIELQIRELILRFISNPNSIILAVTAANTDMATSEALKISREVDPDGRRTLAVITKLDLMDAGTDAMDVLMGR
VIPVKLGIIGVVNRSQLDINNKKSVTDSIRDEYAFLQKKYPSLANRNGTKYLARTLNRLLMHHIRDCLPELKTRINVLAA
QYQSLLNSYGEPVDDKSATLLQLITKFATEYCNTIEGTAKYIETSELCGGARICYIFHETFGRTLESVDPLGGLNTIDIL
TAIRNATGPRPALFVPEVSFELLVKRQIKRLEEPSLRCVELVHEEMQRIIQHCSNYSTQELLRFPKLHDAIVEVVTCLLR
KRLPVTNEMVHNLVAIELAYINTKHPDFADACGLMNNNIEEQRRNRLARELPSAVSRDKSSKVPSALAPASQEPSPAASA
EADGKLIQDSRRETKNVASGGGGVGDGVQEPTTGNWRGMLKTSKAEELLAEEKSKPIPIMPASPQKGHAVNLLDVPVPVA
RKLSAREQRDCEVIERLIKSYFLIVRKNIQDSVPKAVMHFLVNHVKDTLQSELVGQLYKSSLLDDLLTESEDMAQRRKEA
ADMLKALQGASQIIAEIRETHLW
;
_entity_poly.pdbx_strand_id   A,B,C,D
#
# COMPACT_ATOMS: atom_id res chain seq x y z
N MET A 8 -33.60 31.81 34.88
CA MET A 8 -33.81 30.35 35.12
C MET A 8 -34.94 29.82 34.24
N GLU A 9 -35.98 30.63 34.06
CA GLU A 9 -37.12 30.24 33.25
C GLU A 9 -37.10 30.85 31.85
N ALA A 10 -36.36 31.96 31.65
CA ALA A 10 -36.30 32.60 30.35
C ALA A 10 -35.28 31.96 29.41
N LEU A 11 -34.48 31.00 29.90
CA LEU A 11 -33.49 30.36 29.04
C LEU A 11 -34.14 29.38 28.07
N ILE A 12 -35.12 28.61 28.55
CA ILE A 12 -35.76 27.61 27.69
C ILE A 12 -36.45 28.25 26.50
N PRO A 13 -37.25 29.31 26.66
CA PRO A 13 -37.82 29.98 25.47
C PRO A 13 -36.76 30.46 24.49
N VAL A 14 -35.65 30.99 24.98
CA VAL A 14 -34.60 31.47 24.08
C VAL A 14 -34.00 30.30 23.30
N ILE A 15 -33.72 29.19 23.99
CA ILE A 15 -33.18 28.02 23.31
C ILE A 15 -34.15 27.51 22.27
N ASN A 16 -35.44 27.46 22.61
CA ASN A 16 -36.45 27.00 21.67
C ASN A 16 -36.53 27.89 20.44
N LYS A 17 -36.50 29.21 20.66
CA LYS A 17 -36.52 30.14 19.53
C LYS A 17 -35.29 29.98 18.64
N LEU A 18 -34.12 29.83 19.25
CA LEU A 18 -32.90 29.64 18.47
C LEU A 18 -32.99 28.35 17.65
N GLN A 19 -33.45 27.26 18.26
CA GLN A 19 -33.58 26.00 17.53
C GLN A 19 -34.57 26.13 16.39
N ASP A 20 -35.71 26.79 16.63
CA ASP A 20 -36.69 26.96 15.57
C ASP A 20 -36.14 27.79 14.43
N VAL A 21 -35.43 28.87 14.74
CA VAL A 21 -34.84 29.70 13.68
C VAL A 21 -33.82 28.91 12.88
N PHE A 22 -32.96 28.14 13.57
CA PHE A 22 -31.95 27.37 12.87
C PHE A 22 -32.59 26.30 11.98
N ASN A 23 -33.64 25.65 12.47
CA ASN A 23 -34.35 24.68 11.65
C ASN A 23 -34.99 25.34 10.44
N THR A 24 -35.56 26.53 10.63
CA THR A 24 -36.14 27.25 9.50
C THR A 24 -35.08 27.59 8.46
N VAL A 25 -33.89 27.98 8.91
CA VAL A 25 -32.79 28.24 7.99
C VAL A 25 -32.42 26.99 7.19
N GLY A 26 -32.75 25.82 7.71
CA GLY A 26 -32.47 24.57 7.03
C GLY A 26 -31.27 23.80 7.54
N ALA A 27 -30.64 24.24 8.63
CA ALA A 27 -29.49 23.57 9.21
C ALA A 27 -29.87 23.05 10.59
N ASP A 28 -29.68 21.74 10.79
CA ASP A 28 -29.94 21.10 12.08
C ASP A 28 -28.66 20.80 12.84
N ILE A 29 -27.54 21.37 12.41
CA ILE A 29 -26.26 21.07 13.06
C ILE A 29 -26.24 21.57 14.50
N ILE A 30 -26.90 22.71 14.76
CA ILE A 30 -26.86 23.30 16.10
C ILE A 30 -27.50 22.36 17.09
N GLN A 31 -26.85 22.16 18.23
CA GLN A 31 -27.35 21.31 19.31
C GLN A 31 -27.45 22.13 20.58
N LEU A 32 -28.63 22.14 21.19
CA LEU A 32 -28.88 22.84 22.43
C LEU A 32 -29.71 21.95 23.33
N PRO A 33 -29.70 22.20 24.64
CA PRO A 33 -30.43 21.32 25.56
C PRO A 33 -31.91 21.25 25.20
N GLN A 34 -32.46 20.04 25.29
CA GLN A 34 -33.87 19.79 24.99
C GLN A 34 -34.17 18.36 25.42
N ILE A 35 -35.40 17.92 25.13
CA ILE A 35 -35.84 16.56 25.42
C ILE A 35 -36.49 15.99 24.16
N VAL A 36 -36.13 14.76 23.81
CA VAL A 36 -36.65 14.09 22.63
C VAL A 36 -37.40 12.85 23.08
N VAL A 37 -38.63 12.70 22.60
CA VAL A 37 -39.47 11.57 22.96
C VAL A 37 -39.27 10.46 21.92
N VAL A 38 -38.86 9.29 22.39
CA VAL A 38 -38.62 8.13 21.53
C VAL A 38 -39.49 6.99 22.04
N GLY A 39 -40.23 6.37 21.13
CA GLY A 39 -41.10 5.27 21.52
C GLY A 39 -41.72 4.64 20.30
N THR A 40 -42.62 3.69 20.55
CA THR A 40 -43.34 2.96 19.52
C THR A 40 -44.82 3.29 19.60
N GLN A 41 -45.46 3.34 18.43
CA GLN A 41 -46.89 3.65 18.38
C GLN A 41 -47.68 2.60 19.15
N SER A 42 -48.73 3.04 19.82
CA SER A 42 -49.61 2.25 20.69
C SER A 42 -48.97 1.98 22.05
N SER A 43 -47.80 2.55 22.33
CA SER A 43 -47.14 2.37 23.62
C SER A 43 -47.52 3.45 24.63
N GLY A 44 -48.40 4.37 24.27
CA GLY A 44 -48.82 5.43 25.15
C GLY A 44 -48.14 6.75 24.94
N LYS A 45 -47.16 6.83 24.03
CA LYS A 45 -46.48 8.10 23.78
C LYS A 45 -47.45 9.15 23.25
N SER A 46 -48.33 8.76 22.33
CA SER A 46 -49.29 9.71 21.77
C SER A 46 -50.23 10.23 22.85
N SER A 47 -50.69 9.36 23.74
CA SER A 47 -51.62 9.78 24.78
C SER A 47 -50.97 10.79 25.71
N VAL A 48 -49.73 10.53 26.14
CA VAL A 48 -49.07 11.45 27.06
C VAL A 48 -48.74 12.76 26.35
N LEU A 49 -48.36 12.69 25.07
CA LEU A 49 -48.10 13.92 24.32
C LEU A 49 -49.36 14.77 24.21
N GLU A 50 -50.50 14.13 23.92
CA GLU A 50 -51.76 14.87 23.85
C GLU A 50 -52.12 15.46 25.21
N SER A 51 -51.92 14.70 26.28
CA SER A 51 -52.22 15.21 27.62
C SER A 51 -51.38 16.43 27.95
N LEU A 52 -50.08 16.37 27.62
CA LEU A 52 -49.21 17.53 27.85
C LEU A 52 -49.65 18.71 27.00
N VAL A 53 -50.00 18.46 25.74
CA VAL A 53 -50.47 19.55 24.87
C VAL A 53 -51.77 20.13 25.42
N GLY A 54 -52.65 19.28 25.95
CA GLY A 54 -53.92 19.69 26.49
C GLY A 54 -55.09 19.47 25.56
N ARG A 55 -54.84 19.23 24.28
CA ARG A 55 -55.90 18.98 23.30
C ARG A 55 -55.42 17.92 22.31
N ASP A 56 -56.38 17.22 21.71
CA ASP A 56 -56.04 16.19 20.74
C ASP A 56 -55.53 16.82 19.45
N LEU A 57 -54.39 16.31 18.97
CA LEU A 57 -53.80 16.82 17.74
C LEU A 57 -53.25 15.70 16.86
N LEU A 58 -53.64 14.46 17.11
CA LEU A 58 -53.17 13.29 16.36
C LEU A 58 -54.37 12.46 15.94
N PRO A 59 -54.22 11.66 14.89
CA PRO A 59 -55.35 10.83 14.45
C PRO A 59 -55.83 9.89 15.55
N ARG A 60 -57.14 9.72 15.63
CA ARG A 60 -57.75 8.83 16.61
C ARG A 60 -57.78 7.40 16.09
N GLY A 61 -58.20 6.49 16.97
CA GLY A 61 -58.27 5.09 16.59
C GLY A 61 -56.89 4.48 16.43
N THR A 62 -56.81 3.44 15.60
CA THR A 62 -55.57 2.73 15.34
C THR A 62 -55.01 3.17 14.00
N GLY A 63 -53.75 3.61 14.00
CA GLY A 63 -53.11 4.06 12.80
C GLY A 63 -51.87 4.87 13.12
N ILE A 64 -51.26 5.39 12.04
CA ILE A 64 -50.06 6.20 12.20
C ILE A 64 -50.42 7.50 12.91
N VAL A 65 -49.65 7.84 13.93
CA VAL A 65 -49.91 9.06 14.71
C VAL A 65 -49.21 10.26 14.11
N THR A 66 -47.98 10.09 13.61
CA THR A 66 -47.23 11.19 13.03
C THR A 66 -46.37 10.66 11.90
N ARG A 67 -45.99 11.55 10.98
CA ARG A 67 -45.16 11.22 9.84
C ARG A 67 -43.82 11.93 9.83
N ARG A 68 -43.69 13.06 10.51
CA ARG A 68 -42.46 13.83 10.59
C ARG A 68 -42.20 14.24 12.03
N PRO A 69 -40.96 14.49 12.39
CA PRO A 69 -40.66 14.92 13.77
C PRO A 69 -41.29 16.27 14.07
N LEU A 70 -42.18 16.29 15.07
CA LEU A 70 -42.87 17.50 15.49
C LEU A 70 -42.11 18.09 16.68
N ILE A 71 -41.65 19.33 16.53
CA ILE A 71 -40.85 19.99 17.56
C ILE A 71 -41.83 20.76 18.45
N LEU A 72 -42.19 20.16 19.58
CA LEU A 72 -43.13 20.75 20.51
C LEU A 72 -42.41 21.71 21.46
N GLN A 73 -42.93 22.93 21.57
CA GLN A 73 -42.36 23.97 22.41
C GLN A 73 -43.45 24.43 23.39
N LEU A 74 -43.50 23.81 24.56
CA LEU A 74 -44.43 24.22 25.60
C LEU A 74 -43.92 25.48 26.28
N VAL A 75 -44.80 26.46 26.45
CA VAL A 75 -44.46 27.74 27.06
C VAL A 75 -45.34 27.93 28.29
N HIS A 76 -44.71 28.24 29.42
CA HIS A 76 -45.46 28.45 30.65
C HIS A 76 -46.39 29.65 30.52
N VAL A 77 -47.63 29.48 30.97
CA VAL A 77 -48.63 30.54 30.97
C VAL A 77 -49.13 30.72 32.40
N SER A 78 -49.06 31.94 32.90
CA SER A 78 -49.49 32.26 34.25
C SER A 78 -49.77 33.76 34.32
N GLN A 79 -50.08 34.24 35.52
CA GLN A 79 -50.39 35.66 35.70
C GLN A 79 -49.25 36.56 35.26
N GLU A 80 -48.01 36.06 35.28
CA GLU A 80 -46.85 36.85 34.88
C GLU A 80 -46.31 36.48 33.51
N ASP A 81 -46.55 35.26 33.03
CA ASP A 81 -46.03 34.81 31.75
C ASP A 81 -46.93 35.17 30.58
N LYS A 82 -48.14 35.69 30.83
CA LYS A 82 -49.02 36.07 29.74
C LYS A 82 -48.42 37.21 28.90
N ARG A 83 -47.63 38.08 29.53
CA ARG A 83 -47.02 39.18 28.80
C ARG A 83 -46.09 38.67 27.71
N LYS A 84 -45.28 37.66 28.02
CA LYS A 84 -44.37 37.11 27.02
C LYS A 84 -45.14 36.50 25.85
N THR A 85 -46.20 35.75 26.16
CA THR A 85 -47.00 35.14 25.10
C THR A 85 -47.66 36.19 24.22
N THR A 86 -48.20 37.25 24.83
CA THR A 86 -48.87 38.30 24.07
C THR A 86 -47.90 39.17 23.29
N GLY A 87 -46.63 39.24 23.72
CA GLY A 87 -45.66 40.04 23.00
C GLY A 87 -45.46 39.58 21.57
N GLU A 88 -45.39 38.25 21.37
CA GLU A 88 -45.21 37.72 20.03
C GLU A 88 -46.38 38.10 19.13
N GLU A 89 -47.58 37.63 19.46
CA GLU A 89 -48.79 37.96 18.72
C GLU A 89 -49.94 38.14 19.70
N ASN A 90 -50.96 38.86 19.24
CA ASN A 90 -52.13 39.11 20.07
C ASN A 90 -52.83 37.79 20.42
N GLY A 91 -52.82 37.43 21.70
CA GLY A 91 -53.43 36.19 22.13
C GLY A 91 -54.91 36.11 21.81
N VAL A 92 -55.33 35.00 21.22
CA VAL A 92 -56.74 34.80 20.89
C VAL A 92 -57.49 34.37 22.14
N GLU A 93 -58.80 34.66 22.16
CA GLU A 93 -59.65 34.32 23.30
C GLU A 93 -59.97 32.82 23.27
N ALA A 94 -58.94 32.03 23.51
CA ALA A 94 -59.05 30.58 23.53
C ALA A 94 -58.12 30.02 24.60
N GLU A 95 -58.49 28.84 25.13
CA GLU A 95 -57.66 28.22 26.16
C GLU A 95 -56.28 27.86 25.64
N GLU A 96 -56.22 27.31 24.42
CA GLU A 96 -54.96 26.90 23.82
C GLU A 96 -55.00 27.21 22.33
N TRP A 97 -53.81 27.42 21.76
CA TRP A 97 -53.68 27.72 20.34
C TRP A 97 -52.32 27.25 19.86
N GLY A 98 -52.21 27.08 18.54
CA GLY A 98 -50.97 26.64 17.93
C GLY A 98 -50.54 27.61 16.85
N LYS A 99 -49.22 27.69 16.65
CA LYS A 99 -48.63 28.61 15.67
C LYS A 99 -47.46 27.93 14.99
N PHE A 100 -47.26 28.27 13.71
CA PHE A 100 -46.13 27.81 12.93
C PHE A 100 -45.32 29.03 12.52
N LEU A 101 -44.02 29.03 12.88
CA LEU A 101 -43.17 30.17 12.55
C LEU A 101 -42.99 30.30 11.04
N HIS A 102 -42.81 29.19 10.34
CA HIS A 102 -42.59 29.24 8.90
C HIS A 102 -43.81 29.75 8.16
N THR A 103 -45.00 29.65 8.74
CA THR A 103 -46.21 30.17 8.14
C THR A 103 -46.30 31.68 8.38
N LYS A 104 -47.48 32.25 8.16
CA LYS A 104 -47.72 33.67 8.38
C LYS A 104 -47.96 34.02 9.84
N ASN A 105 -47.65 33.11 10.77
CA ASN A 105 -47.82 33.31 12.21
C ASN A 105 -49.29 33.39 12.61
N LYS A 106 -50.20 32.92 11.77
CA LYS A 106 -51.61 32.91 12.11
C LYS A 106 -51.87 31.92 13.25
N LEU A 107 -52.71 32.33 14.19
CA LEU A 107 -53.06 31.49 15.33
C LEU A 107 -54.26 30.63 15.00
N TYR A 108 -54.11 29.32 15.16
CA TYR A 108 -55.15 28.35 14.84
C TYR A 108 -55.88 27.98 16.13
N THR A 109 -57.10 28.50 16.29
CA THR A 109 -57.88 28.19 17.49
C THR A 109 -58.22 26.70 17.55
N ASP A 110 -58.60 26.12 16.41
CA ASP A 110 -58.97 24.72 16.33
C ASP A 110 -57.77 23.90 15.85
N PHE A 111 -57.48 22.81 16.55
CA PHE A 111 -56.35 21.95 16.19
C PHE A 111 -56.59 21.19 14.89
N ASP A 112 -57.83 21.15 14.39
CA ASP A 112 -58.07 20.54 13.10
C ASP A 112 -57.36 21.30 11.99
N GLU A 113 -57.37 22.64 12.07
CA GLU A 113 -56.62 23.43 11.11
C GLU A 113 -55.13 23.17 11.21
N ILE A 114 -54.63 22.99 12.44
CA ILE A 114 -53.20 22.67 12.62
C ILE A 114 -52.88 21.34 11.97
N ARG A 115 -53.74 20.34 12.17
CA ARG A 115 -53.50 19.03 11.56
C ARG A 115 -53.53 19.12 10.04
N GLN A 116 -54.48 19.87 9.49
CA GLN A 116 -54.54 20.03 8.04
C GLN A 116 -53.31 20.72 7.50
N GLU A 117 -52.83 21.75 8.20
CA GLU A 117 -51.62 22.45 7.77
C GLU A 117 -50.41 21.52 7.83
N ILE A 118 -50.31 20.71 8.87
CA ILE A 118 -49.20 19.76 8.97
C ILE A 118 -49.25 18.75 7.83
N GLU A 119 -50.45 18.24 7.53
CA GLU A 119 -50.60 17.30 6.43
C GLU A 119 -50.20 17.93 5.10
N ASN A 120 -50.64 19.17 4.86
CA ASN A 120 -50.28 19.85 3.63
C ASN A 120 -48.77 20.07 3.53
N GLU A 121 -48.15 20.48 4.64
CA GLU A 121 -46.70 20.68 4.63
C GLU A 121 -45.97 19.39 4.35
N THR A 122 -46.40 18.29 4.97
CA THR A 122 -45.76 16.99 4.72
C THR A 122 -45.93 16.58 3.27
N GLU A 123 -47.13 16.76 2.71
CA GLU A 123 -47.37 16.38 1.32
C GLU A 123 -46.52 17.20 0.36
N ARG A 124 -46.36 18.49 0.66
CA ARG A 124 -45.62 19.37 -0.25
C ARG A 124 -44.11 19.15 -0.16
N ILE A 125 -43.55 19.29 1.06
CA ILE A 125 -42.10 19.18 1.21
C ILE A 125 -41.63 17.78 0.84
N SER A 126 -42.32 16.76 1.33
CA SER A 126 -41.95 15.37 1.08
C SER A 126 -42.61 14.78 -0.16
N GLY A 127 -43.43 15.56 -0.87
CA GLY A 127 -44.07 15.03 -2.05
C GLY A 127 -45.07 13.95 -1.71
N ASN A 128 -45.24 13.01 -2.66
CA ASN A 128 -46.18 11.91 -2.44
C ASN A 128 -45.75 11.05 -1.26
N ASN A 129 -44.44 10.77 -1.15
CA ASN A 129 -43.95 9.95 -0.06
C ASN A 129 -44.17 10.65 1.27
N LYS A 130 -44.54 9.87 2.29
CA LYS A 130 -44.80 10.38 3.63
C LYS A 130 -43.59 10.23 4.55
N GLY A 131 -42.39 10.27 3.99
CA GLY A 131 -41.19 10.13 4.79
C GLY A 131 -40.84 11.39 5.57
N VAL A 132 -39.82 11.27 6.41
CA VAL A 132 -39.38 12.38 7.24
C VAL A 132 -38.72 13.43 6.36
N SER A 133 -38.53 14.63 6.91
CA SER A 133 -37.92 15.75 6.20
C SER A 133 -36.84 16.38 7.06
N PRO A 134 -35.82 16.96 6.45
CA PRO A 134 -34.77 17.63 7.23
C PRO A 134 -35.15 19.01 7.75
N GLU A 135 -36.42 19.39 7.70
CA GLU A 135 -36.91 20.69 8.18
C GLU A 135 -38.07 20.44 9.13
N PRO A 136 -37.78 20.09 10.38
CA PRO A 136 -38.86 19.82 11.33
C PRO A 136 -39.78 21.03 11.50
N ILE A 137 -41.07 20.76 11.67
CA ILE A 137 -42.04 21.83 11.83
C ILE A 137 -41.86 22.49 13.20
N HIS A 138 -42.08 23.80 13.25
CA HIS A 138 -41.94 24.58 14.46
C HIS A 138 -43.33 24.81 15.05
N LEU A 139 -43.61 24.18 16.19
CA LEU A 139 -44.92 24.25 16.84
C LEU A 139 -44.78 24.95 18.17
N LYS A 140 -45.64 25.96 18.41
CA LYS A 140 -45.70 26.67 19.68
C LYS A 140 -47.05 26.41 20.32
N ILE A 141 -47.04 25.94 21.56
CA ILE A 141 -48.23 25.64 22.32
C ILE A 141 -48.22 26.45 23.61
N PHE A 142 -49.32 27.16 23.87
CA PHE A 142 -49.46 27.99 25.06
C PHE A 142 -50.66 27.51 25.84
N SER A 143 -50.42 26.84 26.96
CA SER A 143 -51.47 26.32 27.82
C SER A 143 -51.15 26.64 29.27
N PRO A 144 -52.17 26.84 30.11
CA PRO A 144 -51.91 27.13 31.53
C PRO A 144 -51.57 25.91 32.37
N ASN A 145 -51.74 24.71 31.84
CA ASN A 145 -51.47 23.48 32.58
C ASN A 145 -50.06 22.94 32.38
N VAL A 146 -49.22 23.67 31.64
CA VAL A 146 -47.86 23.24 31.35
C VAL A 146 -46.91 24.40 31.61
N VAL A 147 -45.62 24.07 31.71
CA VAL A 147 -44.58 25.07 31.93
C VAL A 147 -43.56 24.97 30.79
N ASN A 148 -42.53 25.82 30.84
CA ASN A 148 -41.52 25.85 29.79
C ASN A 148 -40.90 24.47 29.61
N LEU A 149 -41.15 23.85 28.46
CA LEU A 149 -40.64 22.51 28.19
C LEU A 149 -40.56 22.32 26.69
N THR A 150 -39.61 21.47 26.26
CA THR A 150 -39.40 21.17 24.86
C THR A 150 -39.48 19.67 24.65
N LEU A 151 -40.27 19.24 23.67
CA LEU A 151 -40.43 17.83 23.36
C LEU A 151 -40.44 17.64 21.86
N VAL A 152 -40.01 16.46 21.42
CA VAL A 152 -39.97 16.10 20.00
C VAL A 152 -40.76 14.80 19.82
N ASP A 153 -41.74 14.82 18.92
CA ASP A 153 -42.58 13.65 18.65
C ASP A 153 -42.10 13.03 17.34
N LEU A 154 -41.30 11.98 17.44
CA LEU A 154 -40.80 11.29 16.27
C LEU A 154 -41.91 10.45 15.65
N PRO A 155 -41.78 10.10 14.37
CA PRO A 155 -42.81 9.27 13.72
C PRO A 155 -42.96 7.93 14.42
N GLY A 156 -44.20 7.47 14.50
CA GLY A 156 -44.53 6.21 15.15
C GLY A 156 -45.11 5.22 14.15
N MET A 157 -44.77 3.95 14.32
CA MET A 157 -45.26 2.88 13.47
C MET A 157 -46.14 1.94 14.28
N THR A 158 -47.33 1.65 13.77
CA THR A 158 -48.26 0.78 14.48
C THR A 158 -47.69 -0.62 14.60
N LYS A 159 -47.82 -1.20 15.80
CA LYS A 159 -47.34 -2.56 16.02
C LYS A 159 -48.09 -3.55 15.14
N VAL A 160 -49.41 -3.40 15.04
CA VAL A 160 -50.23 -4.24 14.17
C VAL A 160 -50.37 -3.52 12.83
N PRO A 161 -49.94 -4.14 11.72
CA PRO A 161 -50.06 -3.44 10.42
C PRO A 161 -51.47 -2.98 10.13
N VAL A 162 -51.68 -1.67 10.08
CA VAL A 162 -52.98 -1.08 9.78
C VAL A 162 -52.78 0.07 8.81
N GLY A 163 -53.65 0.15 7.81
CA GLY A 163 -53.55 1.22 6.84
C GLY A 163 -52.37 1.02 5.90
N ASP A 164 -51.99 2.12 5.23
CA ASP A 164 -50.90 2.14 4.29
C ASP A 164 -49.81 3.07 4.80
N GLN A 165 -48.56 2.59 4.80
CA GLN A 165 -47.42 3.36 5.24
C GLN A 165 -46.25 3.10 4.29
N PRO A 166 -45.32 4.04 4.18
CA PRO A 166 -44.18 3.82 3.28
C PRO A 166 -43.34 2.62 3.72
N LYS A 167 -42.78 1.92 2.73
CA LYS A 167 -42.00 0.72 3.03
C LYS A 167 -40.75 1.06 3.84
N ASP A 168 -40.11 2.19 3.53
CA ASP A 168 -38.88 2.59 4.19
C ASP A 168 -39.12 3.34 5.50
N ILE A 169 -40.30 3.19 6.10
CA ILE A 169 -40.62 3.92 7.32
C ILE A 169 -39.69 3.49 8.46
N GLU A 170 -39.45 2.18 8.58
CA GLU A 170 -38.67 1.67 9.69
C GLU A 170 -37.25 2.25 9.69
N LEU A 171 -36.60 2.24 8.54
CA LEU A 171 -35.23 2.75 8.47
C LEU A 171 -35.19 4.25 8.71
N GLN A 172 -36.17 4.98 8.18
CA GLN A 172 -36.23 6.43 8.43
C GLN A 172 -36.38 6.72 9.92
N ILE A 173 -37.26 5.99 10.59
CA ILE A 173 -37.44 6.18 12.03
C ILE A 173 -36.17 5.83 12.77
N ARG A 174 -35.50 4.75 12.38
CA ARG A 174 -34.27 4.34 13.06
C ARG A 174 -33.20 5.41 12.93
N GLU A 175 -33.00 5.93 11.72
CA GLU A 175 -31.97 6.95 11.52
C GLU A 175 -32.32 8.24 12.25
N LEU A 176 -33.60 8.62 12.24
CA LEU A 176 -34.01 9.83 12.96
C LEU A 176 -33.77 9.68 14.46
N ILE A 177 -34.12 8.52 15.02
CA ILE A 177 -33.88 8.27 16.44
C ILE A 177 -32.38 8.32 16.74
N LEU A 178 -31.57 7.68 15.89
CA LEU A 178 -30.13 7.70 16.11
C LEU A 178 -29.59 9.12 16.10
N ARG A 179 -30.06 9.95 15.15
CA ARG A 179 -29.60 11.32 15.09
C ARG A 179 -30.02 12.11 16.33
N PHE A 180 -31.26 11.93 16.78
CA PHE A 180 -31.77 12.74 17.88
C PHE A 180 -31.13 12.34 19.21
N ILE A 181 -31.04 11.04 19.49
CA ILE A 181 -30.57 10.60 20.80
C ILE A 181 -29.11 10.92 21.00
N SER A 182 -28.30 10.80 19.95
CA SER A 182 -26.85 10.93 20.09
C SER A 182 -26.42 12.30 20.58
N ASN A 183 -27.27 13.31 20.44
CA ASN A 183 -26.89 14.66 20.85
C ASN A 183 -26.75 14.71 22.37
N PRO A 184 -25.58 15.03 22.91
CA PRO A 184 -25.44 15.07 24.38
C PRO A 184 -26.33 16.12 25.04
N ASN A 185 -26.57 17.24 24.37
CA ASN A 185 -27.37 18.30 24.98
C ASN A 185 -28.80 17.83 25.23
N SER A 186 -29.37 17.09 24.29
CA SER A 186 -30.75 16.63 24.40
C SER A 186 -30.81 15.32 25.18
N ILE A 187 -31.63 15.29 26.21
CA ILE A 187 -31.82 14.07 27.00
C ILE A 187 -32.75 13.13 26.23
N ILE A 188 -32.55 11.83 26.42
CA ILE A 188 -33.33 10.81 25.75
C ILE A 188 -34.51 10.45 26.63
N LEU A 189 -35.72 10.64 26.11
CA LEU A 189 -36.95 10.27 26.80
C LEU A 189 -37.52 9.04 26.10
N ALA A 190 -37.41 7.89 26.76
CA ALA A 190 -37.88 6.63 26.20
C ALA A 190 -39.27 6.32 26.73
N VAL A 191 -40.22 6.16 25.82
CA VAL A 191 -41.60 5.84 26.18
C VAL A 191 -41.72 4.32 26.23
N THR A 192 -41.90 3.78 27.43
CA THR A 192 -42.03 2.35 27.65
C THR A 192 -43.42 2.03 28.16
N ALA A 193 -44.12 1.13 27.47
CA ALA A 193 -45.46 0.74 27.89
C ALA A 193 -45.41 0.01 29.21
N ALA A 194 -46.35 0.35 30.11
CA ALA A 194 -46.43 -0.28 31.42
C ALA A 194 -45.15 -0.04 32.22
N ASN A 195 -45.09 -0.62 33.41
CA ASN A 195 -43.96 -0.43 34.32
C ASN A 195 -42.81 -1.39 34.06
N THR A 196 -42.69 -1.90 32.83
CA THR A 196 -41.65 -2.87 32.53
C THR A 196 -40.27 -2.23 32.68
N ASP A 197 -39.27 -3.09 32.90
CA ASP A 197 -37.90 -2.63 33.06
C ASP A 197 -37.49 -1.81 31.84
N MET A 198 -37.19 -0.53 32.05
CA MET A 198 -36.76 0.33 30.96
C MET A 198 -35.44 -0.13 30.35
N ALA A 199 -34.67 -0.95 31.08
CA ALA A 199 -33.39 -1.43 30.55
C ALA A 199 -33.61 -2.24 29.27
N THR A 200 -34.65 -3.07 29.24
CA THR A 200 -34.95 -3.89 28.08
C THR A 200 -35.73 -3.14 27.01
N SER A 201 -36.11 -1.87 27.27
CA SER A 201 -36.86 -1.11 26.29
C SER A 201 -36.04 -0.94 25.01
N GLU A 202 -36.72 -1.01 23.87
CA GLU A 202 -36.03 -0.88 22.59
C GLU A 202 -35.38 0.49 22.45
N ALA A 203 -36.09 1.55 22.86
CA ALA A 203 -35.54 2.90 22.76
C ALA A 203 -34.29 3.03 23.65
N LEU A 204 -34.40 2.60 24.91
CA LEU A 204 -33.24 2.65 25.78
C LEU A 204 -32.14 1.71 25.31
N LYS A 205 -32.53 0.56 24.74
CA LYS A 205 -31.52 -0.38 24.23
C LYS A 205 -30.70 0.27 23.12
N ILE A 206 -31.36 0.93 22.17
CA ILE A 206 -30.63 1.58 21.08
C ILE A 206 -29.84 2.78 21.60
N SER A 207 -30.40 3.50 22.58
CA SER A 207 -29.70 4.65 23.15
C SER A 207 -28.40 4.22 23.84
N ARG A 208 -28.41 3.06 24.50
CA ARG A 208 -27.22 2.60 25.18
C ARG A 208 -26.04 2.45 24.24
N GLU A 209 -26.31 2.23 22.94
CA GLU A 209 -25.22 2.11 21.98
C GLU A 209 -24.40 3.39 21.90
N VAL A 210 -25.08 4.55 21.88
CA VAL A 210 -24.38 5.83 21.84
C VAL A 210 -24.16 6.42 23.23
N ASP A 211 -24.82 5.89 24.26
CA ASP A 211 -24.69 6.38 25.63
C ASP A 211 -24.44 5.19 26.55
N PRO A 212 -23.26 4.59 26.46
CA PRO A 212 -22.96 3.43 27.33
C PRO A 212 -23.05 3.76 28.81
N ASP A 213 -22.66 4.97 29.22
CA ASP A 213 -22.72 5.34 30.63
C ASP A 213 -24.16 5.57 31.10
N GLY A 214 -25.07 5.89 30.20
CA GLY A 214 -26.45 6.13 30.59
C GLY A 214 -26.62 7.31 31.52
N ARG A 215 -25.82 8.36 31.34
CA ARG A 215 -25.91 9.56 32.16
C ARG A 215 -26.90 10.58 31.61
N ARG A 216 -27.45 10.35 30.43
CA ARG A 216 -28.40 11.29 29.83
C ARG A 216 -29.58 10.56 29.18
N THR A 217 -29.95 9.40 29.72
CA THR A 217 -31.07 8.60 29.22
C THR A 217 -32.17 8.58 30.27
N LEU A 218 -33.38 8.90 29.85
CA LEU A 218 -34.54 8.95 30.73
C LEU A 218 -35.66 8.07 30.17
N ALA A 219 -36.32 7.33 31.05
CA ALA A 219 -37.44 6.47 30.69
C ALA A 219 -38.69 6.94 31.41
N VAL A 220 -39.78 7.07 30.67
CA VAL A 220 -41.07 7.52 31.21
C VAL A 220 -42.08 6.41 31.01
N ILE A 221 -42.78 6.05 32.08
CA ILE A 221 -43.77 4.98 32.02
C ILE A 221 -45.08 5.53 31.47
N THR A 222 -45.75 4.73 30.65
CA THR A 222 -47.02 5.11 30.06
C THR A 222 -48.04 4.00 30.28
N LYS A 223 -49.32 4.39 30.24
CA LYS A 223 -50.43 3.45 30.42
C LYS A 223 -50.36 2.77 31.78
N LEU A 224 -50.43 3.58 32.83
CA LEU A 224 -50.46 3.08 34.20
C LEU A 224 -51.86 2.69 34.66
N ASP A 225 -52.87 2.87 33.81
CA ASP A 225 -54.23 2.45 34.17
C ASP A 225 -54.32 0.95 34.41
N LEU A 226 -53.36 0.18 33.91
CA LEU A 226 -53.33 -1.26 34.10
C LEU A 226 -52.61 -1.68 35.36
N MET A 227 -52.18 -0.73 36.18
CA MET A 227 -51.46 -1.06 37.41
C MET A 227 -52.30 -1.98 38.28
N ASP A 228 -51.65 -3.04 38.79
CA ASP A 228 -52.31 -4.03 39.63
C ASP A 228 -51.34 -4.42 40.74
N ALA A 229 -51.69 -5.47 41.47
CA ALA A 229 -50.84 -5.95 42.56
C ALA A 229 -49.62 -6.68 41.99
N GLY A 230 -48.80 -7.19 42.89
CA GLY A 230 -47.60 -7.92 42.50
C GLY A 230 -46.36 -7.04 42.52
N THR A 231 -45.43 -7.30 41.61
CA THR A 231 -44.18 -6.54 41.53
C THR A 231 -44.49 -5.20 40.87
N ASP A 232 -44.59 -4.15 41.69
CA ASP A 232 -44.89 -2.82 41.19
C ASP A 232 -43.61 -2.18 40.64
N ALA A 233 -43.67 -0.88 40.35
CA ALA A 233 -42.53 -0.15 39.81
C ALA A 233 -41.52 0.24 40.88
N MET A 234 -41.68 -0.23 42.11
CA MET A 234 -40.75 0.13 43.17
C MET A 234 -39.34 -0.34 42.84
N ASP A 235 -39.20 -1.56 42.31
CA ASP A 235 -37.88 -2.06 41.95
C ASP A 235 -37.25 -1.20 40.87
N VAL A 236 -38.03 -0.78 39.88
CA VAL A 236 -37.49 0.07 38.81
C VAL A 236 -37.02 1.40 39.38
N LEU A 237 -37.82 1.99 40.27
CA LEU A 237 -37.43 3.26 40.87
C LEU A 237 -36.15 3.12 41.70
N MET A 238 -36.04 2.02 42.45
CA MET A 238 -34.85 1.79 43.26
C MET A 238 -33.62 1.45 42.44
N GLY A 239 -33.78 1.20 41.14
CA GLY A 239 -32.64 0.88 40.30
C GLY A 239 -32.10 -0.51 40.48
N ARG A 240 -32.91 -1.45 40.98
CA ARG A 240 -32.43 -2.81 41.17
C ARG A 240 -32.02 -3.44 39.85
N VAL A 241 -32.82 -3.24 38.80
CA VAL A 241 -32.49 -3.80 37.49
C VAL A 241 -31.19 -3.19 36.97
N ILE A 242 -31.06 -1.87 37.10
CA ILE A 242 -29.84 -1.17 36.67
C ILE A 242 -29.89 0.24 37.25
N PRO A 243 -28.79 0.74 37.83
CA PRO A 243 -28.82 2.10 38.40
C PRO A 243 -28.86 3.15 37.31
N VAL A 244 -29.83 4.06 37.42
CA VAL A 244 -29.99 5.16 36.48
C VAL A 244 -30.04 6.46 37.27
N LYS A 245 -29.22 7.43 36.87
CA LYS A 245 -29.17 8.70 37.59
C LYS A 245 -30.49 9.44 37.52
N LEU A 246 -31.12 9.45 36.35
CA LEU A 246 -32.35 10.22 36.16
C LEU A 246 -33.60 9.52 36.69
N GLY A 247 -33.52 8.24 36.98
CA GLY A 247 -34.67 7.54 37.53
C GLY A 247 -35.76 7.32 36.48
N ILE A 248 -36.92 6.92 36.99
CA ILE A 248 -38.09 6.64 36.17
C ILE A 248 -39.28 7.40 36.74
N ILE A 249 -40.08 8.00 35.86
CA ILE A 249 -41.25 8.77 36.24
C ILE A 249 -42.49 8.05 35.73
N GLY A 250 -43.50 7.91 36.60
CA GLY A 250 -44.74 7.27 36.23
C GLY A 250 -45.77 8.27 35.72
N VAL A 251 -46.41 7.92 34.61
CA VAL A 251 -47.43 8.76 33.99
C VAL A 251 -48.61 7.88 33.62
N VAL A 252 -49.82 8.37 33.89
CA VAL A 252 -51.07 7.65 33.59
C VAL A 252 -51.66 8.21 32.32
N ASN A 253 -52.06 7.33 31.40
CA ASN A 253 -52.64 7.71 30.13
C ASN A 253 -53.97 7.00 29.94
N ARG A 254 -54.69 7.42 28.90
CA ARG A 254 -56.00 6.85 28.62
C ARG A 254 -55.88 5.39 28.20
N SER A 255 -56.92 4.62 28.50
CA SER A 255 -56.97 3.21 28.10
C SER A 255 -57.35 3.10 26.62
N GLN A 256 -57.27 1.87 26.11
CA GLN A 256 -57.61 1.64 24.71
C GLN A 256 -59.06 2.01 24.43
N LEU A 257 -59.99 1.61 25.31
CA LEU A 257 -61.38 1.97 25.14
C LEU A 257 -61.57 3.48 25.20
N ASP A 258 -60.90 4.13 26.16
CA ASP A 258 -61.01 5.59 26.28
C ASP A 258 -60.47 6.28 25.03
N ILE A 259 -59.35 5.80 24.50
CA ILE A 259 -58.78 6.38 23.29
C ILE A 259 -59.76 6.21 22.12
N ASN A 260 -60.34 5.01 22.00
CA ASN A 260 -61.31 4.76 20.93
C ASN A 260 -62.54 5.65 21.06
N ASN A 261 -62.84 6.12 22.26
CA ASN A 261 -64.00 6.98 22.49
C ASN A 261 -63.70 8.46 22.27
N LYS A 262 -62.46 8.80 21.92
CA LYS A 262 -62.07 10.20 21.69
C LYS A 262 -62.33 11.05 22.94
N LYS A 263 -62.01 10.50 24.10
CA LYS A 263 -62.20 11.23 25.35
C LYS A 263 -61.33 12.48 25.38
N SER A 264 -61.87 13.55 25.97
CA SER A 264 -61.14 14.80 26.05
C SER A 264 -59.98 14.69 27.03
N VAL A 265 -59.02 15.61 26.88
CA VAL A 265 -57.85 15.60 27.75
C VAL A 265 -58.24 15.87 29.20
N THR A 266 -59.25 16.73 29.41
CA THR A 266 -59.69 17.01 30.77
C THR A 266 -60.25 15.74 31.43
N ASP A 267 -61.01 14.95 30.67
CA ASP A 267 -61.51 13.69 31.21
C ASP A 267 -60.36 12.75 31.56
N SER A 268 -59.34 12.70 30.71
CA SER A 268 -58.18 11.86 31.01
C SER A 268 -57.48 12.33 32.28
N ILE A 269 -57.35 13.64 32.46
CA ILE A 269 -56.71 14.17 33.67
C ILE A 269 -57.52 13.81 34.90
N ARG A 270 -58.86 13.96 34.82
CA ARG A 270 -59.70 13.61 35.95
C ARG A 270 -59.58 12.12 36.28
N ASP A 271 -59.57 11.27 35.25
CA ASP A 271 -59.42 9.83 35.48
C ASP A 271 -58.07 9.52 36.12
N GLU A 272 -57.01 10.18 35.66
CA GLU A 272 -55.69 9.98 36.25
C GLU A 272 -55.68 10.39 37.72
N TYR A 273 -56.27 11.53 38.04
CA TYR A 273 -56.31 11.97 39.43
C TYR A 273 -57.11 10.99 40.28
N ALA A 274 -58.24 10.52 39.78
CA ALA A 274 -59.05 9.56 40.54
C ALA A 274 -58.29 8.27 40.77
N PHE A 275 -57.59 7.76 39.74
CA PHE A 275 -56.83 6.54 39.89
C PHE A 275 -55.70 6.71 40.89
N LEU A 276 -55.00 7.85 40.83
CA LEU A 276 -53.91 8.10 41.77
C LEU A 276 -54.45 8.18 43.20
N GLN A 277 -55.59 8.85 43.40
CA GLN A 277 -56.17 8.93 44.73
C GLN A 277 -56.60 7.57 45.24
N LYS A 278 -57.17 6.74 44.36
CA LYS A 278 -57.69 5.45 44.79
C LYS A 278 -56.60 4.38 44.82
N LYS A 279 -55.74 4.32 43.80
CA LYS A 279 -54.75 3.27 43.72
C LYS A 279 -53.56 3.56 44.64
N TYR A 280 -52.85 4.65 44.39
CA TYR A 280 -51.67 4.97 45.17
C TYR A 280 -52.09 5.67 46.47
N PRO A 281 -51.75 5.12 47.64
CA PRO A 281 -52.13 5.79 48.89
C PRO A 281 -51.19 6.91 49.27
N SER A 282 -49.92 6.81 48.85
CA SER A 282 -48.91 7.80 49.16
C SER A 282 -48.09 8.25 47.97
N LEU A 283 -48.10 7.50 46.86
CA LEU A 283 -47.31 7.85 45.68
C LEU A 283 -48.11 8.67 44.67
N ALA A 284 -49.34 9.07 45.02
CA ALA A 284 -50.14 9.85 44.09
C ALA A 284 -49.48 11.19 43.77
N ASN A 285 -48.88 11.83 44.77
CA ASN A 285 -48.25 13.13 44.55
C ASN A 285 -47.09 13.04 43.57
N ARG A 286 -46.49 11.87 43.39
CA ARG A 286 -45.36 11.72 42.48
C ARG A 286 -45.75 11.92 41.02
N ASN A 287 -47.04 11.90 40.70
CA ASN A 287 -47.52 12.09 39.34
C ASN A 287 -48.21 13.44 39.21
N GLY A 288 -48.74 13.71 38.02
CA GLY A 288 -49.38 14.97 37.73
C GLY A 288 -48.68 15.73 36.63
N THR A 289 -49.43 16.47 35.81
CA THR A 289 -48.83 17.19 34.70
C THR A 289 -47.82 18.22 35.19
N LYS A 290 -48.23 19.08 36.14
CA LYS A 290 -47.31 20.06 36.69
C LYS A 290 -46.17 19.37 37.45
N TYR A 291 -46.50 18.35 38.24
CA TYR A 291 -45.47 17.60 38.94
C TYR A 291 -44.56 16.88 37.96
N LEU A 292 -45.12 16.36 36.88
CA LEU A 292 -44.31 15.71 35.86
C LEU A 292 -43.33 16.70 35.24
N ALA A 293 -43.78 17.91 34.93
CA ALA A 293 -42.90 18.92 34.37
C ALA A 293 -41.81 19.32 35.36
N ARG A 294 -42.18 19.46 36.64
CA ARG A 294 -41.19 19.80 37.65
C ARG A 294 -40.14 18.70 37.77
N THR A 295 -40.57 17.44 37.76
CA THR A 295 -39.63 16.33 37.84
C THR A 295 -38.72 16.29 36.62
N LEU A 296 -39.28 16.56 35.44
CA LEU A 296 -38.45 16.60 34.23
C LEU A 296 -37.41 17.70 34.32
N ASN A 297 -37.80 18.88 34.82
CA ASN A 297 -36.84 19.97 34.99
C ASN A 297 -35.77 19.59 35.99
N ARG A 298 -36.15 18.94 37.09
CA ARG A 298 -35.17 18.51 38.08
C ARG A 298 -34.19 17.50 37.49
N LEU A 299 -34.69 16.56 36.70
CA LEU A 299 -33.80 15.58 36.06
C LEU A 299 -32.89 16.25 35.05
N LEU A 300 -33.40 17.25 34.32
CA LEU A 300 -32.55 17.99 33.40
C LEU A 300 -31.44 18.71 34.14
N MET A 301 -31.76 19.34 35.27
CA MET A 301 -30.73 19.99 36.07
C MET A 301 -29.71 18.99 36.60
N HIS A 302 -30.18 17.82 37.04
CA HIS A 302 -29.27 16.79 37.52
C HIS A 302 -28.33 16.32 36.40
N HIS A 303 -28.87 16.12 35.20
CA HIS A 303 -28.04 15.72 34.07
C HIS A 303 -27.02 16.80 33.73
N ILE A 304 -27.44 18.07 33.76
CA ILE A 304 -26.50 19.16 33.50
C ILE A 304 -25.38 19.17 34.53
N ARG A 305 -25.74 19.00 35.80
CA ARG A 305 -24.72 18.96 36.84
C ARG A 305 -23.75 17.79 36.63
N ASP A 306 -24.29 16.63 36.27
CA ASP A 306 -23.44 15.46 36.06
C ASP A 306 -22.49 15.66 34.89
N CYS A 307 -22.98 16.21 33.79
CA CYS A 307 -22.23 16.29 32.54
C CYS A 307 -21.54 17.64 32.34
N LEU A 308 -21.57 18.53 33.33
CA LEU A 308 -20.92 19.83 33.19
C LEU A 308 -19.46 19.72 32.72
N PRO A 309 -18.61 18.86 33.29
CA PRO A 309 -17.22 18.80 32.82
C PRO A 309 -17.13 18.43 31.35
N GLU A 310 -17.68 17.26 30.99
CA GLU A 310 -17.57 16.78 29.61
C GLU A 310 -18.30 17.71 28.65
N LEU A 311 -19.49 18.17 29.02
CA LEU A 311 -20.24 19.06 28.15
C LEU A 311 -19.49 20.36 27.91
N LYS A 312 -18.93 20.94 28.98
CA LYS A 312 -18.18 22.18 28.83
C LYS A 312 -16.93 21.98 27.97
N THR A 313 -16.22 20.87 28.17
CA THR A 313 -15.04 20.62 27.35
C THR A 313 -15.42 20.46 25.88
N ARG A 314 -16.49 19.72 25.60
CA ARG A 314 -16.91 19.53 24.22
C ARG A 314 -17.35 20.86 23.60
N ILE A 315 -18.08 21.68 24.35
CA ILE A 315 -18.50 22.98 23.84
C ILE A 315 -17.28 23.85 23.54
N ASN A 316 -16.29 23.83 24.43
CA ASN A 316 -15.07 24.61 24.19
C ASN A 316 -14.35 24.13 22.94
N VAL A 317 -14.26 22.81 22.75
CA VAL A 317 -13.59 22.27 21.57
C VAL A 317 -14.34 22.69 20.31
N LEU A 318 -15.66 22.60 20.32
CA LEU A 318 -16.45 22.98 19.15
C LEU A 318 -16.28 24.48 18.86
N ALA A 319 -16.29 25.30 19.91
CA ALA A 319 -16.10 26.74 19.71
C ALA A 319 -14.72 27.04 19.15
N ALA A 320 -13.69 26.34 19.63
CA ALA A 320 -12.34 26.55 19.09
C ALA A 320 -12.28 26.14 17.63
N GLN A 321 -12.91 25.03 17.27
CA GLN A 321 -12.93 24.60 15.88
C GLN A 321 -13.64 25.62 15.00
N TYR A 322 -14.77 26.16 15.47
CA TYR A 322 -15.49 27.18 14.71
C TYR A 322 -14.65 28.44 14.56
N GLN A 323 -13.95 28.84 15.62
CA GLN A 323 -13.08 30.02 15.53
C GLN A 323 -11.97 29.80 14.53
N SER A 324 -11.35 28.60 14.54
CA SER A 324 -10.31 28.30 13.57
C SER A 324 -10.86 28.33 12.15
N LEU A 325 -12.06 27.78 11.94
CA LEU A 325 -12.66 27.81 10.62
C LEU A 325 -12.92 29.23 10.17
N LEU A 326 -13.43 30.09 11.07
CA LEU A 326 -13.67 31.48 10.71
C LEU A 326 -12.36 32.19 10.37
N ASN A 327 -11.31 31.93 11.15
CA ASN A 327 -10.02 32.54 10.86
C ASN A 327 -9.49 32.10 9.50
N SER A 328 -9.64 30.81 9.17
CA SER A 328 -9.20 30.32 7.87
C SER A 328 -9.99 30.98 6.76
N TYR A 329 -11.31 31.13 6.93
CA TYR A 329 -12.13 31.82 5.95
C TYR A 329 -11.75 33.29 5.89
N LYS A 336 -13.00 48.74 8.37
CA LYS A 336 -13.09 48.03 7.10
C LYS A 336 -12.98 49.01 5.93
N SER A 337 -13.71 50.13 6.04
CA SER A 337 -13.63 51.16 5.00
C SER A 337 -12.22 51.73 4.92
N ALA A 338 -11.59 51.99 6.07
CA ALA A 338 -10.22 52.49 6.06
C ALA A 338 -9.26 51.49 5.44
N THR A 339 -9.44 50.21 5.76
CA THR A 339 -8.58 49.18 5.16
C THR A 339 -8.76 49.13 3.65
N LEU A 340 -10.01 49.20 3.18
CA LEU A 340 -10.26 49.20 1.74
C LEU A 340 -9.63 50.40 1.07
N LEU A 341 -9.75 51.58 1.69
CA LEU A 341 -9.15 52.78 1.13
C LEU A 341 -7.63 52.65 1.07
N GLN A 342 -7.02 52.11 2.13
CA GLN A 342 -5.57 51.92 2.13
C GLN A 342 -5.14 50.95 1.04
N LEU A 343 -5.89 49.85 0.86
CA LEU A 343 -5.56 48.90 -0.18
C LEU A 343 -5.68 49.53 -1.56
N ILE A 344 -6.73 50.33 -1.78
CA ILE A 344 -6.90 51.00 -3.07
C ILE A 344 -5.74 51.96 -3.31
N THR A 345 -5.35 52.72 -2.29
CA THR A 345 -4.24 53.66 -2.44
C THR A 345 -2.94 52.93 -2.75
N LYS A 346 -2.70 51.80 -2.06
CA LYS A 346 -1.49 51.04 -2.33
C LYS A 346 -1.49 50.49 -3.76
N PHE A 347 -2.64 49.99 -4.22
CA PHE A 347 -2.72 49.49 -5.58
C PHE A 347 -2.46 50.60 -6.60
N ALA A 348 -3.04 51.79 -6.35
CA ALA A 348 -2.82 52.92 -7.25
C ALA A 348 -1.35 53.32 -7.26
N THR A 349 -0.70 53.34 -6.09
CA THR A 349 0.71 53.69 -6.03
C THR A 349 1.55 52.66 -6.78
N GLU A 350 1.24 51.38 -6.63
CA GLU A 350 1.98 50.35 -7.34
C GLU A 350 1.80 50.50 -8.85
N TYR A 351 0.57 50.77 -9.29
CA TYR A 351 0.33 50.97 -10.72
C TYR A 351 1.11 52.18 -11.24
N CYS A 352 1.12 53.28 -10.48
CA CYS A 352 1.87 54.46 -10.89
C CYS A 352 3.36 54.15 -10.97
N ASN A 353 3.90 53.43 -10.00
CA ASN A 353 5.31 53.08 -10.03
C ASN A 353 5.63 52.21 -11.24
N THR A 354 4.76 51.23 -11.54
CA THR A 354 4.99 50.38 -12.70
C THR A 354 4.95 51.20 -13.99
N ILE A 355 3.99 52.12 -14.11
CA ILE A 355 3.90 52.94 -15.31
C ILE A 355 5.14 53.81 -15.46
N GLU A 356 5.58 54.43 -14.36
CA GLU A 356 6.78 55.27 -14.41
C GLU A 356 8.06 54.46 -14.54
N GLY A 357 8.01 53.14 -14.39
CA GLY A 357 9.19 52.32 -14.50
C GLY A 357 10.03 52.23 -13.25
N THR A 358 9.62 52.85 -12.16
CA THR A 358 10.38 52.80 -10.91
C THR A 358 10.08 51.56 -10.08
N ALA A 359 9.09 50.76 -10.48
CA ALA A 359 8.77 49.56 -9.72
C ALA A 359 9.92 48.56 -9.75
N LYS A 360 10.12 47.86 -8.65
CA LYS A 360 11.19 46.88 -8.55
C LYS A 360 10.97 45.67 -9.45
N TYR A 361 9.75 45.47 -9.96
CA TYR A 361 9.43 44.33 -10.82
C TYR A 361 9.96 44.62 -12.22
N ILE A 362 11.25 44.36 -12.40
CA ILE A 362 11.92 44.57 -13.68
C ILE A 362 12.45 43.24 -14.19
N GLU A 363 11.74 42.16 -13.87
CA GLU A 363 12.17 40.83 -14.29
C GLU A 363 12.30 40.77 -15.81
N THR A 364 13.35 40.11 -16.28
CA THR A 364 13.63 39.98 -17.70
C THR A 364 12.85 38.85 -18.35
N SER A 365 12.08 38.07 -17.58
CA SER A 365 11.30 36.98 -18.18
C SER A 365 10.29 37.52 -19.18
N GLU A 366 9.61 38.61 -18.83
CA GLU A 366 8.65 39.25 -19.71
C GLU A 366 8.86 40.75 -19.69
N LEU A 367 8.50 41.40 -20.79
CA LEU A 367 8.67 42.85 -20.92
C LEU A 367 7.52 43.56 -20.22
N CYS A 368 7.85 44.31 -19.17
CA CYS A 368 6.86 45.00 -18.37
C CYS A 368 7.34 46.41 -18.06
N GLY A 369 6.39 47.28 -17.72
CA GLY A 369 6.71 48.65 -17.39
C GLY A 369 6.78 49.55 -18.60
N GLY A 370 7.20 50.79 -18.35
CA GLY A 370 7.30 51.78 -19.41
C GLY A 370 8.45 51.55 -20.36
N ALA A 371 9.41 50.69 -19.99
CA ALA A 371 10.51 50.38 -20.89
C ALA A 371 10.00 49.69 -22.15
N ARG A 372 9.03 48.78 -22.00
CA ARG A 372 8.46 48.12 -23.17
C ARG A 372 7.77 49.12 -24.08
N ILE A 373 7.02 50.07 -23.50
CA ILE A 373 6.33 51.08 -24.30
C ILE A 373 7.35 51.94 -25.04
N CYS A 374 8.43 52.35 -24.35
CA CYS A 374 9.46 53.15 -25.00
C CYS A 374 10.11 52.38 -26.15
N TYR A 375 10.42 51.11 -25.93
CA TYR A 375 11.02 50.30 -27.00
C TYR A 375 10.06 50.16 -28.17
N ILE A 376 8.78 49.95 -27.89
CA ILE A 376 7.79 49.86 -28.96
C ILE A 376 7.77 51.13 -29.78
N PHE A 377 7.66 52.28 -29.10
CA PHE A 377 7.63 53.56 -29.82
C PHE A 377 8.90 53.77 -30.63
N HIS A 378 10.04 53.31 -30.10
CA HIS A 378 11.30 53.56 -30.79
C HIS A 378 11.47 52.67 -32.02
N GLU A 379 10.99 51.42 -31.95
CA GLU A 379 11.28 50.44 -32.99
C GLU A 379 10.06 50.10 -33.85
N THR A 380 8.96 49.65 -33.24
CA THR A 380 7.83 49.15 -34.02
C THR A 380 7.18 50.27 -34.82
N PHE A 381 6.98 51.44 -34.20
CA PHE A 381 6.36 52.55 -34.92
C PHE A 381 7.23 52.99 -36.09
N GLY A 382 8.55 53.08 -35.87
CA GLY A 382 9.43 53.45 -36.95
C GLY A 382 9.42 52.44 -38.09
N ARG A 383 9.43 51.14 -37.75
CA ARG A 383 9.38 50.12 -38.78
C ARG A 383 8.07 50.18 -39.56
N THR A 384 6.95 50.39 -38.86
CA THR A 384 5.67 50.49 -39.54
C THR A 384 5.64 51.69 -40.47
N LEU A 385 6.19 52.83 -40.03
CA LEU A 385 6.24 54.00 -40.89
C LEU A 385 7.12 53.74 -42.11
N GLU A 386 8.27 53.08 -41.92
CA GLU A 386 9.16 52.81 -43.03
C GLU A 386 8.58 51.76 -43.99
N SER A 387 7.66 50.93 -43.51
CA SER A 387 7.09 49.90 -44.37
C SER A 387 6.37 50.50 -45.57
N VAL A 388 5.63 51.59 -45.36
CA VAL A 388 4.91 52.23 -46.44
C VAL A 388 5.89 53.09 -47.22
N ASP A 389 6.08 52.75 -48.50
CA ASP A 389 7.01 53.49 -49.34
C ASP A 389 6.48 54.89 -49.62
N PRO A 390 7.36 55.87 -49.77
CA PRO A 390 6.89 57.24 -50.06
C PRO A 390 6.17 57.36 -51.39
N LEU A 391 6.41 56.44 -52.33
CA LEU A 391 5.80 56.48 -53.66
C LEU A 391 5.16 55.15 -54.00
N GLY A 392 4.66 54.43 -53.00
CA GLY A 392 4.03 53.14 -53.25
C GLY A 392 2.77 53.28 -54.08
N GLY A 393 2.52 52.27 -54.90
CA GLY A 393 1.32 52.26 -55.72
C GLY A 393 1.29 53.36 -56.76
N LEU A 394 2.43 53.66 -57.38
CA LEU A 394 2.52 54.69 -58.40
C LEU A 394 3.30 54.15 -59.59
N ASN A 395 2.94 54.66 -60.78
CA ASN A 395 3.57 54.25 -62.02
C ASN A 395 3.88 55.48 -62.86
N THR A 396 4.88 55.34 -63.73
CA THR A 396 5.27 56.46 -64.59
C THR A 396 4.13 56.87 -65.51
N ILE A 397 3.41 55.89 -66.08
CA ILE A 397 2.30 56.21 -66.97
C ILE A 397 1.21 56.96 -66.20
N ASP A 398 0.90 56.50 -64.99
CA ASP A 398 -0.12 57.17 -64.19
C ASP A 398 0.29 58.60 -63.86
N ILE A 399 1.56 58.79 -63.49
CA ILE A 399 2.04 60.14 -63.17
C ILE A 399 1.96 61.04 -64.40
N LEU A 400 2.36 60.52 -65.55
CA LEU A 400 2.29 61.32 -66.78
C LEU A 400 0.86 61.69 -67.11
N THR A 401 -0.07 60.73 -66.98
CA THR A 401 -1.48 61.02 -67.25
C THR A 401 -2.02 62.07 -66.28
N ALA A 402 -1.66 61.96 -65.00
CA ALA A 402 -2.12 62.95 -64.03
C ALA A 402 -1.57 64.33 -64.35
N ILE A 403 -0.29 64.40 -64.72
CA ILE A 403 0.30 65.69 -65.09
C ILE A 403 -0.41 66.28 -66.31
N ARG A 404 -0.66 65.45 -67.32
CA ARG A 404 -1.34 65.93 -68.51
C ARG A 404 -2.73 66.45 -68.17
N ASN A 405 -3.49 65.72 -67.35
CA ASN A 405 -4.82 66.16 -66.98
C ASN A 405 -4.77 67.46 -66.18
N ALA A 406 -3.82 67.58 -65.25
CA ALA A 406 -3.67 68.79 -64.46
C ALA A 406 -3.15 69.96 -65.28
N THR A 407 -2.59 69.71 -66.47
CA THR A 407 -2.11 70.80 -67.31
C THR A 407 -3.24 71.75 -67.67
N GLY A 408 -4.42 71.21 -68.01
CA GLY A 408 -5.57 72.02 -68.35
C GLY A 408 -5.55 72.47 -69.80
N PRO A 409 -6.47 73.37 -70.15
CA PRO A 409 -6.53 73.83 -71.54
C PRO A 409 -5.23 74.47 -72.02
N ARG A 410 -4.50 75.15 -71.14
CA ARG A 410 -3.28 75.81 -71.55
C ARG A 410 -2.21 74.77 -71.92
N PRO A 411 -1.25 75.15 -72.77
CA PRO A 411 -0.21 74.20 -73.17
C PRO A 411 0.67 73.81 -71.98
N ALA A 412 1.20 72.59 -72.05
CA ALA A 412 2.04 72.04 -70.98
C ALA A 412 3.37 72.79 -70.98
N LEU A 413 3.52 73.72 -70.03
CA LEU A 413 4.76 74.48 -69.89
C LEU A 413 5.22 74.62 -68.45
N PHE A 414 4.45 74.13 -67.47
CA PHE A 414 4.83 74.23 -66.07
C PHE A 414 4.35 72.97 -65.35
N VAL A 415 4.99 72.69 -64.22
CA VAL A 415 4.68 71.52 -63.42
C VAL A 415 3.37 71.76 -62.69
N PRO A 416 2.35 70.91 -62.86
CA PRO A 416 1.09 71.12 -62.13
C PRO A 416 1.26 70.85 -60.64
N GLU A 417 0.41 71.51 -59.85
CA GLU A 417 0.43 71.37 -58.41
C GLU A 417 -0.70 70.49 -57.89
N VAL A 418 -1.80 70.36 -58.63
CA VAL A 418 -2.94 69.58 -58.16
C VAL A 418 -2.54 68.11 -57.99
N SER A 419 -1.80 67.57 -58.95
CA SER A 419 -1.37 66.18 -58.85
C SER A 419 -0.48 65.97 -57.63
N PHE A 420 0.45 66.89 -57.40
CA PHE A 420 1.33 66.78 -56.24
C PHE A 420 0.52 66.83 -54.94
N GLU A 421 -0.46 67.73 -54.86
CA GLU A 421 -1.28 67.82 -53.66
C GLU A 421 -2.07 66.53 -53.46
N LEU A 422 -2.64 65.98 -54.53
CA LEU A 422 -3.40 64.73 -54.40
C LEU A 422 -2.49 63.61 -53.92
N LEU A 423 -1.30 63.50 -54.51
CA LEU A 423 -0.40 62.41 -54.13
C LEU A 423 0.06 62.55 -52.68
N VAL A 424 0.41 63.75 -52.26
CA VAL A 424 0.88 63.93 -50.88
C VAL A 424 -0.25 63.70 -49.89
N LYS A 425 -1.47 64.14 -50.23
CA LYS A 425 -2.60 63.87 -49.36
C LYS A 425 -2.87 62.38 -49.25
N ARG A 426 -2.78 61.65 -50.36
CA ARG A 426 -2.96 60.20 -50.30
C ARG A 426 -1.88 59.54 -49.45
N GLN A 427 -0.63 59.98 -49.60
CA GLN A 427 0.45 59.41 -48.80
C GLN A 427 0.22 59.68 -47.32
N ILE A 428 -0.21 60.89 -46.97
CA ILE A 428 -0.46 61.22 -45.57
C ILE A 428 -1.61 60.38 -45.04
N LYS A 429 -2.68 60.22 -45.82
CA LYS A 429 -3.81 59.42 -45.38
C LYS A 429 -3.41 57.96 -45.18
N ARG A 430 -2.48 57.46 -46.00
CA ARG A 430 -2.01 56.09 -45.83
C ARG A 430 -1.31 55.88 -44.49
N LEU A 431 -0.92 56.95 -43.82
CA LEU A 431 -0.24 56.86 -42.53
C LEU A 431 -1.21 56.74 -41.36
N GLU A 432 -2.52 56.74 -41.61
CA GLU A 432 -3.49 56.62 -40.52
C GLU A 432 -3.44 55.24 -39.88
N GLU A 433 -3.35 54.19 -40.71
CA GLU A 433 -3.38 52.84 -40.16
C GLU A 433 -2.24 52.56 -39.18
N PRO A 434 -0.99 52.97 -39.44
CA PRO A 434 0.05 52.79 -38.42
C PRO A 434 -0.30 53.40 -37.08
N SER A 435 -0.97 54.56 -37.07
CA SER A 435 -1.37 55.16 -35.80
C SER A 435 -2.34 54.27 -35.04
N LEU A 436 -3.33 53.71 -35.75
CA LEU A 436 -4.27 52.80 -35.10
C LEU A 436 -3.57 51.55 -34.58
N ARG A 437 -2.64 51.01 -35.38
CA ARG A 437 -1.90 49.83 -34.93
C ARG A 437 -1.09 50.14 -33.67
N CYS A 438 -0.44 51.30 -33.64
CA CYS A 438 0.33 51.69 -32.46
C CYS A 438 -0.59 51.85 -31.24
N VAL A 439 -1.77 52.45 -31.44
CA VAL A 439 -2.70 52.62 -30.34
C VAL A 439 -3.15 51.27 -29.81
N GLU A 440 -3.46 50.33 -30.71
CA GLU A 440 -3.86 48.99 -30.28
C GLU A 440 -2.73 48.29 -29.54
N LEU A 441 -1.50 48.43 -30.02
CA LEU A 441 -0.37 47.82 -29.33
C LEU A 441 -0.19 48.42 -27.93
N VAL A 442 -0.35 49.74 -27.82
CA VAL A 442 -0.23 50.38 -26.52
C VAL A 442 -1.31 49.88 -25.58
N HIS A 443 -2.54 49.77 -26.07
CA HIS A 443 -3.64 49.28 -25.24
C HIS A 443 -3.37 47.84 -24.77
N GLU A 444 -2.90 46.98 -25.68
CA GLU A 444 -2.59 45.61 -25.30
C GLU A 444 -1.47 45.55 -24.27
N GLU A 445 -0.43 46.38 -24.45
CA GLU A 445 0.66 46.41 -23.50
C GLU A 445 0.18 46.87 -22.13
N MET A 446 -0.67 47.90 -22.10
CA MET A 446 -1.20 48.37 -20.82
C MET A 446 -2.03 47.29 -20.15
N GLN A 447 -2.87 46.58 -20.91
CA GLN A 447 -3.65 45.50 -20.34
C GLN A 447 -2.75 44.40 -19.78
N ARG A 448 -1.71 44.03 -20.52
CA ARG A 448 -0.78 43.00 -20.05
C ARG A 448 -0.08 43.45 -18.77
N ILE A 449 0.35 44.70 -18.72
CA ILE A 449 1.02 45.21 -17.52
C ILE A 449 0.07 45.19 -16.33
N ILE A 450 -1.19 45.61 -16.55
CA ILE A 450 -2.17 45.61 -15.46
C ILE A 450 -2.40 44.18 -14.96
N GLN A 451 -2.55 43.23 -15.87
CA GLN A 451 -2.76 41.85 -15.48
C GLN A 451 -1.56 41.31 -14.70
N HIS A 452 -0.35 41.60 -15.16
CA HIS A 452 0.85 41.15 -14.46
C HIS A 452 0.93 41.75 -13.06
N CYS A 453 0.61 43.04 -12.94
CA CYS A 453 0.63 43.68 -11.63
C CYS A 453 -0.38 43.04 -10.69
N SER A 454 -1.60 42.82 -11.19
CA SER A 454 -2.62 42.20 -10.37
C SER A 454 -2.22 40.80 -9.94
N ASN A 455 -1.57 40.05 -10.85
CA ASN A 455 -1.20 38.67 -10.53
C ASN A 455 -0.06 38.60 -9.52
N TYR A 456 0.98 39.42 -9.70
CA TYR A 456 2.19 39.30 -8.91
C TYR A 456 2.38 40.46 -7.95
N SER A 457 2.37 41.70 -8.43
CA SER A 457 2.65 42.84 -7.58
C SER A 457 1.53 43.11 -6.58
N THR A 458 0.36 42.52 -6.75
CA THR A 458 -0.80 42.76 -5.90
C THR A 458 -1.45 41.44 -5.50
N GLN A 459 -0.62 40.50 -5.03
CA GLN A 459 -1.16 39.21 -4.60
C GLN A 459 -2.17 39.38 -3.47
N GLU A 460 -2.07 40.47 -2.71
CA GLU A 460 -3.06 40.72 -1.67
C GLU A 460 -4.46 40.90 -2.25
N LEU A 461 -4.55 41.58 -3.40
CA LEU A 461 -5.84 41.77 -4.04
C LEU A 461 -6.45 40.43 -4.45
N LEU A 462 -5.62 39.43 -4.75
CA LEU A 462 -6.14 38.12 -5.12
C LEU A 462 -6.90 37.46 -3.97
N ARG A 463 -6.62 37.85 -2.73
CA ARG A 463 -7.35 37.28 -1.60
C ARG A 463 -8.83 37.62 -1.63
N PHE A 464 -9.21 38.66 -2.36
CA PHE A 464 -10.61 39.09 -2.49
C PHE A 464 -10.99 39.03 -3.97
N PRO A 465 -11.49 37.90 -4.45
CA PRO A 465 -11.83 37.81 -5.88
C PRO A 465 -12.81 38.87 -6.35
N LYS A 466 -13.79 39.23 -5.51
CA LYS A 466 -14.74 40.25 -5.90
C LYS A 466 -14.07 41.60 -6.10
N LEU A 467 -13.16 41.98 -5.18
CA LEU A 467 -12.46 43.24 -5.33
C LEU A 467 -11.56 43.22 -6.56
N HIS A 468 -10.90 42.09 -6.83
CA HIS A 468 -10.06 41.99 -8.02
C HIS A 468 -10.89 42.15 -9.28
N ASP A 469 -12.06 41.50 -9.34
CA ASP A 469 -12.92 41.63 -10.51
C ASP A 469 -13.42 43.06 -10.67
N ALA A 470 -13.78 43.70 -9.56
CA ALA A 470 -14.24 45.09 -9.62
C ALA A 470 -13.14 46.00 -10.17
N ILE A 471 -11.91 45.82 -9.68
CA ILE A 471 -10.80 46.64 -10.17
C ILE A 471 -10.56 46.38 -11.64
N VAL A 472 -10.60 45.11 -12.06
CA VAL A 472 -10.33 44.77 -13.45
C VAL A 472 -11.39 45.41 -14.36
N GLU A 473 -12.66 45.31 -13.98
CA GLU A 473 -13.71 45.88 -14.81
C GLU A 473 -13.62 47.41 -14.83
N VAL A 474 -13.28 48.03 -13.70
CA VAL A 474 -13.14 49.48 -13.68
C VAL A 474 -12.02 49.92 -14.61
N VAL A 475 -10.89 49.23 -14.55
CA VAL A 475 -9.76 49.58 -15.41
C VAL A 475 -10.12 49.37 -16.88
N THR A 476 -10.81 48.27 -17.18
CA THR A 476 -11.20 48.00 -18.56
C THR A 476 -12.15 49.08 -19.08
N CYS A 477 -13.12 49.49 -18.26
CA CYS A 477 -14.04 50.54 -18.68
C CYS A 477 -13.31 51.86 -18.88
N LEU A 478 -12.35 52.16 -17.99
CA LEU A 478 -11.56 53.38 -18.15
C LEU A 478 -10.79 53.35 -19.46
N LEU A 479 -10.16 52.22 -19.78
CA LEU A 479 -9.43 52.12 -21.04
C LEU A 479 -10.37 52.25 -22.24
N ARG A 480 -11.56 51.63 -22.16
CA ARG A 480 -12.51 51.72 -23.25
C ARG A 480 -12.96 53.14 -23.49
N LYS A 481 -13.24 53.89 -22.41
CA LYS A 481 -13.69 55.26 -22.57
C LYS A 481 -12.57 56.20 -22.97
N ARG A 482 -11.32 55.86 -22.62
CA ARG A 482 -10.20 56.74 -22.97
C ARG A 482 -9.68 56.49 -24.38
N LEU A 483 -9.88 55.28 -24.92
CA LEU A 483 -9.38 54.99 -26.26
C LEU A 483 -9.97 55.93 -27.31
N PRO A 484 -11.28 56.19 -27.33
CA PRO A 484 -11.79 57.18 -28.30
C PRO A 484 -11.15 58.55 -28.15
N VAL A 485 -10.83 58.97 -26.93
CA VAL A 485 -10.20 60.27 -26.73
C VAL A 485 -8.84 60.31 -27.41
N THR A 486 -8.04 59.26 -27.20
CA THR A 486 -6.73 59.20 -27.85
C THR A 486 -6.87 59.14 -29.38
N ASN A 487 -7.84 58.37 -29.87
CA ASN A 487 -8.03 58.26 -31.31
C ASN A 487 -8.39 59.61 -31.92
N GLU A 488 -9.31 60.33 -31.29
CA GLU A 488 -9.72 61.62 -31.83
C GLU A 488 -8.60 62.64 -31.71
N MET A 489 -7.81 62.59 -30.63
CA MET A 489 -6.67 63.49 -30.52
C MET A 489 -5.66 63.23 -31.63
N VAL A 490 -5.37 61.95 -31.90
CA VAL A 490 -4.43 61.62 -32.97
C VAL A 490 -4.98 62.08 -34.32
N HIS A 491 -6.28 61.86 -34.55
CA HIS A 491 -6.87 62.29 -35.82
C HIS A 491 -6.79 63.80 -35.97
N ASN A 492 -7.06 64.55 -34.91
CA ASN A 492 -6.98 66.00 -34.98
C ASN A 492 -5.54 66.45 -35.24
N LEU A 493 -4.58 65.82 -34.57
CA LEU A 493 -3.17 66.18 -34.80
C LEU A 493 -2.77 65.92 -36.24
N VAL A 494 -3.22 64.79 -36.81
CA VAL A 494 -2.91 64.47 -38.19
C VAL A 494 -3.56 65.48 -39.13
N ALA A 495 -4.82 65.83 -38.87
CA ALA A 495 -5.55 66.73 -39.76
C ALA A 495 -5.06 68.18 -39.66
N ILE A 496 -4.43 68.55 -38.54
CA ILE A 496 -3.92 69.92 -38.42
C ILE A 496 -2.89 70.21 -39.50
N GLU A 497 -1.98 69.27 -39.74
CA GLU A 497 -0.97 69.46 -40.78
C GLU A 497 -1.60 69.62 -42.14
N LEU A 498 -2.61 68.79 -42.45
CA LEU A 498 -3.28 68.89 -43.75
C LEU A 498 -4.00 70.22 -43.89
N ALA A 499 -4.66 70.68 -42.83
CA ALA A 499 -5.43 71.91 -42.92
C ALA A 499 -4.55 73.11 -43.22
N TYR A 500 -3.40 73.20 -42.56
CA TYR A 500 -2.47 74.31 -42.74
C TYR A 500 -1.19 73.77 -43.38
N ILE A 501 -0.91 74.22 -44.61
CA ILE A 501 0.28 73.82 -45.34
C ILE A 501 1.29 74.94 -45.24
N ASN A 502 2.50 74.62 -44.77
CA ASN A 502 3.57 75.59 -44.59
C ASN A 502 4.48 75.52 -45.82
N THR A 503 4.22 76.38 -46.79
CA THR A 503 5.03 76.45 -48.00
C THR A 503 6.32 77.25 -47.80
N LYS A 504 6.46 77.94 -46.67
CA LYS A 504 7.65 78.73 -46.39
C LYS A 504 8.70 77.96 -45.59
N HIS A 505 8.48 76.68 -45.35
CA HIS A 505 9.43 75.89 -44.57
C HIS A 505 10.77 75.87 -45.29
N PRO A 506 11.89 76.07 -44.58
CA PRO A 506 13.18 76.13 -45.27
C PRO A 506 13.54 74.84 -46.00
N ASP A 507 13.03 73.69 -45.55
CA ASP A 507 13.35 72.43 -46.20
C ASP A 507 12.88 72.42 -47.65
N PHE A 508 11.66 72.90 -47.90
CA PHE A 508 11.14 72.94 -49.26
C PHE A 508 11.97 73.84 -50.14
N ALA A 509 12.36 75.02 -49.63
CA ALA A 509 13.18 75.93 -50.41
C ALA A 509 14.54 75.32 -50.73
N ASP A 510 15.15 74.65 -49.73
CA ASP A 510 16.43 74.00 -49.97
C ASP A 510 16.31 72.89 -51.01
N ALA A 511 15.24 72.10 -50.93
CA ALA A 511 15.04 71.04 -51.91
C ALA A 511 14.86 71.61 -53.31
N CYS A 512 14.08 72.68 -53.44
CA CYS A 512 13.89 73.31 -54.75
C CYS A 512 15.21 73.86 -55.28
N GLY A 513 16.00 74.50 -54.42
CA GLY A 513 17.29 75.00 -54.86
C GLY A 513 18.21 73.90 -55.32
N LEU A 514 18.26 72.79 -54.58
CA LEU A 514 19.09 71.66 -54.98
C LEU A 514 18.62 71.09 -56.30
N MET A 515 17.31 70.97 -56.50
CA MET A 515 16.78 70.45 -57.76
C MET A 515 17.15 71.37 -58.91
N ASN A 516 17.05 72.68 -58.72
CA ASN A 516 17.43 73.61 -59.77
C ASN A 516 18.91 73.53 -60.08
N ASN A 517 19.75 73.41 -59.04
CA ASN A 517 21.19 73.37 -59.24
C ASN A 517 21.66 72.03 -59.79
N ASN A 518 20.85 70.98 -59.70
CA ASN A 518 21.24 69.69 -60.24
C ASN A 518 21.47 69.77 -61.75
N ILE A 519 20.60 70.49 -62.47
CA ILE A 519 20.75 70.62 -63.91
C ILE A 519 22.05 71.34 -64.23
N GLU A 520 22.35 72.42 -63.50
CA GLU A 520 23.60 73.14 -63.74
C GLU A 520 24.81 72.26 -63.45
N GLU A 521 24.75 71.48 -62.37
CA GLU A 521 25.86 70.58 -62.05
C GLU A 521 26.05 69.54 -63.13
N GLN A 522 24.96 68.96 -63.64
CA GLN A 522 25.06 67.99 -64.72
C GLN A 522 25.66 68.61 -65.98
N ARG A 523 25.23 69.83 -66.32
CA ARG A 523 25.78 70.50 -67.49
C ARG A 523 27.27 70.76 -67.31
N ARG A 524 27.67 71.22 -66.12
CA ARG A 524 29.09 71.46 -65.87
C ARG A 524 29.89 70.17 -65.97
N ASN A 525 29.37 69.07 -65.43
CA ASN A 525 30.07 67.79 -65.53
C ASN A 525 30.20 67.36 -66.98
N ARG A 526 29.13 67.52 -67.77
CA ARG A 526 29.19 67.16 -69.18
C ARG A 526 30.21 67.99 -69.93
N LEU A 527 30.27 69.29 -69.64
CA LEU A 527 31.16 70.21 -70.34
C LEU A 527 32.56 70.24 -69.75
N ALA A 528 32.82 69.49 -68.68
CA ALA A 528 34.15 69.48 -68.05
C ALA A 528 34.72 68.07 -68.00
N ARG A 529 34.62 67.33 -69.10
CA ARG A 529 35.15 65.97 -69.16
C ARG A 529 35.66 65.73 -70.57
N GLU A 530 36.96 65.89 -70.77
CA GLU A 530 37.63 65.60 -72.04
C GLU A 530 36.96 66.37 -73.19
N LEU A 531 37.06 67.70 -73.11
CA LEU A 531 36.53 68.53 -74.18
C LEU A 531 37.35 68.35 -75.45
N PRO A 532 36.74 68.54 -76.63
CA PRO A 532 37.46 68.37 -77.90
C PRO A 532 38.50 69.45 -78.14
N LEU A 632 37.81 67.83 -85.53
CA LEU A 632 36.73 66.94 -85.93
C LEU A 632 35.41 67.41 -85.34
N LEU A 633 35.37 67.58 -84.01
CA LEU A 633 34.18 68.04 -83.31
C LEU A 633 34.45 69.32 -82.54
N ASP A 634 35.40 70.13 -83.03
CA ASP A 634 35.75 71.40 -82.38
C ASP A 634 34.79 72.49 -82.85
N VAL A 635 33.54 72.36 -82.42
CA VAL A 635 32.50 73.32 -82.77
C VAL A 635 31.81 73.78 -81.49
N PRO A 636 31.50 75.07 -81.34
CA PRO A 636 30.83 75.54 -80.13
C PRO A 636 29.33 75.23 -80.18
N VAL A 637 28.62 75.68 -79.15
CA VAL A 637 27.18 75.49 -79.06
C VAL A 637 26.89 73.99 -79.08
N PRO A 638 27.27 73.23 -78.05
CA PRO A 638 26.99 71.80 -78.06
C PRO A 638 25.50 71.51 -78.06
N VAL A 639 25.12 70.40 -78.69
CA VAL A 639 23.73 69.99 -78.80
C VAL A 639 23.39 69.09 -77.62
N ALA A 640 24.30 68.98 -76.66
CA ALA A 640 24.06 68.13 -75.50
C ALA A 640 22.89 68.61 -74.66
N ARG A 641 22.53 69.89 -74.77
CA ARG A 641 21.41 70.41 -73.98
C ARG A 641 20.10 69.70 -74.34
N LYS A 642 19.86 69.47 -75.63
CA LYS A 642 18.66 68.79 -76.09
C LYS A 642 17.40 69.55 -75.66
N LEU A 643 16.24 69.05 -76.06
CA LEU A 643 14.96 69.65 -75.70
C LEU A 643 13.94 68.67 -75.17
N SER A 644 14.09 67.37 -75.44
CA SER A 644 13.13 66.38 -74.97
C SER A 644 13.42 66.05 -73.50
N ALA A 645 12.77 65.00 -72.99
CA ALA A 645 12.91 64.52 -71.61
C ALA A 645 12.34 65.50 -70.60
N ARG A 646 11.60 66.52 -71.03
CA ARG A 646 11.00 67.45 -70.09
C ARG A 646 10.00 66.75 -69.17
N GLU A 647 9.18 65.86 -69.75
CA GLU A 647 8.21 65.13 -68.94
C GLU A 647 8.90 64.25 -67.91
N GLN A 648 9.98 63.58 -68.30
CA GLN A 648 10.72 62.74 -67.36
C GLN A 648 11.30 63.58 -66.23
N ARG A 649 11.87 64.74 -66.56
CA ARG A 649 12.43 65.61 -65.54
C ARG A 649 11.34 66.09 -64.58
N ASP A 650 10.18 66.47 -65.12
CA ASP A 650 9.08 66.91 -64.27
C ASP A 650 8.61 65.79 -63.35
N CYS A 651 8.50 64.57 -63.88
CA CYS A 651 8.09 63.44 -63.07
C CYS A 651 9.10 63.17 -61.96
N GLU A 652 10.39 63.22 -62.29
CA GLU A 652 11.42 63.02 -61.27
C GLU A 652 11.36 64.08 -60.19
N VAL A 653 11.16 65.35 -60.59
CA VAL A 653 11.06 66.43 -59.62
C VAL A 653 9.85 66.21 -58.71
N ILE A 654 8.71 65.84 -59.29
CA ILE A 654 7.52 65.60 -58.49
C ILE A 654 7.76 64.46 -57.51
N GLU A 655 8.39 63.38 -57.97
CA GLU A 655 8.65 62.24 -57.08
C GLU A 655 9.58 62.65 -55.95
N ARG A 656 10.63 63.41 -56.25
CA ARG A 656 11.55 63.84 -55.21
C ARG A 656 10.85 64.73 -54.19
N LEU A 657 10.01 65.66 -54.66
CA LEU A 657 9.28 66.53 -53.74
C LEU A 657 8.33 65.72 -52.87
N ILE A 658 7.64 64.75 -53.46
CA ILE A 658 6.72 63.91 -52.69
C ILE A 658 7.48 63.13 -51.63
N LYS A 659 8.63 62.56 -52.00
CA LYS A 659 9.42 61.80 -51.04
C LYS A 659 9.91 62.69 -49.90
N SER A 660 10.38 63.90 -50.22
CA SER A 660 10.84 64.81 -49.19
C SER A 660 9.71 65.20 -48.25
N TYR A 661 8.53 65.51 -48.80
CA TYR A 661 7.41 65.88 -47.96
C TYR A 661 6.97 64.71 -47.08
N PHE A 662 6.97 63.50 -47.65
CA PHE A 662 6.61 62.32 -46.87
C PHE A 662 7.60 62.09 -45.72
N LEU A 663 8.89 62.26 -46.00
CA LEU A 663 9.88 62.11 -44.93
C LEU A 663 9.69 63.16 -43.85
N ILE A 664 9.42 64.40 -44.23
CA ILE A 664 9.19 65.45 -43.25
C ILE A 664 7.96 65.14 -42.40
N VAL A 665 6.88 64.69 -43.04
CA VAL A 665 5.67 64.36 -42.31
C VAL A 665 5.93 63.19 -41.36
N ARG A 666 6.67 62.18 -41.81
CA ARG A 666 6.98 61.05 -40.95
C ARG A 666 7.79 61.48 -39.74
N LYS A 667 8.79 62.34 -39.95
CA LYS A 667 9.59 62.82 -38.82
C LYS A 667 8.73 63.62 -37.85
N ASN A 668 7.86 64.48 -38.36
CA ASN A 668 7.00 65.26 -37.49
C ASN A 668 6.06 64.37 -36.69
N ILE A 669 5.49 63.35 -37.34
CA ILE A 669 4.60 62.42 -36.65
C ILE A 669 5.36 61.68 -35.55
N GLN A 670 6.56 61.19 -35.88
CA GLN A 670 7.34 60.46 -34.89
C GLN A 670 7.69 61.34 -33.71
N ASP A 671 7.98 62.63 -33.97
CA ASP A 671 8.33 63.54 -32.88
C ASP A 671 7.13 63.91 -32.03
N SER A 672 5.95 64.05 -32.64
CA SER A 672 4.80 64.61 -31.94
C SER A 672 3.94 63.54 -31.26
N VAL A 673 3.60 62.46 -31.98
CA VAL A 673 2.64 61.49 -31.45
C VAL A 673 3.06 60.94 -30.10
N PRO A 674 4.31 60.57 -29.86
CA PRO A 674 4.66 60.04 -28.53
C PRO A 674 4.33 60.98 -27.39
N LYS A 675 4.53 62.28 -27.58
CA LYS A 675 4.25 63.24 -26.51
C LYS A 675 2.76 63.25 -26.19
N ALA A 676 1.91 63.31 -27.21
CA ALA A 676 0.47 63.31 -26.99
C ALA A 676 0.02 62.01 -26.36
N VAL A 677 0.58 60.88 -26.81
CA VAL A 677 0.22 59.58 -26.24
C VAL A 677 0.55 59.56 -24.75
N MET A 678 1.77 59.97 -24.39
CA MET A 678 2.15 59.98 -22.99
C MET A 678 1.24 60.92 -22.19
N HIS A 679 0.91 62.08 -22.76
CA HIS A 679 0.10 63.05 -22.03
C HIS A 679 -1.30 62.52 -21.77
N PHE A 680 -1.91 61.87 -22.76
CA PHE A 680 -3.33 61.51 -22.68
C PHE A 680 -3.55 60.07 -22.24
N LEU A 681 -3.02 59.10 -22.98
CA LEU A 681 -3.34 57.70 -22.73
C LEU A 681 -2.59 57.11 -21.55
N VAL A 682 -1.59 57.81 -21.01
CA VAL A 682 -0.80 57.29 -19.90
C VAL A 682 -0.93 58.19 -18.69
N ASN A 683 -0.50 59.44 -18.81
CA ASN A 683 -0.46 60.32 -17.65
C ASN A 683 -1.86 60.65 -17.16
N HIS A 684 -2.76 61.05 -18.05
CA HIS A 684 -4.12 61.40 -17.64
C HIS A 684 -4.85 60.17 -17.08
N VAL A 685 -4.66 59.01 -17.72
CA VAL A 685 -5.31 57.80 -17.22
C VAL A 685 -4.81 57.46 -15.83
N LYS A 686 -3.50 57.55 -15.61
CA LYS A 686 -2.94 57.27 -14.29
C LYS A 686 -3.48 58.25 -13.26
N ASP A 687 -3.56 59.54 -13.61
CA ASP A 687 -4.06 60.54 -12.67
C ASP A 687 -5.51 60.29 -12.32
N THR A 688 -6.34 59.95 -13.31
CA THR A 688 -7.77 59.80 -13.09
C THR A 688 -8.15 58.44 -12.52
N LEU A 689 -7.25 57.45 -12.58
CA LEU A 689 -7.59 56.13 -12.06
C LEU A 689 -7.88 56.19 -10.56
N GLN A 690 -7.02 56.87 -9.80
CA GLN A 690 -7.22 56.97 -8.36
C GLN A 690 -8.51 57.71 -8.04
N SER A 691 -8.79 58.80 -8.75
CA SER A 691 -10.00 59.56 -8.51
C SER A 691 -11.24 58.71 -8.79
N GLU A 692 -11.24 57.98 -9.92
CA GLU A 692 -12.38 57.13 -10.24
C GLU A 692 -12.56 56.02 -9.21
N LEU A 693 -11.45 55.41 -8.78
CA LEU A 693 -11.55 54.36 -7.76
C LEU A 693 -12.13 54.90 -6.47
N VAL A 694 -11.66 56.08 -6.03
CA VAL A 694 -12.19 56.69 -4.81
C VAL A 694 -13.68 56.99 -4.96
N GLY A 695 -14.06 57.55 -6.12
CA GLY A 695 -15.45 57.91 -6.32
C GLY A 695 -16.39 56.72 -6.37
N GLN A 696 -15.95 55.63 -6.99
CA GLN A 696 -16.82 54.46 -7.18
C GLN A 696 -16.75 53.51 -6.00
N LEU A 697 -15.57 52.96 -5.72
CA LEU A 697 -15.42 51.99 -4.64
C LEU A 697 -15.64 52.66 -3.29
N GLU A 711 -22.02 34.24 -2.93
CA GLU A 711 -23.15 34.09 -2.02
C GLU A 711 -22.98 32.84 -1.16
N ASP A 712 -22.41 31.79 -1.75
CA ASP A 712 -22.19 30.55 -1.00
C ASP A 712 -21.24 30.78 0.18
N MET A 713 -20.14 31.49 -0.06
CA MET A 713 -19.20 31.78 1.02
C MET A 713 -19.85 32.66 2.09
N ALA A 714 -20.65 33.64 1.67
CA ALA A 714 -21.35 34.48 2.64
C ALA A 714 -22.28 33.65 3.51
N GLN A 715 -23.05 32.74 2.89
CA GLN A 715 -23.94 31.88 3.66
C GLN A 715 -23.15 30.98 4.62
N ARG A 716 -22.04 30.42 4.15
CA ARG A 716 -21.24 29.55 4.99
C ARG A 716 -20.70 30.31 6.21
N ARG A 717 -20.16 31.50 5.99
CA ARG A 717 -19.61 32.27 7.10
C ARG A 717 -20.71 32.72 8.05
N LYS A 718 -21.88 33.09 7.52
CA LYS A 718 -23.00 33.45 8.38
C LYS A 718 -23.42 32.27 9.24
N GLU A 719 -23.52 31.08 8.65
CA GLU A 719 -23.88 29.90 9.43
C GLU A 719 -22.83 29.58 10.49
N ALA A 720 -21.55 29.71 10.14
CA ALA A 720 -20.50 29.45 11.12
C ALA A 720 -20.58 30.44 12.28
N ALA A 721 -20.80 31.72 11.97
CA ALA A 721 -20.92 32.73 13.02
C ALA A 721 -22.12 32.45 13.90
N ASP A 722 -23.25 32.07 13.29
CA ASP A 722 -24.44 31.76 14.08
C ASP A 722 -24.19 30.56 14.99
N MET A 723 -23.53 29.53 14.48
CA MET A 723 -23.23 28.36 15.31
C MET A 723 -22.31 28.73 16.46
N LEU A 724 -21.28 29.53 16.19
CA LEU A 724 -20.37 29.95 17.25
C LEU A 724 -21.10 30.77 18.31
N LYS A 725 -21.96 31.69 17.88
CA LYS A 725 -22.73 32.50 18.83
C LYS A 725 -23.65 31.63 19.67
N ALA A 726 -24.30 30.65 19.04
CA ALA A 726 -25.18 29.75 19.78
C ALA A 726 -24.40 28.95 20.82
N LEU A 727 -23.23 28.43 20.43
CA LEU A 727 -22.41 27.67 21.38
C LEU A 727 -21.95 28.56 22.53
N GLN A 728 -21.52 29.79 22.23
CA GLN A 728 -21.10 30.69 23.30
C GLN A 728 -22.26 31.01 24.24
N GLY A 729 -23.45 31.26 23.68
CA GLY A 729 -24.60 31.53 24.52
C GLY A 729 -24.97 30.34 25.39
N ALA A 730 -24.92 29.13 24.84
CA ALA A 730 -25.20 27.94 25.62
C ALA A 730 -24.19 27.77 26.75
N SER A 731 -22.91 28.00 26.45
CA SER A 731 -21.88 27.90 27.49
C SER A 731 -22.11 28.92 28.59
N GLN A 732 -22.43 30.15 28.21
CA GLN A 732 -22.70 31.19 29.21
C GLN A 732 -23.91 30.84 30.06
N ILE A 733 -24.97 30.33 29.44
CA ILE A 733 -26.16 29.94 30.19
C ILE A 733 -25.83 28.83 31.17
N ILE A 734 -25.06 27.83 30.73
CA ILE A 734 -24.68 26.73 31.61
C ILE A 734 -23.86 27.25 32.78
N ALA A 735 -22.92 28.16 32.50
CA ALA A 735 -22.09 28.71 33.56
C ALA A 735 -22.92 29.50 34.57
N GLU A 736 -23.90 30.25 34.07
CA GLU A 736 -24.73 31.09 34.94
C GLU A 736 -25.67 30.28 35.82
N ILE A 737 -25.80 28.97 35.60
CA ILE A 737 -26.69 28.17 36.43
C ILE A 737 -26.27 28.30 37.90
N ARG A 738 -27.26 28.26 38.78
CA ARG A 738 -26.99 28.42 40.21
C ARG A 738 -26.01 27.35 40.68
N GLU A 739 -25.05 27.78 41.51
CA GLU A 739 -24.05 26.85 42.02
C GLU A 739 -24.68 25.74 42.84
N THR A 740 -25.83 26.01 43.47
CA THR A 740 -26.49 24.98 44.27
C THR A 740 -26.90 23.80 43.39
N HIS A 741 -27.44 24.07 42.19
CA HIS A 741 -27.84 23.02 41.28
C HIS A 741 -26.67 22.44 40.50
N LEU A 742 -25.52 23.12 40.48
CA LEU A 742 -24.34 22.61 39.79
C LEU A 742 -23.44 21.75 40.67
N TRP A 743 -23.74 21.64 41.96
CA TRP A 743 -22.95 20.83 42.86
C TRP A 743 -23.82 20.19 43.94
N MET B 8 -25.87 20.23 -7.91
CA MET B 8 -26.48 20.18 -9.28
C MET B 8 -27.91 20.71 -9.26
N GLU B 9 -28.14 21.75 -8.46
CA GLU B 9 -29.45 22.36 -8.33
C GLU B 9 -29.49 23.78 -8.90
N ALA B 10 -28.61 24.66 -8.42
CA ALA B 10 -28.55 26.03 -8.89
C ALA B 10 -27.58 26.25 -10.03
N LEU B 11 -26.86 25.20 -10.45
CA LEU B 11 -25.89 25.32 -11.54
C LEU B 11 -26.52 25.30 -12.91
N ILE B 12 -27.78 24.87 -13.03
CA ILE B 12 -28.43 24.75 -14.34
C ILE B 12 -28.51 26.11 -15.01
N PRO B 13 -29.11 27.13 -14.38
CA PRO B 13 -29.17 28.44 -15.06
C PRO B 13 -27.81 29.05 -15.34
N VAL B 14 -26.85 28.88 -14.43
CA VAL B 14 -25.53 29.45 -14.63
C VAL B 14 -24.86 28.82 -15.84
N ILE B 15 -24.91 27.49 -15.93
CA ILE B 15 -24.31 26.80 -17.06
C ILE B 15 -25.03 27.16 -18.36
N ASN B 16 -26.35 27.29 -18.30
CA ASN B 16 -27.10 27.68 -19.49
C ASN B 16 -26.67 29.06 -19.98
N LYS B 17 -26.55 30.01 -19.06
CA LYS B 17 -26.13 31.37 -19.44
C LYS B 17 -24.72 31.38 -19.99
N LEU B 18 -23.81 30.62 -19.36
CA LEU B 18 -22.43 30.58 -19.87
C LEU B 18 -22.36 29.96 -21.25
N GLN B 19 -23.10 28.88 -21.49
CA GLN B 19 -23.13 28.28 -22.81
C GLN B 19 -23.74 29.24 -23.84
N ASP B 20 -24.80 29.96 -23.45
CA ASP B 20 -25.42 30.89 -24.37
C ASP B 20 -24.46 32.01 -24.75
N VAL B 21 -23.75 32.57 -23.77
CA VAL B 21 -22.82 33.65 -24.07
C VAL B 21 -21.66 33.14 -24.92
N PHE B 22 -21.17 31.93 -24.62
CA PHE B 22 -20.11 31.35 -25.44
C PHE B 22 -20.58 31.16 -26.88
N ASN B 23 -21.81 30.69 -27.07
CA ASN B 23 -22.33 30.51 -28.41
C ASN B 23 -22.47 31.86 -29.12
N THR B 24 -22.97 32.87 -28.42
CA THR B 24 -23.14 34.19 -29.04
C THR B 24 -21.81 34.77 -29.48
N VAL B 25 -20.80 34.73 -28.60
CA VAL B 25 -19.49 35.23 -28.99
C VAL B 25 -18.85 34.32 -30.03
N GLY B 26 -19.06 33.01 -29.90
CA GLY B 26 -18.52 32.05 -30.85
C GLY B 26 -17.31 31.31 -30.30
N ALA B 27 -17.52 30.09 -29.84
CA ALA B 27 -16.45 29.27 -29.29
C ALA B 27 -17.00 27.88 -29.00
N ASP B 28 -16.08 26.92 -28.83
CA ASP B 28 -16.47 25.56 -28.53
C ASP B 28 -16.99 25.46 -27.09
N ILE B 29 -17.80 24.43 -26.85
CA ILE B 29 -18.37 24.22 -25.52
C ILE B 29 -17.24 23.93 -24.54
N ILE B 30 -17.23 24.65 -23.43
CA ILE B 30 -16.19 24.47 -22.42
C ILE B 30 -16.38 23.12 -21.74
N GLN B 31 -15.29 22.36 -21.63
CA GLN B 31 -15.31 21.06 -20.98
C GLN B 31 -14.98 21.24 -19.50
N LEU B 32 -15.93 20.90 -18.64
CA LEU B 32 -15.75 21.07 -17.21
C LEU B 32 -14.76 20.02 -16.68
N PRO B 33 -14.18 20.27 -15.50
CA PRO B 33 -13.19 19.32 -14.96
C PRO B 33 -13.80 17.94 -14.76
N GLN B 34 -12.99 16.91 -15.01
CA GLN B 34 -13.41 15.53 -14.85
C GLN B 34 -13.21 15.08 -13.41
N ILE B 35 -14.02 14.11 -12.98
CA ILE B 35 -13.97 13.56 -11.63
C ILE B 35 -13.39 12.15 -11.73
N VAL B 36 -12.31 11.89 -11.00
CA VAL B 36 -11.64 10.60 -11.00
C VAL B 36 -11.51 10.13 -9.56
N VAL B 37 -11.93 8.89 -9.31
CA VAL B 37 -11.81 8.26 -8.00
C VAL B 37 -11.06 6.95 -8.18
N VAL B 38 -9.95 6.80 -7.43
CA VAL B 38 -9.11 5.62 -7.53
C VAL B 38 -8.59 5.27 -6.14
N GLY B 39 -8.11 4.03 -6.02
CA GLY B 39 -7.54 3.56 -4.77
C GLY B 39 -8.59 3.20 -3.74
N THR B 40 -8.30 2.20 -2.91
CA THR B 40 -9.19 1.77 -1.83
C THR B 40 -10.57 1.40 -2.40
N GLN B 41 -10.57 0.33 -3.19
CA GLN B 41 -11.79 -0.11 -3.85
C GLN B 41 -12.67 -0.91 -2.90
N SER B 42 -12.94 -0.35 -1.71
CA SER B 42 -13.86 -0.97 -0.77
C SER B 42 -14.71 0.08 -0.05
N SER B 43 -14.86 1.27 -0.63
CA SER B 43 -15.52 2.38 0.03
C SER B 43 -16.70 2.93 -0.76
N GLY B 44 -17.18 2.20 -1.77
CA GLY B 44 -18.30 2.67 -2.56
C GLY B 44 -17.97 3.94 -3.32
N LYS B 45 -17.07 3.84 -4.30
CA LYS B 45 -16.68 5.02 -5.06
C LYS B 45 -17.87 5.65 -5.78
N SER B 46 -18.72 4.82 -6.39
CA SER B 46 -19.88 5.33 -7.11
C SER B 46 -20.94 5.93 -6.18
N SER B 47 -20.85 5.67 -4.87
CA SER B 47 -21.85 6.20 -3.95
C SER B 47 -21.83 7.73 -3.94
N VAL B 48 -20.63 8.33 -3.93
CA VAL B 48 -20.53 9.79 -3.93
C VAL B 48 -21.11 10.36 -5.21
N LEU B 49 -20.82 9.74 -6.35
CA LEU B 49 -21.35 10.22 -7.61
C LEU B 49 -22.87 10.12 -7.63
N GLU B 50 -23.42 9.00 -7.14
CA GLU B 50 -24.86 8.85 -7.11
C GLU B 50 -25.52 9.88 -6.19
N SER B 51 -24.90 10.14 -5.03
CA SER B 51 -25.45 11.14 -4.13
C SER B 51 -25.43 12.52 -4.76
N LEU B 52 -24.33 12.86 -5.45
CA LEU B 52 -24.26 14.15 -6.13
C LEU B 52 -25.33 14.25 -7.22
N VAL B 53 -25.49 13.19 -8.01
CA VAL B 53 -26.52 13.20 -9.05
C VAL B 53 -27.91 13.14 -8.42
N GLY B 54 -28.07 12.35 -7.36
CA GLY B 54 -29.35 12.17 -6.72
C GLY B 54 -30.17 11.02 -7.24
N ARG B 55 -29.58 10.11 -8.03
CA ARG B 55 -30.29 8.98 -8.58
C ARG B 55 -29.56 7.67 -8.24
N ASP B 56 -30.02 6.56 -8.82
CA ASP B 56 -29.41 5.25 -8.64
C ASP B 56 -29.07 4.64 -9.99
N LEU B 57 -28.45 5.44 -10.85
CA LEU B 57 -28.12 4.97 -12.20
C LEU B 57 -27.14 3.79 -12.15
N LEU B 58 -26.12 3.87 -11.28
CA LEU B 58 -25.11 2.84 -11.22
C LEU B 58 -25.32 1.93 -10.02
N PRO B 59 -24.91 0.67 -10.11
CA PRO B 59 -25.10 -0.25 -8.99
C PRO B 59 -24.14 0.02 -7.84
N ARG B 60 -24.49 -0.51 -6.67
CA ARG B 60 -23.65 -0.41 -5.49
C ARG B 60 -23.83 -1.67 -4.66
N GLY B 61 -22.81 -2.01 -3.89
CA GLY B 61 -22.85 -3.20 -3.07
C GLY B 61 -21.48 -3.51 -2.50
N THR B 62 -21.37 -4.70 -1.94
CA THR B 62 -20.12 -5.14 -1.35
C THR B 62 -19.04 -5.26 -2.43
N GLY B 63 -17.79 -5.04 -2.02
CA GLY B 63 -16.71 -5.08 -2.98
C GLY B 63 -16.89 -4.02 -4.05
N ILE B 64 -16.76 -4.43 -5.31
CA ILE B 64 -16.90 -3.54 -6.45
C ILE B 64 -17.91 -4.16 -7.42
N VAL B 65 -18.87 -3.35 -7.86
CA VAL B 65 -19.86 -3.76 -8.85
C VAL B 65 -19.69 -3.01 -10.16
N THR B 66 -18.60 -2.25 -10.30
CA THR B 66 -18.31 -1.48 -11.51
C THR B 66 -16.92 -1.83 -12.01
N ARG B 67 -16.64 -3.14 -12.10
CA ARG B 67 -15.31 -3.59 -12.48
C ARG B 67 -14.90 -3.02 -13.83
N ARG B 68 -15.79 -3.09 -14.81
CA ARG B 68 -15.48 -2.56 -16.13
C ARG B 68 -15.45 -1.04 -16.07
N PRO B 69 -14.42 -0.39 -16.61
CA PRO B 69 -14.37 1.08 -16.56
C PRO B 69 -15.61 1.70 -17.20
N LEU B 70 -16.10 2.77 -16.58
CA LEU B 70 -17.30 3.47 -17.02
C LEU B 70 -16.96 4.94 -17.22
N ILE B 71 -16.83 5.36 -18.48
CA ILE B 71 -16.61 6.77 -18.81
C ILE B 71 -17.99 7.38 -19.02
N LEU B 72 -18.59 7.82 -17.92
CA LEU B 72 -19.93 8.39 -17.94
C LEU B 72 -19.84 9.90 -18.21
N GLN B 73 -20.54 10.35 -19.25
CA GLN B 73 -20.57 11.75 -19.64
C GLN B 73 -21.98 12.29 -19.40
N LEU B 74 -22.08 13.35 -18.61
CA LEU B 74 -23.38 13.97 -18.32
C LEU B 74 -23.64 15.08 -19.33
N VAL B 75 -23.97 14.66 -20.55
CA VAL B 75 -24.22 15.60 -21.64
C VAL B 75 -25.50 16.38 -21.33
N HIS B 76 -25.43 17.70 -21.45
CA HIS B 76 -26.59 18.53 -21.21
C HIS B 76 -27.68 18.27 -22.24
N VAL B 77 -28.92 18.36 -21.80
CA VAL B 77 -30.09 18.13 -22.65
C VAL B 77 -30.87 19.44 -22.75
N SER B 78 -31.18 19.84 -23.98
CA SER B 78 -31.92 21.08 -24.25
C SER B 78 -33.36 20.80 -24.64
N GLN B 79 -33.97 19.78 -24.03
CA GLN B 79 -35.36 19.40 -24.35
C GLN B 79 -35.51 19.10 -25.83
N GLU B 80 -34.52 18.43 -26.40
CA GLU B 80 -34.55 18.07 -27.82
C GLU B 80 -35.70 17.10 -28.12
N ALA B 94 -38.40 8.92 -25.27
CA ALA B 94 -38.34 9.31 -23.87
C ALA B 94 -37.30 10.40 -23.66
N GLU B 95 -37.56 11.29 -22.70
CA GLU B 95 -36.63 12.36 -22.41
C GLU B 95 -35.28 11.81 -21.93
N GLU B 96 -35.32 10.78 -21.08
CA GLU B 96 -34.11 10.16 -20.55
C GLU B 96 -33.95 8.78 -21.18
N TRP B 97 -32.75 8.51 -21.69
CA TRP B 97 -32.45 7.22 -22.29
C TRP B 97 -30.97 6.93 -22.11
N GLY B 98 -30.65 5.66 -21.87
CA GLY B 98 -29.27 5.24 -21.71
C GLY B 98 -28.67 4.70 -22.99
N LYS B 99 -27.83 5.49 -23.64
CA LYS B 99 -27.20 5.09 -24.89
C LYS B 99 -25.86 4.42 -24.60
N PHE B 100 -25.75 3.14 -24.99
CA PHE B 100 -24.53 2.37 -24.81
C PHE B 100 -23.92 2.04 -26.17
N LEU B 101 -22.60 2.20 -26.27
CA LEU B 101 -21.93 1.96 -27.55
C LEU B 101 -22.07 0.50 -27.99
N HIS B 102 -21.93 -0.43 -27.05
CA HIS B 102 -21.98 -1.84 -27.42
C HIS B 102 -23.35 -2.23 -27.98
N THR B 103 -24.43 -1.73 -27.39
CA THR B 103 -25.78 -1.97 -27.89
C THR B 103 -26.27 -0.87 -28.82
N LYS B 104 -25.43 0.13 -29.13
CA LYS B 104 -25.79 1.22 -30.03
C LYS B 104 -26.99 1.94 -29.41
N ASN B 105 -28.03 2.26 -30.17
CA ASN B 105 -29.19 2.98 -29.64
C ASN B 105 -30.24 1.99 -29.17
N LYS B 106 -30.62 2.09 -27.90
CA LYS B 106 -31.64 1.22 -27.33
C LYS B 106 -32.32 1.97 -26.19
N LEU B 107 -33.54 1.53 -25.87
CA LEU B 107 -34.35 2.19 -24.85
C LEU B 107 -33.92 1.70 -23.47
N TYR B 108 -33.34 2.60 -22.68
CA TYR B 108 -32.96 2.31 -21.30
C TYR B 108 -33.38 3.48 -20.41
N THR B 109 -34.62 3.94 -20.58
CA THR B 109 -35.09 5.09 -19.80
C THR B 109 -35.08 4.79 -18.31
N ASP B 110 -35.54 3.59 -17.93
CA ASP B 110 -35.59 3.23 -16.52
C ASP B 110 -34.19 3.09 -15.96
N PHE B 111 -34.00 3.60 -14.73
CA PHE B 111 -32.70 3.49 -14.07
C PHE B 111 -32.36 2.03 -13.79
N ASP B 112 -33.35 1.24 -13.40
CA ASP B 112 -33.11 -0.17 -13.13
C ASP B 112 -32.62 -0.89 -14.38
N GLU B 113 -33.20 -0.56 -15.54
CA GLU B 113 -32.74 -1.17 -16.78
C GLU B 113 -31.29 -0.80 -17.07
N ILE B 114 -30.91 0.47 -16.84
CA ILE B 114 -29.54 0.88 -17.05
C ILE B 114 -28.60 0.11 -16.14
N ARG B 115 -28.98 -0.02 -14.86
CA ARG B 115 -28.14 -0.75 -13.92
C ARG B 115 -27.99 -2.21 -14.32
N GLN B 116 -29.10 -2.84 -14.73
CA GLN B 116 -29.04 -4.24 -15.14
C GLN B 116 -28.16 -4.42 -16.37
N GLU B 117 -28.28 -3.52 -17.35
CA GLU B 117 -27.45 -3.61 -18.53
C GLU B 117 -25.97 -3.44 -18.19
N ILE B 118 -25.66 -2.48 -17.31
CA ILE B 118 -24.27 -2.27 -16.92
C ILE B 118 -23.72 -3.51 -16.21
N GLU B 119 -24.51 -4.09 -15.30
CA GLU B 119 -24.06 -5.29 -14.60
C GLU B 119 -23.86 -6.45 -15.56
N ASN B 120 -24.78 -6.62 -16.52
CA ASN B 120 -24.64 -7.70 -17.49
C ASN B 120 -23.39 -7.52 -18.34
N GLU B 121 -23.13 -6.30 -18.80
CA GLU B 121 -21.93 -6.05 -19.59
C GLU B 121 -20.68 -6.31 -18.77
N THR B 122 -20.67 -5.87 -17.50
CA THR B 122 -19.50 -6.09 -16.65
C THR B 122 -19.26 -7.58 -16.45
N GLU B 123 -20.32 -8.35 -16.21
CA GLU B 123 -20.16 -9.79 -16.05
C GLU B 123 -19.67 -10.44 -17.34
N ARG B 124 -20.21 -10.02 -18.48
CA ARG B 124 -19.80 -10.61 -19.75
C ARG B 124 -18.34 -10.35 -20.04
N ILE B 125 -17.86 -9.13 -19.81
CA ILE B 125 -16.51 -8.76 -20.20
C ILE B 125 -15.55 -9.01 -19.03
N SER B 126 -15.75 -8.30 -17.93
CA SER B 126 -14.82 -8.40 -16.80
C SER B 126 -15.04 -9.68 -16.00
N GLY B 127 -16.28 -10.13 -15.89
CA GLY B 127 -16.58 -11.32 -15.10
C GLY B 127 -16.82 -11.00 -13.63
N ASN B 128 -17.16 -12.04 -12.89
CA ASN B 128 -17.46 -11.92 -11.47
C ASN B 128 -16.25 -12.18 -10.59
N ASN B 129 -15.07 -12.40 -11.19
CA ASN B 129 -13.84 -12.67 -10.44
C ASN B 129 -12.99 -11.42 -10.26
N LYS B 130 -13.63 -10.26 -10.14
CA LYS B 130 -12.91 -9.00 -9.97
C LYS B 130 -11.95 -8.74 -11.14
N GLY B 131 -12.38 -9.12 -12.34
CA GLY B 131 -11.57 -8.88 -13.52
C GLY B 131 -11.63 -7.44 -13.98
N VAL B 132 -10.68 -7.09 -14.85
CA VAL B 132 -10.57 -5.74 -15.40
C VAL B 132 -10.28 -5.86 -16.89
N SER B 133 -10.92 -5.01 -17.68
CA SER B 133 -10.73 -5.00 -19.13
C SER B 133 -10.41 -3.59 -19.60
N PRO B 134 -9.50 -3.44 -20.57
CA PRO B 134 -9.16 -2.09 -21.03
C PRO B 134 -10.34 -1.34 -21.62
N GLU B 135 -11.28 -2.02 -22.26
CA GLU B 135 -12.38 -1.35 -22.93
C GLU B 135 -13.30 -0.71 -21.89
N PRO B 136 -13.54 0.61 -21.95
CA PRO B 136 -14.46 1.23 -20.98
C PRO B 136 -15.91 1.19 -21.43
N ILE B 137 -16.80 1.76 -20.64
CA ILE B 137 -18.22 1.89 -20.97
C ILE B 137 -18.52 3.36 -21.18
N HIS B 138 -19.14 3.69 -22.31
CA HIS B 138 -19.52 5.06 -22.64
C HIS B 138 -21.05 5.17 -22.57
N LEU B 139 -21.53 6.09 -21.74
CA LEU B 139 -22.96 6.29 -21.55
C LEU B 139 -23.27 7.78 -21.57
N LYS B 140 -24.46 8.10 -22.07
CA LYS B 140 -24.94 9.48 -22.16
C LYS B 140 -26.21 9.62 -21.34
N ILE B 141 -26.29 10.70 -20.56
CA ILE B 141 -27.44 10.99 -19.72
C ILE B 141 -28.04 12.33 -20.17
N PHE B 142 -29.34 12.32 -20.45
CA PHE B 142 -30.06 13.51 -20.92
C PHE B 142 -31.20 13.76 -19.94
N SER B 143 -30.93 14.51 -18.88
CA SER B 143 -31.90 14.86 -17.87
C SER B 143 -31.76 16.33 -17.53
N PRO B 144 -32.83 16.96 -17.03
CA PRO B 144 -32.71 18.39 -16.68
C PRO B 144 -31.95 18.60 -15.38
N ASN B 145 -32.12 17.73 -14.39
CA ASN B 145 -31.45 17.93 -13.11
C ASN B 145 -29.94 17.83 -13.26
N VAL B 146 -29.45 16.87 -14.05
CA VAL B 146 -28.01 16.71 -14.21
C VAL B 146 -27.42 17.94 -14.89
N VAL B 147 -26.10 18.08 -14.76
CA VAL B 147 -25.36 19.21 -15.31
C VAL B 147 -24.23 18.67 -16.17
N ASN B 148 -23.55 19.58 -16.87
CA ASN B 148 -22.44 19.20 -17.73
C ASN B 148 -21.26 18.63 -16.96
N LEU B 149 -21.23 18.80 -15.64
CA LEU B 149 -20.14 18.23 -14.83
C LEU B 149 -20.00 16.75 -15.10
N THR B 150 -18.83 16.35 -15.59
CA THR B 150 -18.58 14.96 -15.93
C THR B 150 -18.19 14.17 -14.68
N LEU B 151 -18.82 13.01 -14.49
CA LEU B 151 -18.52 12.11 -13.39
C LEU B 151 -18.05 10.78 -13.96
N VAL B 152 -16.87 10.34 -13.51
CA VAL B 152 -16.26 9.10 -13.97
C VAL B 152 -15.77 8.32 -12.76
N ASP B 153 -16.04 7.02 -12.75
CA ASP B 153 -15.62 6.12 -11.68
C ASP B 153 -14.67 5.10 -12.30
N LEU B 154 -13.39 5.46 -12.37
CA LEU B 154 -12.37 4.59 -12.94
C LEU B 154 -11.99 3.50 -11.93
N PRO B 155 -11.50 2.36 -12.42
CA PRO B 155 -11.04 1.32 -11.49
C PRO B 155 -9.91 1.83 -10.61
N GLY B 156 -9.92 1.40 -9.35
CA GLY B 156 -8.94 1.85 -8.39
C GLY B 156 -7.65 1.06 -8.46
N MET B 157 -6.69 1.50 -7.65
CA MET B 157 -5.41 0.80 -7.56
C MET B 157 -5.61 -0.59 -6.99
N THR B 158 -4.88 -1.56 -7.54
CA THR B 158 -4.99 -2.95 -7.14
C THR B 158 -3.62 -3.49 -6.73
N LYS B 159 -3.63 -4.40 -5.78
CA LYS B 159 -2.40 -5.05 -5.32
C LYS B 159 -2.03 -6.16 -6.29
N VAL B 160 -1.12 -7.04 -5.88
CA VAL B 160 -0.68 -8.12 -6.77
C VAL B 160 -1.90 -8.93 -7.19
N PRO B 161 -2.03 -9.31 -8.47
CA PRO B 161 -3.24 -10.02 -8.90
C PRO B 161 -3.44 -11.32 -8.12
N VAL B 162 -4.71 -11.62 -7.84
CA VAL B 162 -5.09 -12.85 -7.16
C VAL B 162 -6.20 -13.51 -7.97
N GLY B 163 -6.06 -14.79 -8.24
CA GLY B 163 -7.04 -15.54 -9.01
C GLY B 163 -6.68 -15.61 -10.48
N ASP B 164 -7.63 -15.29 -11.35
CA ASP B 164 -7.45 -15.36 -12.79
C ASP B 164 -7.14 -14.01 -13.40
N GLN B 165 -6.91 -12.98 -12.60
CA GLN B 165 -6.63 -11.65 -13.13
C GLN B 165 -5.28 -11.66 -13.86
N PRO B 166 -5.10 -10.79 -14.85
CA PRO B 166 -3.82 -10.75 -15.57
C PRO B 166 -2.68 -10.39 -14.63
N LYS B 167 -1.51 -10.95 -14.92
CA LYS B 167 -0.34 -10.71 -14.06
C LYS B 167 0.04 -9.24 -14.05
N ASP B 168 0.00 -8.59 -15.22
CA ASP B 168 0.39 -7.19 -15.35
C ASP B 168 -0.81 -6.25 -15.39
N ILE B 169 -1.95 -6.66 -14.84
CA ILE B 169 -3.13 -5.79 -14.84
C ILE B 169 -2.89 -4.56 -13.97
N GLU B 170 -2.14 -4.72 -12.87
CA GLU B 170 -1.90 -3.58 -11.98
C GLU B 170 -1.16 -2.46 -12.70
N LEU B 171 -0.13 -2.81 -13.48
CA LEU B 171 0.61 -1.79 -14.22
C LEU B 171 -0.28 -1.08 -15.23
N GLN B 172 -1.11 -1.84 -15.95
CA GLN B 172 -2.01 -1.22 -16.92
C GLN B 172 -2.99 -0.29 -16.24
N ILE B 173 -3.56 -0.71 -15.11
CA ILE B 173 -4.50 0.14 -14.39
C ILE B 173 -3.81 1.41 -13.91
N ARG B 174 -2.59 1.29 -13.38
CA ARG B 174 -1.86 2.47 -12.92
C ARG B 174 -1.58 3.42 -14.07
N GLU B 175 -1.16 2.89 -15.22
CA GLU B 175 -0.89 3.74 -16.38
C GLU B 175 -2.15 4.44 -16.85
N LEU B 176 -3.27 3.72 -16.90
CA LEU B 176 -4.53 4.34 -17.31
C LEU B 176 -4.94 5.43 -16.35
N ILE B 177 -4.80 5.20 -15.04
CA ILE B 177 -5.17 6.20 -14.05
C ILE B 177 -4.28 7.43 -14.21
N LEU B 178 -2.97 7.23 -14.37
CA LEU B 178 -2.06 8.36 -14.52
C LEU B 178 -2.34 9.14 -15.80
N ARG B 179 -2.77 8.45 -16.86
CA ARG B 179 -3.05 9.14 -18.12
C ARG B 179 -4.15 10.18 -17.96
N PHE B 180 -4.99 10.05 -16.94
CA PHE B 180 -6.11 10.97 -16.72
C PHE B 180 -5.91 11.91 -15.53
N ILE B 181 -5.38 11.41 -14.41
CA ILE B 181 -5.21 12.28 -13.25
C ILE B 181 -3.99 13.17 -13.34
N SER B 182 -3.10 12.93 -14.30
CA SER B 182 -1.90 13.75 -14.42
C SER B 182 -2.25 15.19 -14.75
N ASN B 183 -3.22 15.40 -15.62
CA ASN B 183 -3.59 16.76 -16.00
C ASN B 183 -4.13 17.51 -14.78
N PRO B 184 -3.72 18.77 -14.57
CA PRO B 184 -4.21 19.50 -13.40
C PRO B 184 -5.72 19.71 -13.41
N ASN B 185 -6.34 19.73 -14.60
CA ASN B 185 -7.77 19.97 -14.67
C ASN B 185 -8.56 18.87 -13.96
N SER B 186 -8.14 17.62 -14.13
CA SER B 186 -8.84 16.50 -13.50
C SER B 186 -8.81 16.65 -11.99
N ILE B 187 -9.92 16.28 -11.35
CA ILE B 187 -10.07 16.37 -9.90
C ILE B 187 -9.94 14.98 -9.31
N ILE B 188 -9.03 14.83 -8.34
CA ILE B 188 -8.77 13.54 -7.71
C ILE B 188 -9.54 13.55 -6.39
N LEU B 189 -10.77 13.02 -6.42
CA LEU B 189 -11.61 12.92 -5.23
C LEU B 189 -11.38 11.54 -4.63
N ALA B 190 -10.33 11.43 -3.81
CA ALA B 190 -9.99 10.16 -3.19
C ALA B 190 -11.04 9.80 -2.13
N VAL B 191 -11.49 8.56 -2.17
CA VAL B 191 -12.46 8.02 -1.22
C VAL B 191 -11.83 6.83 -0.51
N THR B 192 -11.82 6.88 0.81
CA THR B 192 -11.22 5.83 1.63
C THR B 192 -12.24 5.34 2.66
N ALA B 193 -12.38 4.02 2.75
CA ALA B 193 -13.29 3.46 3.74
C ALA B 193 -12.75 3.66 5.15
N ALA B 194 -13.67 3.88 6.10
CA ALA B 194 -13.29 4.06 7.49
C ALA B 194 -13.08 2.74 8.22
N ASN B 195 -13.39 1.61 7.60
CA ASN B 195 -13.19 0.31 8.24
C ASN B 195 -11.71 -0.01 8.44
N THR B 196 -10.82 0.68 7.74
CA THR B 196 -9.38 0.48 7.85
C THR B 196 -8.72 1.76 8.33
N ASP B 197 -7.43 1.65 8.67
CA ASP B 197 -6.68 2.81 9.14
C ASP B 197 -6.59 3.85 8.04
N MET B 198 -6.65 5.13 8.43
CA MET B 198 -6.58 6.22 7.46
C MET B 198 -5.22 6.25 6.77
N ALA B 199 -4.17 5.78 7.43
CA ALA B 199 -2.84 5.78 6.85
C ALA B 199 -2.60 4.62 5.90
N THR B 200 -3.52 3.66 5.82
CA THR B 200 -3.39 2.50 4.94
C THR B 200 -4.17 2.65 3.65
N SER B 201 -4.72 3.84 3.38
CA SER B 201 -5.49 4.05 2.18
C SER B 201 -4.59 4.04 0.95
N GLU B 202 -4.99 3.27 -0.07
CA GLU B 202 -4.22 3.24 -1.32
C GLU B 202 -4.46 4.49 -2.16
N ALA B 203 -5.66 5.08 -2.07
CA ALA B 203 -5.94 6.31 -2.81
C ALA B 203 -5.00 7.42 -2.38
N LEU B 204 -4.79 7.57 -1.07
CA LEU B 204 -3.86 8.59 -0.59
C LEU B 204 -2.44 8.28 -1.05
N LYS B 205 -2.06 7.01 -1.06
CA LYS B 205 -0.72 6.64 -1.51
C LYS B 205 -0.51 7.05 -2.97
N ILE B 206 -1.46 6.70 -3.84
CA ILE B 206 -1.31 7.06 -5.25
C ILE B 206 -1.36 8.57 -5.42
N SER B 207 -2.16 9.27 -4.62
CA SER B 207 -2.17 10.73 -4.69
C SER B 207 -0.80 11.30 -4.33
N ARG B 208 -0.18 10.77 -3.28
CA ARG B 208 1.16 11.24 -2.91
C ARG B 208 2.18 10.90 -4.00
N GLU B 209 2.00 9.77 -4.69
CA GLU B 209 2.96 9.38 -5.72
C GLU B 209 3.16 10.49 -6.74
N VAL B 210 2.09 11.17 -7.14
CA VAL B 210 2.18 12.22 -8.14
C VAL B 210 1.69 13.57 -7.64
N ASP B 211 0.96 13.64 -6.54
CA ASP B 211 0.44 14.89 -6.00
C ASP B 211 0.74 14.96 -4.51
N PRO B 212 2.02 15.11 -4.14
CA PRO B 212 2.37 15.16 -2.72
C PRO B 212 1.71 16.33 -1.99
N ASP B 213 1.55 17.47 -2.65
CA ASP B 213 0.96 18.64 -2.00
C ASP B 213 -0.56 18.57 -1.94
N GLY B 214 -1.19 17.74 -2.74
CA GLY B 214 -2.65 17.63 -2.72
C GLY B 214 -3.35 18.92 -3.05
N ARG B 215 -2.82 19.68 -4.01
CA ARG B 215 -3.47 20.93 -4.40
C ARG B 215 -4.86 20.68 -4.98
N ARG B 216 -4.99 19.66 -5.84
CA ARG B 216 -6.25 19.31 -6.47
C ARG B 216 -6.84 18.03 -5.91
N THR B 217 -6.32 17.52 -4.80
CA THR B 217 -6.78 16.27 -4.20
C THR B 217 -7.65 16.57 -2.99
N LEU B 218 -8.85 16.00 -2.97
CA LEU B 218 -9.79 16.16 -1.87
C LEU B 218 -10.00 14.81 -1.21
N ALA B 219 -9.91 14.77 0.12
CA ALA B 219 -10.06 13.55 0.88
C ALA B 219 -11.52 13.35 1.27
N VAL B 220 -12.04 12.15 1.01
CA VAL B 220 -13.41 11.78 1.33
C VAL B 220 -13.38 10.48 2.11
N ILE B 221 -14.11 10.43 3.22
CA ILE B 221 -14.16 9.25 4.08
C ILE B 221 -15.60 8.75 4.05
N THR B 222 -15.84 7.65 3.34
CA THR B 222 -17.17 7.05 3.24
C THR B 222 -17.24 5.80 4.11
N LYS B 223 -18.46 5.27 4.25
CA LYS B 223 -18.71 4.10 5.09
C LYS B 223 -18.21 4.35 6.52
N LEU B 224 -18.42 5.57 7.00
CA LEU B 224 -17.99 5.93 8.35
C LEU B 224 -18.78 5.17 9.42
N ASP B 225 -19.94 4.62 9.08
CA ASP B 225 -20.72 3.88 10.07
C ASP B 225 -19.96 2.69 10.62
N LEU B 226 -18.98 2.17 9.89
CA LEU B 226 -18.12 1.10 10.36
C LEU B 226 -16.84 1.60 11.02
N MET B 227 -16.69 2.92 11.16
CA MET B 227 -15.47 3.46 11.74
C MET B 227 -15.29 2.96 13.17
N ASP B 228 -14.04 2.68 13.53
CA ASP B 228 -13.74 2.18 14.86
C ASP B 228 -14.02 3.25 15.92
N ALA B 229 -14.62 2.83 17.03
CA ALA B 229 -14.90 3.75 18.11
C ALA B 229 -13.61 4.16 18.83
N GLY B 230 -13.63 5.35 19.42
CA GLY B 230 -12.48 5.86 20.13
C GLY B 230 -11.49 6.64 19.30
N THR B 231 -11.68 6.71 17.99
CA THR B 231 -10.79 7.42 17.09
C THR B 231 -11.57 8.51 16.37
N ASP B 232 -10.97 9.70 16.27
CA ASP B 232 -11.59 10.84 15.63
C ASP B 232 -10.60 11.48 14.66
N ALA B 233 -11.15 12.03 13.57
CA ALA B 233 -10.36 12.68 12.53
C ALA B 233 -10.74 14.16 12.38
N MET B 234 -11.20 14.77 13.47
CA MET B 234 -11.60 16.18 13.40
C MET B 234 -10.42 17.06 13.06
N ASP B 235 -9.24 16.77 13.60
CA ASP B 235 -8.06 17.58 13.32
C ASP B 235 -7.72 17.56 11.84
N VAL B 236 -7.80 16.39 11.19
CA VAL B 236 -7.49 16.29 9.78
C VAL B 236 -8.46 17.14 8.96
N LEU B 237 -9.75 17.06 9.28
CA LEU B 237 -10.75 17.81 8.53
C LEU B 237 -10.55 19.31 8.67
N MET B 238 -9.90 19.77 9.73
CA MET B 238 -9.66 21.19 9.93
C MET B 238 -8.42 21.69 9.19
N GLY B 239 -7.68 20.81 8.52
CA GLY B 239 -6.51 21.23 7.79
C GLY B 239 -5.28 21.47 8.63
N ARG B 240 -5.27 21.01 9.88
CA ARG B 240 -4.12 21.22 10.73
C ARG B 240 -2.89 20.53 10.17
N VAL B 241 -3.04 19.30 9.66
CA VAL B 241 -1.92 18.57 9.08
C VAL B 241 -1.75 18.89 7.61
N ILE B 242 -2.85 18.98 6.86
CA ILE B 242 -2.81 19.29 5.44
C ILE B 242 -3.77 20.44 5.17
N PRO B 243 -3.41 21.68 5.51
CA PRO B 243 -4.33 22.80 5.29
C PRO B 243 -4.67 22.96 3.82
N VAL B 244 -5.93 23.29 3.55
CA VAL B 244 -6.41 23.53 2.19
C VAL B 244 -7.48 24.61 2.26
N LYS B 245 -7.44 25.53 1.30
CA LYS B 245 -8.45 26.59 1.26
C LYS B 245 -9.85 26.03 1.05
N LEU B 246 -9.99 25.08 0.13
CA LEU B 246 -11.29 24.48 -0.11
C LEU B 246 -11.78 23.71 1.12
N GLY B 247 -10.88 22.97 1.77
CA GLY B 247 -11.23 22.20 2.94
C GLY B 247 -11.56 20.75 2.60
N ILE B 248 -11.40 19.89 3.60
CA ILE B 248 -11.66 18.47 3.45
C ILE B 248 -13.11 18.19 3.82
N ILE B 249 -13.83 17.53 2.92
CA ILE B 249 -15.24 17.22 3.11
C ILE B 249 -15.40 15.71 3.13
N GLY B 250 -16.02 15.19 4.19
CA GLY B 250 -16.23 13.77 4.34
C GLY B 250 -17.66 13.34 4.11
N VAL B 251 -17.93 12.72 2.97
CA VAL B 251 -19.25 12.21 2.64
C VAL B 251 -19.39 10.80 3.20
N VAL B 252 -20.52 10.52 3.83
CA VAL B 252 -20.78 9.23 4.45
C VAL B 252 -21.67 8.43 3.51
N ASN B 253 -21.22 7.23 3.14
CA ASN B 253 -21.99 6.34 2.29
C ASN B 253 -22.99 5.54 3.12
N ARG B 254 -23.97 4.97 2.44
CA ARG B 254 -24.98 4.15 3.10
C ARG B 254 -24.32 3.01 3.87
N SER B 255 -25.03 2.52 4.88
CA SER B 255 -24.55 1.40 5.68
C SER B 255 -24.74 0.09 4.91
N GLN B 256 -24.15 -0.98 5.44
CA GLN B 256 -24.23 -2.28 4.76
C GLN B 256 -25.68 -2.69 4.53
N LEU B 257 -26.51 -2.61 5.57
CA LEU B 257 -27.93 -2.93 5.41
C LEU B 257 -28.59 -1.95 4.44
N ASP B 258 -28.28 -0.66 4.57
CA ASP B 258 -28.84 0.32 3.65
C ASP B 258 -28.36 0.08 2.22
N ILE B 259 -27.08 -0.26 2.06
CA ILE B 259 -26.56 -0.55 0.73
C ILE B 259 -27.30 -1.74 0.12
N ASN B 260 -27.49 -2.80 0.91
CA ASN B 260 -28.22 -3.96 0.41
C ASN B 260 -29.65 -3.60 0.04
N ASN B 261 -30.31 -2.77 0.86
CA ASN B 261 -31.68 -2.37 0.60
C ASN B 261 -31.78 -1.35 -0.54
N LYS B 262 -30.66 -0.81 -1.02
CA LYS B 262 -30.66 0.19 -2.08
C LYS B 262 -31.47 1.42 -1.65
N LYS B 263 -30.98 2.07 -0.59
CA LYS B 263 -31.68 3.21 -0.03
C LYS B 263 -31.55 4.43 -0.93
N SER B 264 -32.43 5.41 -0.70
CA SER B 264 -32.47 6.61 -1.51
C SER B 264 -31.37 7.58 -1.11
N VAL B 265 -31.15 8.59 -1.95
CA VAL B 265 -30.11 9.57 -1.68
C VAL B 265 -30.46 10.42 -0.47
N THR B 266 -31.74 10.76 -0.30
CA THR B 266 -32.15 11.55 0.86
C THR B 266 -31.87 10.79 2.16
N ASP B 267 -32.14 9.48 2.17
CA ASP B 267 -31.83 8.68 3.35
C ASP B 267 -30.32 8.64 3.58
N SER B 268 -29.53 8.59 2.51
CA SER B 268 -28.07 8.63 2.67
C SER B 268 -27.64 9.95 3.31
N ILE B 269 -28.22 11.06 2.87
CA ILE B 269 -27.87 12.36 3.45
C ILE B 269 -28.28 12.41 4.91
N ARG B 270 -29.46 11.89 5.24
CA ARG B 270 -29.89 11.87 6.63
C ARG B 270 -28.95 11.04 7.50
N ASP B 271 -28.53 9.87 7.00
CA ASP B 271 -27.58 9.05 7.75
C ASP B 271 -26.25 9.76 7.91
N GLU B 272 -25.79 10.45 6.86
CA GLU B 272 -24.54 11.20 6.95
C GLU B 272 -24.64 12.27 8.03
N TYR B 273 -25.74 13.03 8.04
CA TYR B 273 -25.91 14.05 9.06
C TYR B 273 -25.98 13.43 10.45
N ALA B 274 -26.67 12.29 10.57
CA ALA B 274 -26.76 11.62 11.87
C ALA B 274 -25.39 11.23 12.38
N PHE B 275 -24.57 10.62 11.53
CA PHE B 275 -23.23 10.22 11.96
C PHE B 275 -22.36 11.43 12.28
N LEU B 276 -22.48 12.49 11.48
CA LEU B 276 -21.69 13.69 11.75
C LEU B 276 -22.05 14.30 13.10
N GLN B 277 -23.35 14.34 13.42
CA GLN B 277 -23.75 14.80 14.73
C GLN B 277 -23.26 13.85 15.82
N LYS B 278 -23.23 12.55 15.53
CA LYS B 278 -22.71 11.59 16.50
C LYS B 278 -21.25 11.85 16.83
N LYS B 279 -20.43 12.16 15.81
CA LYS B 279 -19.00 12.28 16.00
C LYS B 279 -18.57 13.73 16.26
N TYR B 280 -18.86 14.62 15.32
CA TYR B 280 -18.46 16.03 15.43
C TYR B 280 -19.54 16.92 14.84
N PRO B 281 -20.48 17.38 15.67
CA PRO B 281 -21.53 18.27 15.15
C PRO B 281 -20.99 19.54 14.51
N SER B 282 -19.91 20.11 15.05
CA SER B 282 -19.40 21.38 14.52
C SER B 282 -18.98 21.23 13.07
N LEU B 283 -18.30 20.14 12.74
CA LEU B 283 -17.85 19.89 11.38
C LEU B 283 -18.91 19.19 10.53
N ALA B 284 -20.11 18.95 11.08
CA ALA B 284 -21.16 18.30 10.31
C ALA B 284 -21.54 19.12 9.10
N ASN B 285 -21.66 20.45 9.27
CA ASN B 285 -22.00 21.31 8.14
C ASN B 285 -20.93 21.23 7.06
N ARG B 286 -19.66 21.24 7.45
CA ARG B 286 -18.59 21.13 6.47
C ARG B 286 -18.64 19.79 5.75
N ASN B 287 -18.87 18.70 6.49
CA ASN B 287 -18.92 17.38 5.87
C ASN B 287 -20.20 17.16 5.08
N GLY B 288 -21.22 18.01 5.24
CA GLY B 288 -22.46 17.83 4.52
C GLY B 288 -22.28 18.03 3.03
N THR B 289 -23.22 17.44 2.27
CA THR B 289 -23.17 17.54 0.82
C THR B 289 -23.29 18.98 0.34
N LYS B 290 -23.85 19.87 1.16
CA LYS B 290 -23.97 21.27 0.75
C LYS B 290 -22.60 21.90 0.55
N TYR B 291 -21.66 21.63 1.46
CA TYR B 291 -20.32 22.17 1.31
C TYR B 291 -19.63 21.59 0.08
N LEU B 292 -19.86 20.31 -0.20
CA LEU B 292 -19.29 19.70 -1.40
C LEU B 292 -19.84 20.36 -2.65
N ALA B 293 -21.14 20.65 -2.67
CA ALA B 293 -21.72 21.35 -3.82
C ALA B 293 -21.14 22.75 -3.95
N ARG B 294 -20.96 23.45 -2.83
CA ARG B 294 -20.35 24.77 -2.88
C ARG B 294 -18.94 24.71 -3.44
N THR B 295 -18.16 23.72 -3.00
CA THR B 295 -16.80 23.57 -3.48
C THR B 295 -16.78 23.25 -4.98
N LEU B 296 -17.69 22.40 -5.44
CA LEU B 296 -17.77 22.10 -6.87
C LEU B 296 -18.13 23.35 -7.67
N ASN B 297 -19.07 24.15 -7.16
CA ASN B 297 -19.44 25.38 -7.86
C ASN B 297 -18.25 26.34 -7.91
N ARG B 298 -17.52 26.47 -6.81
CA ARG B 298 -16.35 27.35 -6.80
C ARG B 298 -15.29 26.86 -7.78
N LEU B 299 -15.07 25.55 -7.83
CA LEU B 299 -14.08 25.00 -8.78
C LEU B 299 -14.51 25.26 -10.21
N LEU B 300 -15.79 25.07 -10.52
CA LEU B 300 -16.28 25.34 -11.87
C LEU B 300 -16.11 26.82 -12.23
N MET B 301 -16.45 27.71 -11.30
CA MET B 301 -16.31 29.14 -11.57
C MET B 301 -14.85 29.51 -11.79
N HIS B 302 -13.95 28.97 -10.97
CA HIS B 302 -12.53 29.27 -11.14
C HIS B 302 -12.01 28.74 -12.47
N HIS B 303 -12.41 27.52 -12.84
CA HIS B 303 -11.95 26.95 -14.11
C HIS B 303 -12.44 27.78 -15.29
N ILE B 304 -13.72 28.20 -15.25
CA ILE B 304 -14.26 29.00 -16.34
C ILE B 304 -13.59 30.37 -16.38
N ARG B 305 -13.26 30.92 -15.21
CA ARG B 305 -12.65 32.24 -15.14
C ARG B 305 -11.25 32.26 -15.76
N ASP B 306 -10.62 31.10 -15.94
CA ASP B 306 -9.27 31.07 -16.49
C ASP B 306 -9.23 31.64 -17.90
N CYS B 307 -10.22 31.30 -18.72
CA CYS B 307 -10.27 31.75 -20.11
C CYS B 307 -10.99 33.09 -20.28
N LEU B 308 -11.62 33.61 -19.23
CA LEU B 308 -12.35 34.86 -19.37
C LEU B 308 -11.49 36.02 -19.88
N PRO B 309 -10.25 36.21 -19.42
CA PRO B 309 -9.45 37.31 -19.97
C PRO B 309 -9.28 37.25 -21.48
N GLU B 310 -9.10 36.05 -22.04
CA GLU B 310 -8.97 35.92 -23.49
C GLU B 310 -10.25 36.35 -24.20
N LEU B 311 -11.41 35.93 -23.67
CA LEU B 311 -12.67 36.34 -24.27
C LEU B 311 -12.86 37.85 -24.17
N LYS B 312 -12.48 38.44 -23.03
CA LYS B 312 -12.60 39.89 -22.88
C LYS B 312 -11.71 40.62 -23.89
N THR B 313 -10.48 40.15 -24.05
CA THR B 313 -9.58 40.77 -25.03
C THR B 313 -10.14 40.64 -26.44
N ARG B 314 -10.66 39.47 -26.79
CA ARG B 314 -11.25 39.29 -28.11
C ARG B 314 -12.44 40.21 -28.33
N ILE B 315 -13.28 40.35 -27.30
CA ILE B 315 -14.45 41.22 -27.41
C ILE B 315 -14.01 42.67 -27.58
N ASN B 316 -12.98 43.08 -26.84
CA ASN B 316 -12.48 44.45 -26.99
C ASN B 316 -11.93 44.68 -28.39
N VAL B 317 -11.18 43.71 -28.92
CA VAL B 317 -10.64 43.86 -30.27
C VAL B 317 -11.77 43.95 -31.28
N LEU B 318 -12.79 43.10 -31.15
CA LEU B 318 -13.92 43.14 -32.07
C LEU B 318 -14.65 44.47 -31.98
N ALA B 319 -14.84 44.99 -30.77
CA ALA B 319 -15.51 46.28 -30.61
C ALA B 319 -14.70 47.39 -31.26
N ALA B 320 -13.37 47.37 -31.09
CA ALA B 320 -12.54 48.39 -31.72
C ALA B 320 -12.63 48.29 -33.23
N GLN B 321 -12.59 47.08 -33.78
CA GLN B 321 -12.71 46.91 -35.23
C GLN B 321 -14.06 47.41 -35.74
N TYR B 322 -15.14 47.09 -35.01
CA TYR B 322 -16.46 47.56 -35.43
C TYR B 322 -16.54 49.08 -35.38
N GLN B 323 -15.97 49.70 -34.34
CA GLN B 323 -15.97 51.15 -34.25
C GLN B 323 -15.19 51.77 -35.41
N SER B 324 -14.03 51.18 -35.74
CA SER B 324 -13.25 51.69 -36.87
C SER B 324 -14.02 51.55 -38.17
N LEU B 325 -14.71 50.43 -38.38
CA LEU B 325 -15.43 50.21 -39.62
C LEU B 325 -16.66 51.09 -39.73
N LEU B 326 -17.30 51.42 -38.61
CA LEU B 326 -18.52 52.22 -38.65
C LEU B 326 -18.26 53.59 -39.26
N ASN B 327 -17.12 54.22 -38.91
CA ASN B 327 -16.83 55.54 -39.43
C ASN B 327 -16.73 55.54 -40.95
N SER B 328 -16.35 54.40 -41.55
CA SER B 328 -16.23 54.30 -43.00
C SER B 328 -17.61 53.96 -43.58
N TYR B 329 -18.44 54.99 -43.67
CA TYR B 329 -19.79 54.83 -44.21
C TYR B 329 -20.13 55.96 -45.16
N LYS B 336 -33.53 69.41 -45.56
CA LYS B 336 -33.38 68.86 -46.90
C LYS B 336 -32.94 69.95 -47.89
N SER B 337 -33.55 71.13 -47.77
CA SER B 337 -33.19 72.22 -48.66
C SER B 337 -31.74 72.64 -48.47
N ALA B 338 -31.29 72.72 -47.22
CA ALA B 338 -29.90 73.08 -46.96
C ALA B 338 -28.94 72.03 -47.52
N THR B 339 -29.27 70.75 -47.34
CA THR B 339 -28.42 69.69 -47.88
C THR B 339 -28.37 69.75 -49.40
N LEU B 340 -29.51 69.98 -50.05
CA LEU B 340 -29.53 70.09 -51.50
C LEU B 340 -28.71 71.28 -51.97
N LEU B 341 -28.82 72.42 -51.28
CA LEU B 341 -28.04 73.59 -51.65
C LEU B 341 -26.55 73.32 -51.50
N GLN B 342 -26.15 72.67 -50.41
CA GLN B 342 -24.75 72.35 -50.20
C GLN B 342 -24.24 71.40 -51.29
N LEU B 343 -25.05 70.40 -51.64
CA LEU B 343 -24.65 69.47 -52.70
C LEU B 343 -24.49 70.18 -54.02
N ILE B 344 -25.42 71.09 -54.35
CA ILE B 344 -25.33 71.84 -55.59
C ILE B 344 -24.08 72.71 -55.60
N THR B 345 -23.78 73.36 -54.47
CA THR B 345 -22.59 74.20 -54.39
C THR B 345 -21.32 73.36 -54.57
N LYS B 346 -21.28 72.19 -53.93
CA LYS B 346 -20.11 71.33 -54.07
C LYS B 346 -19.94 70.85 -55.51
N PHE B 347 -21.06 70.48 -56.16
CA PHE B 347 -20.97 70.06 -57.55
C PHE B 347 -20.49 71.19 -58.44
N ALA B 348 -20.99 72.40 -58.21
CA ALA B 348 -20.54 73.55 -58.99
C ALA B 348 -19.05 73.81 -58.78
N THR B 349 -18.58 73.71 -57.54
CA THR B 349 -17.17 73.91 -57.26
C THR B 349 -16.32 72.85 -57.95
N GLU B 350 -16.76 71.59 -57.92
CA GLU B 350 -16.02 70.53 -58.60
C GLU B 350 -15.99 70.77 -60.10
N TYR B 351 -17.11 71.21 -60.67
CA TYR B 351 -17.15 71.49 -62.11
C TYR B 351 -16.21 72.64 -62.46
N CYS B 352 -16.17 73.68 -61.63
CA CYS B 352 -15.24 74.78 -61.87
C CYS B 352 -13.80 74.31 -61.77
N ASN B 353 -13.50 73.46 -60.79
CA ASN B 353 -12.14 72.94 -60.66
C ASN B 353 -11.76 72.12 -61.88
N THR B 354 -12.68 71.29 -62.38
CA THR B 354 -12.41 70.53 -63.59
C THR B 354 -12.18 71.45 -64.78
N ILE B 355 -12.95 72.54 -64.87
CA ILE B 355 -12.75 73.52 -65.93
C ILE B 355 -11.36 74.11 -65.85
N GLU B 356 -10.91 74.45 -64.64
CA GLU B 356 -9.61 75.06 -64.44
C GLU B 356 -8.48 74.02 -64.39
N GLY B 357 -8.79 72.73 -64.51
CA GLY B 357 -7.77 71.71 -64.47
C GLY B 357 -7.39 71.26 -63.08
N THR B 358 -8.09 71.72 -62.04
CA THR B 358 -7.81 71.35 -60.66
C THR B 358 -8.78 70.29 -60.15
N ALA B 359 -9.20 69.36 -61.01
CA ALA B 359 -10.14 68.33 -60.61
C ALA B 359 -9.55 67.48 -59.49
N LYS B 360 -10.40 67.12 -58.53
CA LYS B 360 -9.94 66.32 -57.40
C LYS B 360 -9.46 64.95 -57.86
N TYR B 361 -10.17 64.34 -58.80
CA TYR B 361 -9.83 63.01 -59.31
C TYR B 361 -9.60 63.09 -60.82
N ILE B 362 -8.57 62.39 -61.28
CA ILE B 362 -8.17 62.38 -62.68
C ILE B 362 -8.56 61.04 -63.28
N GLU B 363 -9.21 61.08 -64.44
CA GLU B 363 -9.63 59.87 -65.15
C GLU B 363 -8.43 59.31 -65.90
N THR B 364 -7.66 58.44 -65.23
CA THR B 364 -6.49 57.86 -65.85
C THR B 364 -6.85 56.87 -66.96
N SER B 365 -8.11 56.43 -67.03
CA SER B 365 -8.51 55.48 -68.06
C SER B 365 -8.35 56.09 -69.45
N GLU B 366 -8.75 57.35 -69.62
CA GLU B 366 -8.66 58.02 -70.91
C GLU B 366 -8.55 59.52 -70.68
N LEU B 367 -8.12 60.22 -71.72
CA LEU B 367 -7.98 61.67 -71.64
C LEU B 367 -9.33 62.30 -71.35
N CYS B 368 -9.34 63.24 -70.40
CA CYS B 368 -10.56 63.91 -70.00
C CYS B 368 -10.22 65.27 -69.40
N GLY B 369 -11.22 66.14 -69.37
CA GLY B 369 -11.03 67.46 -68.78
C GLY B 369 -10.36 68.43 -69.75
N GLY B 370 -9.67 69.41 -69.17
CA GLY B 370 -9.02 70.42 -70.00
C GLY B 370 -7.98 69.85 -70.95
N ALA B 371 -7.28 68.80 -70.52
CA ALA B 371 -6.24 68.20 -71.36
C ALA B 371 -6.84 67.68 -72.66
N ARG B 372 -7.96 66.95 -72.57
CA ARG B 372 -8.59 66.43 -73.78
C ARG B 372 -9.12 67.56 -74.65
N ILE B 373 -9.67 68.61 -74.03
CA ILE B 373 -10.17 69.74 -74.80
C ILE B 373 -9.04 70.39 -75.59
N CYS B 374 -7.89 70.60 -74.94
CA CYS B 374 -6.75 71.20 -75.63
C CYS B 374 -6.24 70.27 -76.73
N TYR B 375 -6.17 68.97 -76.45
CA TYR B 375 -5.69 68.03 -77.46
C TYR B 375 -6.60 68.06 -78.69
N ILE B 376 -7.91 68.10 -78.48
CA ILE B 376 -8.85 68.20 -79.60
C ILE B 376 -8.60 69.50 -80.36
N PHE B 377 -8.69 70.63 -79.64
CA PHE B 377 -8.59 71.94 -80.29
C PHE B 377 -7.28 72.08 -81.06
N HIS B 378 -6.24 71.36 -80.67
CA HIS B 378 -4.99 71.44 -81.41
C HIS B 378 -4.96 70.45 -82.58
N GLU B 379 -5.03 69.15 -82.28
CA GLU B 379 -4.85 68.14 -83.31
C GLU B 379 -5.97 68.20 -84.35
N THR B 380 -7.23 68.15 -83.90
CA THR B 380 -8.33 68.11 -84.85
C THR B 380 -8.40 69.38 -85.68
N PHE B 381 -8.21 70.53 -85.01
CA PHE B 381 -8.27 71.80 -85.74
C PHE B 381 -7.15 71.89 -86.77
N GLY B 382 -5.93 71.51 -86.40
CA GLY B 382 -4.84 71.55 -87.37
C GLY B 382 -5.07 70.60 -88.53
N ARG B 383 -5.54 69.39 -88.25
CA ARG B 383 -5.81 68.44 -89.33
C ARG B 383 -6.89 68.96 -90.26
N THR B 384 -7.96 69.53 -89.70
CA THR B 384 -9.03 70.08 -90.53
C THR B 384 -8.52 71.23 -91.38
N LEU B 385 -7.72 72.13 -90.81
CA LEU B 385 -7.19 73.24 -91.58
C LEU B 385 -6.29 72.76 -92.71
N GLU B 386 -5.42 71.79 -92.42
CA GLU B 386 -4.52 71.28 -93.44
C GLU B 386 -5.29 70.57 -94.55
N SER B 387 -6.31 69.79 -94.19
CA SER B 387 -7.05 69.01 -95.17
C SER B 387 -7.93 69.88 -96.07
N VAL B 388 -8.27 71.10 -95.63
CA VAL B 388 -9.14 71.96 -96.42
C VAL B 388 -8.38 72.45 -97.64
N ASP B 389 -8.92 72.16 -98.82
CA ASP B 389 -8.31 72.63 -100.07
C ASP B 389 -8.71 74.08 -100.32
N PRO B 390 -7.76 75.01 -100.47
CA PRO B 390 -8.16 76.41 -100.71
C PRO B 390 -9.01 76.57 -101.96
N LEU B 391 -8.79 75.75 -102.98
CA LEU B 391 -9.57 75.79 -104.22
C LEU B 391 -10.14 74.41 -104.52
N GLY B 392 -10.71 73.77 -103.51
CA GLY B 392 -11.28 72.45 -103.67
C GLY B 392 -12.47 72.43 -104.60
N GLY B 393 -12.28 71.88 -105.80
CA GLY B 393 -13.35 71.79 -106.78
C GLY B 393 -13.29 72.89 -107.82
N LEU B 394 -12.86 72.55 -109.02
CA LEU B 394 -12.78 73.52 -110.11
C LEU B 394 -12.96 72.79 -111.44
N ASN B 395 -13.34 73.56 -112.46
CA ASN B 395 -13.54 73.03 -113.81
C ASN B 395 -13.02 74.07 -114.80
N THR B 396 -11.88 73.77 -115.43
CA THR B 396 -11.30 74.72 -116.37
C THR B 396 -12.23 74.96 -117.55
N ILE B 397 -12.86 73.90 -118.06
CA ILE B 397 -13.76 74.04 -119.19
C ILE B 397 -14.94 74.93 -118.82
N ASP B 398 -15.51 74.70 -117.64
CA ASP B 398 -16.65 75.52 -117.21
C ASP B 398 -16.25 76.98 -117.05
N ILE B 399 -15.09 77.24 -116.47
CA ILE B 399 -14.64 78.62 -116.30
C ILE B 399 -14.42 79.28 -117.65
N LEU B 400 -13.81 78.56 -118.59
CA LEU B 400 -13.59 79.12 -119.92
C LEU B 400 -14.92 79.42 -120.61
N THR B 401 -15.87 78.50 -120.51
CA THR B 401 -17.18 78.73 -121.12
C THR B 401 -17.88 79.94 -120.51
N ALA B 402 -17.81 80.07 -119.18
CA ALA B 402 -18.42 81.21 -118.52
C ALA B 402 -17.76 82.51 -118.96
N ILE B 403 -16.44 82.54 -119.06
CA ILE B 403 -15.74 83.74 -119.50
C ILE B 403 -16.13 84.09 -120.93
N ARG B 404 -16.19 83.09 -121.81
CA ARG B 404 -16.58 83.36 -123.19
C ARG B 404 -18.00 83.89 -123.27
N ASN B 405 -18.92 83.31 -122.49
CA ASN B 405 -20.30 83.80 -122.49
C ASN B 405 -20.38 85.23 -121.98
N ALA B 406 -19.64 85.53 -120.91
CA ALA B 406 -19.66 86.90 -120.38
C ALA B 406 -19.10 87.89 -121.39
N THR B 407 -18.00 87.53 -122.06
CA THR B 407 -17.41 88.43 -123.04
C THR B 407 -18.37 88.68 -124.20
N GLY B 408 -19.01 87.63 -124.70
CA GLY B 408 -19.94 87.75 -125.79
C GLY B 408 -19.26 88.20 -127.08
N PRO B 409 -20.05 88.67 -128.05
CA PRO B 409 -19.48 89.18 -129.31
C PRO B 409 -18.96 90.61 -129.19
N ARG B 410 -18.10 90.83 -128.21
CA ARG B 410 -17.52 92.13 -127.91
C ARG B 410 -16.02 91.98 -127.70
N PRO B 411 -15.24 93.04 -127.91
CA PRO B 411 -13.80 92.95 -127.68
C PRO B 411 -13.49 92.66 -126.23
N ALA B 412 -12.38 91.94 -126.02
CA ALA B 412 -11.99 91.57 -124.66
C ALA B 412 -11.75 92.80 -123.81
N LEU B 413 -12.18 92.72 -122.54
CA LEU B 413 -12.04 93.82 -121.60
C LEU B 413 -11.55 93.27 -120.27
N PHE B 414 -10.96 94.16 -119.47
CA PHE B 414 -10.43 93.75 -118.18
C PHE B 414 -11.54 93.18 -117.29
N VAL B 415 -11.21 92.11 -116.58
CA VAL B 415 -12.18 91.45 -115.71
C VAL B 415 -12.33 92.28 -114.43
N PRO B 416 -13.55 92.68 -114.06
CA PRO B 416 -13.71 93.45 -112.83
C PRO B 416 -13.34 92.64 -111.59
N GLU B 417 -12.87 93.35 -110.56
CA GLU B 417 -12.46 92.70 -109.32
C GLU B 417 -13.64 92.16 -108.53
N VAL B 418 -14.88 92.47 -108.91
CA VAL B 418 -16.03 91.96 -108.17
C VAL B 418 -16.09 90.44 -108.26
N SER B 419 -15.53 89.86 -109.33
CA SER B 419 -15.53 88.42 -109.47
C SER B 419 -14.77 87.76 -108.33
N PHE B 420 -13.61 88.31 -107.96
CA PHE B 420 -12.84 87.76 -106.85
C PHE B 420 -13.63 87.82 -105.55
N GLU B 421 -14.30 88.95 -105.29
CA GLU B 421 -15.08 89.08 -104.07
C GLU B 421 -16.23 88.08 -104.05
N LEU B 422 -16.89 87.89 -105.18
CA LEU B 422 -17.97 86.91 -105.24
C LEU B 422 -17.45 85.50 -105.03
N LEU B 423 -16.31 85.17 -105.62
CA LEU B 423 -15.78 83.81 -105.53
C LEU B 423 -15.30 83.47 -104.12
N VAL B 424 -14.62 84.43 -103.46
CA VAL B 424 -14.05 84.14 -102.15
C VAL B 424 -15.12 83.84 -101.11
N LYS B 425 -16.37 84.25 -101.37
CA LYS B 425 -17.44 83.97 -100.42
C LYS B 425 -17.66 82.46 -100.25
N ARG B 426 -17.65 81.72 -101.35
CA ARG B 426 -17.81 80.27 -101.26
C ARG B 426 -16.66 79.64 -100.50
N GLN B 427 -15.43 80.07 -100.77
CA GLN B 427 -14.28 79.51 -100.07
C GLN B 427 -14.37 79.78 -98.58
N ILE B 428 -14.78 80.99 -98.20
CA ILE B 428 -14.93 81.31 -96.78
C ILE B 428 -16.03 80.47 -96.16
N LYS B 429 -17.16 80.32 -96.85
CA LYS B 429 -18.27 79.55 -96.30
C LYS B 429 -17.90 78.07 -96.17
N ARG B 430 -16.98 77.59 -96.99
CA ARG B 430 -16.58 76.18 -96.92
C ARG B 430 -15.98 75.82 -95.56
N LEU B 431 -15.55 76.81 -94.78
CA LEU B 431 -14.94 76.58 -93.48
C LEU B 431 -15.98 76.46 -92.36
N GLU B 432 -17.27 76.51 -92.67
CA GLU B 432 -18.29 76.43 -91.64
C GLU B 432 -18.40 75.02 -91.07
N GLU B 433 -18.40 74.00 -91.94
CA GLU B 433 -18.59 72.63 -91.47
C GLU B 433 -17.54 72.19 -90.46
N PRO B 434 -16.25 72.47 -90.65
CA PRO B 434 -15.28 72.12 -89.59
C PRO B 434 -15.61 72.75 -88.25
N SER B 435 -16.14 73.98 -88.26
CA SER B 435 -16.54 74.60 -87.00
C SER B 435 -17.65 73.81 -86.32
N LEU B 436 -18.65 73.36 -87.09
CA LEU B 436 -19.72 72.56 -86.52
C LEU B 436 -19.19 71.24 -85.98
N ARG B 437 -18.28 70.60 -86.72
CA ARG B 437 -17.70 69.35 -86.24
C ARG B 437 -16.93 69.56 -84.94
N CYS B 438 -16.17 70.66 -84.86
CA CYS B 438 -15.45 70.97 -83.63
C CYS B 438 -16.42 71.22 -82.48
N VAL B 439 -17.52 71.91 -82.76
CA VAL B 439 -18.52 72.16 -81.71
C VAL B 439 -19.11 70.85 -81.22
N GLU B 440 -19.41 69.93 -82.13
CA GLU B 440 -19.94 68.63 -81.72
C GLU B 440 -18.93 67.86 -80.89
N LEU B 441 -17.66 67.90 -81.30
CA LEU B 441 -16.62 67.22 -80.53
C LEU B 441 -16.49 67.82 -79.14
N VAL B 442 -16.57 69.15 -79.03
CA VAL B 442 -16.49 69.80 -77.73
C VAL B 442 -17.69 69.42 -76.87
N HIS B 443 -18.87 69.31 -77.49
CA HIS B 443 -20.05 68.87 -76.74
C HIS B 443 -19.87 67.45 -76.22
N GLU B 444 -19.33 66.55 -77.04
CA GLU B 444 -19.07 65.19 -76.59
C GLU B 444 -18.05 65.18 -75.45
N GLU B 445 -17.01 66.01 -75.55
CA GLU B 445 -16.03 66.09 -74.49
C GLU B 445 -16.65 66.62 -73.20
N MET B 446 -17.55 67.60 -73.32
CA MET B 446 -18.24 68.11 -72.14
C MET B 446 -19.09 67.02 -71.50
N GLN B 447 -19.78 66.22 -72.32
CA GLN B 447 -20.55 65.10 -71.77
C GLN B 447 -19.66 64.11 -71.06
N ARG B 448 -18.50 63.80 -71.65
CA ARG B 448 -17.55 62.88 -71.00
C ARG B 448 -17.06 63.46 -69.68
N ILE B 449 -16.77 64.75 -69.64
CA ILE B 449 -16.31 65.40 -68.41
C ILE B 449 -17.40 65.34 -67.35
N ILE B 450 -18.65 65.56 -67.75
CA ILE B 450 -19.76 65.49 -66.80
C ILE B 450 -19.88 64.08 -66.24
N GLN B 451 -19.78 63.07 -67.11
CA GLN B 451 -19.84 61.69 -66.63
C GLN B 451 -18.70 61.39 -65.66
N HIS B 452 -17.49 61.84 -65.99
CA HIS B 452 -16.35 61.63 -65.10
C HIS B 452 -16.57 62.29 -63.75
N CYS B 453 -17.08 63.53 -63.76
CA CYS B 453 -17.32 64.24 -62.51
C CYS B 453 -18.37 63.53 -61.68
N SER B 454 -19.42 63.02 -62.32
CA SER B 454 -20.48 62.33 -61.58
C SER B 454 -20.01 60.97 -61.07
N ASN B 455 -19.05 60.35 -61.75
CA ASN B 455 -18.62 59.00 -61.39
C ASN B 455 -17.49 58.99 -60.38
N TYR B 456 -16.35 59.59 -60.72
CA TYR B 456 -15.14 59.48 -59.92
C TYR B 456 -14.85 60.71 -59.06
N SER B 457 -15.16 61.91 -59.56
CA SER B 457 -14.79 63.11 -58.82
C SER B 457 -15.49 63.16 -57.47
N THR B 458 -16.77 62.82 -57.42
CA THR B 458 -17.55 62.85 -56.18
C THR B 458 -18.41 61.61 -56.11
N GLN B 459 -18.19 60.79 -55.08
CA GLN B 459 -19.01 59.60 -54.85
C GLN B 459 -20.33 59.92 -54.15
N GLU B 460 -20.47 61.13 -53.59
CA GLU B 460 -21.72 61.49 -52.93
C GLU B 460 -22.88 61.51 -53.93
N LEU B 461 -22.64 62.02 -55.13
CA LEU B 461 -23.70 62.09 -56.13
C LEU B 461 -24.21 60.70 -56.49
N LEU B 462 -23.30 59.73 -56.62
CA LEU B 462 -23.72 58.38 -56.95
C LEU B 462 -24.64 57.81 -55.87
N ARG B 463 -24.53 58.29 -54.63
CA ARG B 463 -25.41 57.84 -53.58
C ARG B 463 -26.87 58.24 -53.82
N PHE B 464 -27.12 59.16 -54.74
CA PHE B 464 -28.46 59.61 -55.09
C PHE B 464 -28.63 59.49 -56.59
N PRO B 465 -28.96 58.29 -57.10
CA PRO B 465 -29.07 58.13 -58.55
C PRO B 465 -30.10 59.06 -59.19
N LYS B 466 -31.20 59.33 -58.49
CA LYS B 466 -32.18 60.27 -59.03
C LYS B 466 -31.58 61.67 -59.18
N LEU B 467 -30.81 62.10 -58.18
CA LEU B 467 -30.14 63.40 -58.28
C LEU B 467 -29.15 63.41 -59.43
N HIS B 468 -28.41 62.32 -59.61
CA HIS B 468 -27.47 62.23 -60.73
C HIS B 468 -28.20 62.36 -62.06
N ASP B 469 -29.32 61.65 -62.22
CA ASP B 469 -30.08 61.72 -63.45
C ASP B 469 -30.62 63.12 -63.69
N ALA B 470 -31.14 63.76 -62.64
CA ALA B 470 -31.67 65.11 -62.77
C ALA B 470 -30.58 66.09 -63.18
N ILE B 471 -29.40 65.99 -62.56
CA ILE B 471 -28.30 66.89 -62.90
C ILE B 471 -27.85 66.66 -64.34
N VAL B 472 -27.74 65.40 -64.75
CA VAL B 472 -27.34 65.11 -66.13
C VAL B 472 -28.35 65.69 -67.11
N GLU B 473 -29.65 65.50 -66.83
CA GLU B 473 -30.67 66.04 -67.72
C GLU B 473 -30.61 67.55 -67.79
N VAL B 474 -30.42 68.21 -66.64
CA VAL B 474 -30.35 69.67 -66.63
C VAL B 474 -29.15 70.16 -67.43
N VAL B 475 -28.00 69.52 -67.24
CA VAL B 475 -26.80 69.94 -67.95
C VAL B 475 -26.96 69.71 -69.45
N THR B 476 -27.55 68.58 -69.83
CA THR B 476 -27.78 68.31 -71.25
C THR B 476 -28.71 69.34 -71.86
N CYS B 477 -29.78 69.70 -71.14
CA CYS B 477 -30.69 70.72 -71.64
C CYS B 477 -29.99 72.06 -71.80
N LEU B 478 -29.16 72.42 -70.82
CA LEU B 478 -28.42 73.68 -70.91
C LEU B 478 -27.48 73.67 -72.11
N LEU B 479 -26.77 72.56 -72.33
CA LEU B 479 -25.86 72.48 -73.47
C LEU B 479 -26.63 72.56 -74.78
N ARG B 480 -27.77 71.88 -74.87
CA ARG B 480 -28.57 71.95 -76.08
C ARG B 480 -29.07 73.38 -76.34
N LYS B 481 -29.47 74.07 -75.28
CA LYS B 481 -29.92 75.46 -75.42
C LYS B 481 -28.78 76.36 -75.87
N ARG B 482 -27.58 76.15 -75.33
CA ARG B 482 -26.44 76.98 -75.70
C ARG B 482 -25.89 76.67 -77.08
N LEU B 483 -26.12 75.45 -77.59
CA LEU B 483 -25.58 75.08 -78.90
C LEU B 483 -26.01 76.04 -79.99
N PRO B 484 -27.29 76.38 -80.16
CA PRO B 484 -27.66 77.36 -81.20
C PRO B 484 -27.01 78.72 -80.98
N VAL B 485 -26.81 79.13 -79.73
CA VAL B 485 -26.13 80.41 -79.48
C VAL B 485 -24.70 80.36 -79.99
N THR B 486 -23.99 79.26 -79.71
CA THR B 486 -22.63 79.12 -80.20
C THR B 486 -22.59 79.08 -81.72
N ASN B 487 -23.54 78.38 -82.34
CA ASN B 487 -23.59 78.33 -83.79
C ASN B 487 -23.82 79.71 -84.39
N GLU B 488 -24.74 80.48 -83.80
CA GLU B 488 -25.00 81.83 -84.28
C GLU B 488 -23.78 82.72 -84.11
N MET B 489 -23.08 82.58 -82.98
CA MET B 489 -21.87 83.37 -82.78
C MET B 489 -20.81 83.03 -83.81
N VAL B 490 -20.63 81.74 -84.09
CA VAL B 490 -19.65 81.32 -85.10
C VAL B 490 -20.04 81.86 -86.47
N HIS B 491 -21.33 81.79 -86.81
CA HIS B 491 -21.78 82.31 -88.09
C HIS B 491 -21.53 83.81 -88.20
N ASN B 492 -21.80 84.56 -87.14
CA ASN B 492 -21.54 85.99 -87.15
C ASN B 492 -20.06 86.28 -87.30
N LEU B 493 -19.21 85.53 -86.60
CA LEU B 493 -17.77 85.72 -86.73
C LEU B 493 -17.31 85.45 -88.16
N VAL B 494 -17.84 84.40 -88.78
CA VAL B 494 -17.48 84.10 -90.16
C VAL B 494 -17.95 85.21 -91.09
N ALA B 495 -19.17 85.70 -90.89
CA ALA B 495 -19.72 86.72 -91.78
C ALA B 495 -19.11 88.09 -91.56
N ILE B 496 -18.43 88.32 -90.43
CA ILE B 496 -17.78 89.60 -90.21
C ILE B 496 -16.77 89.89 -91.32
N GLU B 497 -16.03 88.86 -91.76
CA GLU B 497 -15.05 89.05 -92.81
C GLU B 497 -15.72 89.52 -94.10
N LEU B 498 -16.85 88.92 -94.46
CA LEU B 498 -17.57 89.30 -95.66
C LEU B 498 -18.40 90.56 -95.49
N ALA B 499 -18.53 91.07 -94.27
CA ALA B 499 -19.36 92.25 -94.05
C ALA B 499 -18.86 93.45 -94.84
N TYR B 500 -17.55 93.66 -94.88
CA TYR B 500 -16.96 94.80 -95.58
C TYR B 500 -15.75 94.33 -96.35
N ILE B 501 -15.82 94.41 -97.68
CA ILE B 501 -14.70 94.08 -98.56
C ILE B 501 -14.47 95.25 -99.49
N ASN B 502 -13.25 95.75 -99.53
CA ASN B 502 -12.91 96.90 -100.36
C ASN B 502 -11.47 96.76 -100.83
N THR B 503 -11.18 97.39 -101.98
CA THR B 503 -9.82 97.36 -102.51
C THR B 503 -8.86 98.09 -101.59
N LYS B 504 -9.34 99.08 -100.85
CA LYS B 504 -8.49 99.84 -99.93
C LYS B 504 -8.03 99.02 -98.74
N HIS B 505 -8.60 97.83 -98.53
CA HIS B 505 -8.21 97.02 -97.38
C HIS B 505 -6.73 96.63 -97.51
N PRO B 506 -5.95 96.74 -96.44
CA PRO B 506 -4.51 96.45 -96.56
C PRO B 506 -4.21 95.03 -97.03
N ASP B 507 -5.03 94.05 -96.65
CA ASP B 507 -4.77 92.68 -97.05
C ASP B 507 -4.83 92.52 -98.57
N PHE B 508 -5.83 93.15 -99.21
CA PHE B 508 -5.94 93.04 -100.66
C PHE B 508 -4.74 93.68 -101.34
N ALA B 509 -4.31 94.85 -100.86
CA ALA B 509 -3.14 95.51 -101.45
C ALA B 509 -1.89 94.65 -101.27
N ASP B 510 -1.72 94.06 -100.09
CA ASP B 510 -0.56 93.20 -99.86
C ASP B 510 -0.59 91.98 -100.78
N ALA B 511 -1.76 91.38 -100.96
CA ALA B 511 -1.87 90.24 -101.86
C ALA B 511 -1.55 90.64 -103.29
N CYS B 512 -2.05 91.79 -103.73
CA CYS B 512 -1.73 92.25 -105.09
C CYS B 512 -0.24 92.50 -105.25
N GLY B 513 0.40 93.11 -104.25
CA GLY B 513 1.82 93.34 -104.32
C GLY B 513 2.61 92.04 -104.38
N LEU B 514 2.22 91.07 -103.56
CA LEU B 514 2.91 89.78 -103.57
C LEU B 514 2.74 89.09 -104.92
N MET B 515 1.54 89.13 -105.49
CA MET B 515 1.32 88.53 -106.80
C MET B 515 2.15 89.21 -107.87
N ASN B 516 2.21 90.55 -107.83
CA ASN B 516 3.02 91.27 -108.81
C ASN B 516 4.49 90.92 -108.66
N ASN B 517 4.98 90.83 -107.42
CA ASN B 517 6.38 90.46 -107.22
C ASN B 517 6.67 89.05 -107.74
N ASN B 518 5.75 88.11 -107.47
CA ASN B 518 5.94 86.75 -107.98
C ASN B 518 5.95 86.73 -109.50
N ILE B 519 5.05 87.48 -110.14
CA ILE B 519 5.00 87.52 -111.59
C ILE B 519 6.30 88.10 -112.14
N GLU B 520 6.80 89.18 -111.54
CA GLU B 520 8.05 89.78 -111.99
C GLU B 520 9.21 88.80 -111.82
N GLU B 521 9.25 88.10 -110.70
CA GLU B 521 10.32 87.13 -110.48
C GLU B 521 10.26 86.01 -111.50
N GLN B 522 9.07 85.51 -111.80
CA GLN B 522 8.93 84.45 -112.80
C GLN B 522 9.37 84.95 -114.17
N ARG B 523 8.97 86.18 -114.54
CA ARG B 523 9.38 86.72 -115.83
C ARG B 523 10.89 86.87 -115.91
N ARG B 524 11.52 87.35 -114.83
CA ARG B 524 12.97 87.47 -114.82
C ARG B 524 13.64 86.11 -114.94
N ASN B 525 13.12 85.10 -114.23
CA ASN B 525 13.71 83.77 -114.29
C ASN B 525 13.53 83.13 -115.66
N ARG B 526 12.45 83.48 -116.37
CA ARG B 526 12.22 82.90 -117.70
C ARG B 526 13.35 83.23 -118.68
N LEU B 527 14.13 84.27 -118.41
CA LEU B 527 15.25 84.68 -119.26
C LEU B 527 16.53 84.75 -118.45
N ALA B 528 16.78 83.72 -117.65
CA ALA B 528 17.96 83.66 -116.79
C ALA B 528 18.75 82.38 -117.03
N ARG B 529 18.74 81.88 -118.27
CA ARG B 529 19.48 80.67 -118.63
C ARG B 529 20.90 81.03 -119.11
N GLU B 530 21.62 81.80 -118.30
CA GLU B 530 22.99 82.17 -118.63
C GLU B 530 23.07 82.82 -120.00
N LEU B 531 24.29 82.96 -120.53
CA LEU B 531 24.50 83.52 -121.85
C LEU B 531 25.82 83.01 -122.39
N PRO B 532 26.00 82.97 -123.72
CA PRO B 532 27.25 82.49 -124.30
C PRO B 532 28.40 83.49 -124.15
N LEU B 632 26.20 81.72 -131.96
CA LEU B 632 25.77 80.40 -131.52
C LEU B 632 24.34 80.44 -131.01
N LEU B 633 23.97 81.56 -130.38
CA LEU B 633 22.64 81.77 -129.83
C LEU B 633 21.93 82.86 -130.63
N ASP B 634 20.75 82.52 -131.14
CA ASP B 634 19.96 83.49 -131.92
C ASP B 634 18.52 83.02 -131.92
N VAL B 635 17.63 83.83 -131.34
CA VAL B 635 16.22 83.49 -131.25
C VAL B 635 15.39 84.76 -131.35
N PRO B 636 15.20 85.32 -132.56
CA PRO B 636 14.39 86.53 -132.69
C PRO B 636 12.94 86.27 -132.31
N VAL B 637 12.29 87.32 -131.80
CA VAL B 637 10.90 87.23 -131.36
C VAL B 637 10.80 86.15 -130.29
N PRO B 638 11.36 86.37 -129.10
CA PRO B 638 11.31 85.33 -128.07
C PRO B 638 9.87 85.00 -127.67
N VAL B 639 9.66 83.73 -127.34
CA VAL B 639 8.33 83.27 -126.94
C VAL B 639 7.90 83.89 -125.62
N ALA B 640 8.83 84.42 -124.84
CA ALA B 640 8.48 85.01 -123.55
C ALA B 640 7.47 86.15 -123.71
N ARG B 641 7.52 86.87 -124.84
CA ARG B 641 6.57 87.95 -125.06
C ARG B 641 5.14 87.42 -125.11
N LYS B 642 4.93 86.29 -125.79
CA LYS B 642 3.62 85.66 -125.89
C LYS B 642 2.63 86.56 -126.62
N LEU B 643 1.58 85.96 -127.18
CA LEU B 643 0.54 86.69 -127.88
C LEU B 643 -0.87 86.29 -127.48
N SER B 644 -1.07 85.09 -126.93
CA SER B 644 -2.39 84.62 -126.53
C SER B 644 -2.36 84.13 -125.09
N ALA B 645 -3.44 83.49 -124.66
CA ALA B 645 -3.57 82.93 -123.31
C ALA B 645 -3.62 84.01 -122.24
N ARG B 646 -4.04 85.22 -122.59
CA ARG B 646 -4.20 86.27 -121.58
C ARG B 646 -5.27 85.89 -120.57
N GLU B 647 -6.33 85.22 -121.03
CA GLU B 647 -7.36 84.75 -120.11
C GLU B 647 -6.78 83.76 -119.11
N GLN B 648 -5.87 82.89 -119.57
CA GLN B 648 -5.25 81.95 -118.65
C GLN B 648 -4.43 82.68 -117.59
N ARG B 649 -3.69 83.71 -117.98
CA ARG B 649 -2.93 84.49 -117.01
C ARG B 649 -3.84 85.19 -116.01
N ASP B 650 -4.95 85.75 -116.50
CA ASP B 650 -5.90 86.39 -115.60
C ASP B 650 -6.48 85.39 -114.62
N CYS B 651 -6.83 84.19 -115.11
CA CYS B 651 -7.37 83.17 -114.22
C CYS B 651 -6.34 82.75 -113.18
N GLU B 652 -5.07 82.62 -113.59
CA GLU B 652 -4.04 82.26 -112.62
C GLU B 652 -3.87 83.34 -111.57
N VAL B 653 -3.89 84.61 -111.98
CA VAL B 653 -3.78 85.70 -111.01
C VAL B 653 -4.96 85.68 -110.04
N ILE B 654 -6.16 85.48 -110.56
CA ILE B 654 -7.34 85.43 -109.71
C ILE B 654 -7.24 84.26 -108.72
N GLU B 655 -6.77 83.11 -109.20
CA GLU B 655 -6.62 81.96 -108.31
C GLU B 655 -5.59 82.24 -107.22
N ARG B 656 -4.47 82.89 -107.57
CA ARG B 656 -3.47 83.22 -106.56
C ARG B 656 -4.04 84.19 -105.53
N LEU B 657 -4.79 85.21 -105.98
CA LEU B 657 -5.40 86.14 -105.04
C LEU B 657 -6.39 85.43 -104.13
N ILE B 658 -7.19 84.52 -104.70
CA ILE B 658 -8.16 83.77 -103.89
C ILE B 658 -7.44 82.92 -102.85
N LYS B 659 -6.34 82.26 -103.26
CA LYS B 659 -5.58 81.45 -102.31
C LYS B 659 -5.03 82.31 -101.19
N SER B 660 -4.45 83.47 -101.51
CA SER B 660 -3.90 84.33 -100.48
C SER B 660 -4.99 84.80 -99.52
N TYR B 661 -6.13 85.24 -100.06
CA TYR B 661 -7.21 85.71 -99.20
C TYR B 661 -7.75 84.59 -98.33
N PHE B 662 -7.87 83.38 -98.89
CA PHE B 662 -8.34 82.24 -98.12
C PHE B 662 -7.37 81.90 -97.00
N LEU B 663 -6.07 81.95 -97.28
CA LEU B 663 -5.09 81.69 -96.24
C LEU B 663 -5.17 82.72 -95.12
N ILE B 664 -5.31 84.00 -95.49
CA ILE B 664 -5.42 85.06 -94.48
C ILE B 664 -6.67 84.85 -93.63
N VAL B 665 -7.80 84.54 -94.28
CA VAL B 665 -9.05 84.33 -93.55
C VAL B 665 -8.93 83.11 -92.63
N ARG B 666 -8.29 82.04 -93.13
CA ARG B 666 -8.12 80.85 -92.30
C ARG B 666 -7.26 81.14 -91.08
N LYS B 667 -6.19 81.90 -91.26
CA LYS B 667 -5.34 82.26 -90.11
C LYS B 667 -6.13 83.11 -89.11
N ASN B 668 -6.90 84.08 -89.61
CA ASN B 668 -7.69 84.91 -88.70
C ASN B 668 -8.72 84.08 -87.94
N ILE B 669 -9.40 83.16 -88.64
CA ILE B 669 -10.40 82.33 -88.00
C ILE B 669 -9.75 81.42 -86.95
N GLN B 670 -8.59 80.84 -87.28
CA GLN B 670 -7.89 80.00 -86.32
C GLN B 670 -7.50 80.80 -85.08
N ASP B 671 -7.04 82.03 -85.28
CA ASP B 671 -6.67 82.87 -84.15
C ASP B 671 -7.88 83.22 -83.28
N SER B 672 -9.02 83.52 -83.92
CA SER B 672 -10.17 84.07 -83.20
C SER B 672 -11.05 83.00 -82.55
N VAL B 673 -11.24 81.86 -83.22
CA VAL B 673 -12.23 80.89 -82.74
C VAL B 673 -11.92 80.39 -81.33
N PRO B 674 -10.68 80.01 -81.00
CA PRO B 674 -10.45 79.43 -79.66
C PRO B 674 -10.87 80.36 -78.53
N LYS B 675 -10.52 81.64 -78.60
CA LYS B 675 -10.83 82.56 -77.51
C LYS B 675 -12.33 82.70 -77.32
N ALA B 676 -13.06 82.97 -78.40
CA ALA B 676 -14.50 83.16 -78.31
C ALA B 676 -15.18 81.88 -77.84
N VAL B 677 -14.76 80.73 -78.38
CA VAL B 677 -15.39 79.47 -77.98
C VAL B 677 -15.17 79.22 -76.50
N MET B 678 -13.93 79.37 -76.03
CA MET B 678 -13.65 79.16 -74.62
C MET B 678 -14.48 80.11 -73.76
N HIS B 679 -14.46 81.40 -74.08
CA HIS B 679 -15.24 82.36 -73.32
C HIS B 679 -16.70 81.93 -73.22
N PHE B 680 -17.36 81.81 -74.37
CA PHE B 680 -18.80 81.57 -74.38
C PHE B 680 -19.16 80.26 -73.71
N LEU B 681 -18.40 79.18 -73.97
CA LEU B 681 -18.76 77.86 -73.49
C LEU B 681 -18.17 77.54 -72.12
N VAL B 682 -17.42 78.46 -71.50
CA VAL B 682 -16.88 78.21 -70.19
C VAL B 682 -17.42 79.24 -69.20
N ASN B 683 -17.15 80.53 -69.44
CA ASN B 683 -17.49 81.53 -68.44
C ASN B 683 -18.99 81.65 -68.24
N HIS B 684 -19.74 81.80 -69.34
CA HIS B 684 -21.18 81.92 -69.24
C HIS B 684 -21.81 80.65 -68.66
N VAL B 685 -21.31 79.48 -69.09
CA VAL B 685 -21.86 78.22 -68.58
C VAL B 685 -21.63 78.12 -67.08
N LYS B 686 -20.43 78.45 -66.61
CA LYS B 686 -20.15 78.40 -65.19
C LYS B 686 -21.01 79.39 -64.42
N ASP B 687 -21.18 80.60 -64.97
CA ASP B 687 -21.97 81.60 -64.28
C ASP B 687 -23.43 81.18 -64.15
N THR B 688 -23.99 80.59 -65.21
CA THR B 688 -25.40 80.25 -65.24
C THR B 688 -25.72 78.87 -64.68
N LEU B 689 -24.71 78.03 -64.44
CA LEU B 689 -24.98 76.69 -63.94
C LEU B 689 -25.63 76.74 -62.56
N GLN B 690 -25.11 77.57 -61.67
CA GLN B 690 -25.68 77.68 -60.33
C GLN B 690 -27.11 78.18 -60.38
N SER B 691 -27.36 79.20 -61.20
CA SER B 691 -28.71 79.73 -61.32
C SER B 691 -29.68 78.69 -61.86
N GLU B 692 -29.27 77.95 -62.90
CA GLU B 692 -30.13 76.93 -63.47
C GLU B 692 -30.42 75.83 -62.45
N LEU B 693 -29.38 75.38 -61.74
CA LEU B 693 -29.58 74.33 -60.73
C LEU B 693 -30.52 74.80 -59.63
N VAL B 694 -30.35 76.04 -59.17
CA VAL B 694 -31.23 76.57 -58.13
C VAL B 694 -32.66 76.65 -58.62
N GLY B 695 -32.86 77.16 -59.84
CA GLY B 695 -34.21 77.33 -60.36
C GLY B 695 -34.91 76.01 -60.61
N GLN B 696 -34.19 75.02 -61.16
CA GLN B 696 -34.80 73.75 -61.55
C GLN B 696 -34.73 72.73 -60.42
N LEU B 697 -33.54 72.42 -59.96
CA LEU B 697 -33.36 71.44 -58.89
C LEU B 697 -33.74 72.06 -57.54
N GLU B 711 -30.47 51.39 -53.27
CA GLU B 711 -30.91 50.41 -52.29
C GLU B 711 -29.72 49.70 -51.66
N ASP B 712 -28.65 49.55 -52.42
CA ASP B 712 -27.45 48.89 -51.90
C ASP B 712 -26.87 49.70 -50.74
N MET B 713 -26.81 51.02 -50.88
CA MET B 713 -26.29 51.85 -49.79
C MET B 713 -27.19 51.75 -48.57
N ALA B 714 -28.51 51.74 -48.78
CA ALA B 714 -29.43 51.61 -47.65
C ALA B 714 -29.21 50.29 -46.92
N GLN B 715 -29.09 49.19 -47.67
CA GLN B 715 -28.85 47.90 -47.04
C GLN B 715 -27.52 47.87 -46.30
N ARG B 716 -26.48 48.46 -46.90
CA ARG B 716 -25.18 48.47 -46.25
C ARG B 716 -25.22 49.24 -44.94
N ARG B 717 -25.85 50.42 -44.94
CA ARG B 717 -25.93 51.20 -43.71
C ARG B 717 -26.80 50.50 -42.66
N LYS B 718 -27.87 49.83 -43.10
CA LYS B 718 -28.69 49.08 -42.16
C LYS B 718 -27.90 47.95 -41.52
N GLU B 719 -27.11 47.23 -42.33
CA GLU B 719 -26.27 46.17 -41.77
C GLU B 719 -25.22 46.74 -40.82
N ALA B 720 -24.62 47.87 -41.17
CA ALA B 720 -23.65 48.49 -40.28
C ALA B 720 -24.28 48.88 -38.95
N ALA B 721 -25.49 49.45 -39.00
CA ALA B 721 -26.18 49.81 -37.76
C ALA B 721 -26.51 48.56 -36.94
N ASP B 722 -26.97 47.50 -37.60
CA ASP B 722 -27.28 46.27 -36.90
C ASP B 722 -26.04 45.66 -36.25
N MET B 723 -24.88 45.83 -36.88
CA MET B 723 -23.63 45.32 -36.30
C MET B 723 -23.29 46.01 -34.98
N LEU B 724 -23.93 47.14 -34.68
CA LEU B 724 -23.68 47.84 -33.42
C LEU B 724 -24.18 47.06 -32.21
N LYS B 725 -24.97 46.01 -32.42
CA LYS B 725 -25.46 45.19 -31.31
C LYS B 725 -24.35 44.41 -30.63
N ALA B 726 -23.15 44.37 -31.21
CA ALA B 726 -22.05 43.66 -30.57
C ALA B 726 -21.71 44.28 -29.22
N LEU B 727 -21.73 45.62 -29.13
CA LEU B 727 -21.45 46.27 -27.85
C LEU B 727 -22.50 45.92 -26.81
N GLN B 728 -23.78 45.92 -27.20
CA GLN B 728 -24.84 45.54 -26.27
C GLN B 728 -24.68 44.10 -25.81
N GLY B 729 -24.36 43.20 -26.75
CA GLY B 729 -24.13 41.81 -26.36
C GLY B 729 -22.97 41.67 -25.40
N ALA B 730 -21.88 42.40 -25.65
CA ALA B 730 -20.73 42.35 -24.75
C ALA B 730 -21.10 42.85 -23.37
N SER B 731 -21.86 43.96 -23.30
CA SER B 731 -22.28 44.48 -22.01
C SER B 731 -23.17 43.48 -21.27
N GLN B 732 -24.09 42.83 -21.99
CA GLN B 732 -24.94 41.84 -21.36
C GLN B 732 -24.12 40.66 -20.85
N ILE B 733 -23.14 40.21 -21.63
CA ILE B 733 -22.29 39.11 -21.21
C ILE B 733 -21.50 39.49 -19.95
N ILE B 734 -20.96 40.72 -19.93
CA ILE B 734 -20.22 41.16 -18.76
C ILE B 734 -21.12 41.21 -17.54
N ALA B 735 -22.35 41.71 -17.71
CA ALA B 735 -23.28 41.76 -16.58
C ALA B 735 -23.60 40.37 -16.07
N GLU B 736 -23.83 39.42 -16.99
CA GLU B 736 -24.12 38.05 -16.58
C GLU B 736 -22.94 37.43 -15.85
N ILE B 737 -21.72 37.68 -16.33
CA ILE B 737 -20.54 37.15 -15.66
C ILE B 737 -20.40 37.75 -14.26
N ARG B 738 -20.64 39.06 -14.14
CA ARG B 738 -20.58 39.69 -12.82
C ARG B 738 -21.62 39.09 -11.87
N GLU B 739 -22.83 38.87 -12.37
CA GLU B 739 -23.87 38.25 -11.53
C GLU B 739 -23.46 36.85 -11.12
N THR B 740 -22.88 36.09 -12.04
CA THR B 740 -22.44 34.73 -11.71
C THR B 740 -21.34 34.75 -10.64
N HIS B 741 -20.42 35.72 -10.74
CA HIS B 741 -19.35 35.80 -9.76
C HIS B 741 -19.88 35.93 -8.34
N LEU B 742 -21.04 36.59 -8.17
CA LEU B 742 -21.62 36.71 -6.84
C LEU B 742 -21.96 35.35 -6.26
N TRP B 743 -22.53 34.47 -7.08
CA TRP B 743 -22.87 33.12 -6.63
C TRP B 743 -21.64 32.23 -6.61
N MET C 8 -2.18 -21.99 22.98
CA MET C 8 -0.90 -22.61 23.45
C MET C 8 -1.08 -23.25 24.82
N GLU C 9 -2.32 -23.64 25.13
CA GLU C 9 -2.59 -24.22 26.44
C GLU C 9 -1.82 -25.53 26.64
N ALA C 10 -1.79 -26.37 25.61
CA ALA C 10 -1.12 -27.67 25.70
C ALA C 10 0.32 -27.64 25.24
N LEU C 11 0.82 -26.49 24.78
CA LEU C 11 2.20 -26.37 24.33
C LEU C 11 3.14 -25.91 25.43
N ILE C 12 2.66 -25.72 26.65
CA ILE C 12 3.53 -25.22 27.72
C ILE C 12 4.69 -26.16 27.98
N PRO C 13 4.50 -27.47 28.18
CA PRO C 13 5.65 -28.33 28.51
C PRO C 13 6.44 -28.78 27.29
N VAL C 14 5.77 -28.89 26.14
CA VAL C 14 6.44 -29.41 24.95
C VAL C 14 7.54 -28.46 24.50
N ILE C 15 7.24 -27.16 24.47
CA ILE C 15 8.23 -26.18 24.03
C ILE C 15 9.40 -26.15 25.00
N ASN C 16 9.12 -26.21 26.30
CA ASN C 16 10.21 -26.21 27.28
C ASN C 16 11.09 -27.45 27.11
N LYS C 17 10.48 -28.61 26.88
CA LYS C 17 11.27 -29.82 26.68
C LYS C 17 12.11 -29.72 25.42
N LEU C 18 11.55 -29.18 24.34
CA LEU C 18 12.31 -29.02 23.10
C LEU C 18 13.49 -28.08 23.32
N GLN C 19 13.26 -26.95 24.00
CA GLN C 19 14.37 -26.04 24.27
C GLN C 19 15.44 -26.70 25.12
N ASP C 20 15.02 -27.46 26.14
CA ASP C 20 15.99 -28.11 27.02
C ASP C 20 16.83 -29.12 26.26
N VAL C 21 16.19 -29.95 25.43
CA VAL C 21 16.94 -30.97 24.71
C VAL C 21 17.85 -30.33 23.67
N PHE C 22 17.39 -29.27 23.02
CA PHE C 22 18.24 -28.56 22.07
C PHE C 22 19.46 -27.96 22.75
N ASN C 23 19.27 -27.39 23.95
CA ASN C 23 20.40 -26.83 24.69
C ASN C 23 21.37 -27.94 25.11
N THR C 24 20.83 -29.08 25.58
CA THR C 24 21.70 -30.15 26.06
C THR C 24 22.52 -30.76 24.92
N VAL C 25 21.89 -31.01 23.77
CA VAL C 25 22.60 -31.64 22.67
C VAL C 25 23.66 -30.75 22.06
N GLY C 26 23.66 -29.45 22.38
CA GLY C 26 24.64 -28.53 21.84
C GLY C 26 24.35 -28.02 20.45
N ALA C 27 23.21 -28.39 19.86
CA ALA C 27 22.86 -27.91 18.53
C ALA C 27 22.46 -26.44 18.59
N ASP C 28 22.38 -25.82 17.42
CA ASP C 28 22.00 -24.42 17.35
C ASP C 28 20.62 -24.21 17.97
N ILE C 29 20.51 -23.15 18.78
CA ILE C 29 19.27 -22.83 19.46
C ILE C 29 18.38 -22.05 18.50
N ILE C 30 17.54 -22.75 17.75
CA ILE C 30 16.65 -22.10 16.80
C ILE C 30 15.61 -21.31 17.55
N GLN C 31 15.41 -20.05 17.15
CA GLN C 31 14.42 -19.21 17.80
C GLN C 31 13.02 -19.77 17.58
N LEU C 32 12.15 -19.56 18.57
CA LEU C 32 10.79 -20.06 18.47
C LEU C 32 10.04 -19.35 17.36
N PRO C 33 9.04 -20.00 16.75
CA PRO C 33 8.34 -19.38 15.62
C PRO C 33 7.47 -18.21 16.06
N GLN C 34 7.89 -16.99 15.70
CA GLN C 34 7.11 -15.81 16.03
C GLN C 34 5.80 -15.81 15.25
N ILE C 35 4.72 -15.42 15.93
CA ILE C 35 3.41 -15.36 15.31
C ILE C 35 3.33 -14.08 14.50
N VAL C 36 3.37 -14.21 13.18
CA VAL C 36 3.29 -13.07 12.26
C VAL C 36 1.87 -13.00 11.71
N VAL C 37 1.17 -11.92 12.02
CA VAL C 37 -0.21 -11.71 11.60
C VAL C 37 -0.28 -10.37 10.89
N VAL C 38 -0.89 -10.36 9.71
CA VAL C 38 -1.04 -9.16 8.90
C VAL C 38 -2.51 -8.98 8.54
N GLY C 39 -2.88 -7.73 8.29
CA GLY C 39 -4.24 -7.40 7.94
C GLY C 39 -4.56 -5.97 8.33
N THR C 40 -5.82 -5.61 8.16
CA THR C 40 -6.28 -4.27 8.50
C THR C 40 -6.19 -4.04 10.00
N GLN C 41 -5.89 -2.79 10.35
CA GLN C 41 -5.78 -2.43 11.77
C GLN C 41 -7.15 -2.46 12.43
N SER C 42 -7.13 -2.59 13.76
CA SER C 42 -8.36 -2.66 14.56
C SER C 42 -9.20 -3.87 14.17
N SER C 43 -8.56 -4.95 13.74
CA SER C 43 -9.24 -6.17 13.35
C SER C 43 -9.32 -7.18 14.49
N GLY C 44 -8.89 -6.82 15.69
CA GLY C 44 -8.95 -7.73 16.81
C GLY C 44 -7.89 -8.80 16.83
N LYS C 45 -6.78 -8.61 16.10
CA LYS C 45 -5.72 -9.60 16.11
C LYS C 45 -5.16 -9.79 17.52
N SER C 46 -4.91 -8.69 18.23
CA SER C 46 -4.39 -8.79 19.59
C SER C 46 -5.37 -9.51 20.50
N SER C 47 -6.66 -9.22 20.36
CA SER C 47 -7.66 -9.89 21.19
C SER C 47 -7.66 -11.40 20.94
N VAL C 48 -7.58 -11.81 19.67
CA VAL C 48 -7.57 -13.23 19.35
C VAL C 48 -6.31 -13.89 19.91
N LEU C 49 -5.16 -13.24 19.76
CA LEU C 49 -3.93 -13.81 20.28
C LEU C 49 -3.99 -13.95 21.79
N GLU C 50 -4.50 -12.93 22.48
CA GLU C 50 -4.61 -13.00 23.94
C GLU C 50 -5.57 -14.11 24.36
N SER C 51 -6.70 -14.24 23.65
CA SER C 51 -7.64 -15.31 23.97
C SER C 51 -7.00 -16.68 23.80
N LEU C 52 -6.23 -16.86 22.72
CA LEU C 52 -5.54 -18.13 22.52
C LEU C 52 -4.53 -18.38 23.63
N VAL C 53 -3.75 -17.36 23.99
CA VAL C 53 -2.79 -17.50 25.08
C VAL C 53 -3.53 -17.65 26.41
N GLY C 54 -4.63 -16.92 26.59
CA GLY C 54 -5.39 -16.94 27.81
C GLY C 54 -5.19 -15.73 28.71
N ARG C 55 -4.22 -14.87 28.39
CA ARG C 55 -3.96 -13.67 29.16
C ARG C 55 -3.75 -12.49 28.21
N ASP C 56 -4.02 -11.29 28.72
CA ASP C 56 -3.95 -10.07 27.93
C ASP C 56 -2.59 -9.42 28.15
N LEU C 57 -1.84 -9.20 27.06
CA LEU C 57 -0.54 -8.56 27.14
C LEU C 57 -0.30 -7.57 26.01
N LEU C 58 -1.31 -7.27 25.20
CA LEU C 58 -1.18 -6.39 24.05
C LEU C 58 -2.35 -5.41 24.04
N PRO C 59 -2.19 -4.25 23.38
CA PRO C 59 -3.32 -3.32 23.28
C PRO C 59 -4.49 -3.95 22.54
N ARG C 60 -5.69 -3.62 23.00
CA ARG C 60 -6.91 -4.18 22.45
C ARG C 60 -8.03 -3.15 22.60
N GLY C 61 -9.27 -3.61 22.43
CA GLY C 61 -10.42 -2.74 22.59
C GLY C 61 -10.69 -1.92 21.34
N THR C 62 -11.62 -0.98 21.50
CA THR C 62 -12.01 -0.12 20.38
C THR C 62 -10.84 0.77 19.96
N GLY C 63 -10.80 1.08 18.68
CA GLY C 63 -9.73 1.90 18.13
C GLY C 63 -8.60 1.06 17.58
N ILE C 64 -7.43 1.70 17.49
CA ILE C 64 -6.24 1.03 16.97
C ILE C 64 -5.77 0.01 17.99
N VAL C 65 -5.55 -1.22 17.53
CA VAL C 65 -5.07 -2.30 18.39
C VAL C 65 -3.63 -2.69 18.09
N THR C 66 -3.04 -2.18 17.01
CA THR C 66 -1.66 -2.46 16.66
C THR C 66 -1.04 -1.22 16.05
N ARG C 67 0.22 -0.95 16.40
CA ARG C 67 0.94 0.21 15.88
C ARG C 67 2.35 -0.11 15.40
N ARG C 68 2.91 -1.26 15.74
CA ARG C 68 4.26 -1.62 15.32
C ARG C 68 4.53 -3.08 15.67
N PRO C 69 5.28 -3.81 14.85
CA PRO C 69 5.63 -5.20 15.21
C PRO C 69 6.35 -5.25 16.55
N LEU C 70 5.73 -5.90 17.53
CA LEU C 70 6.27 -6.01 18.87
C LEU C 70 6.83 -7.41 19.06
N ILE C 71 8.10 -7.48 19.47
CA ILE C 71 8.77 -8.77 19.72
C ILE C 71 8.50 -9.10 21.18
N LEU C 72 7.33 -9.70 21.43
CA LEU C 72 6.92 -10.08 22.77
C LEU C 72 7.52 -11.45 23.10
N GLN C 73 8.83 -11.45 23.29
CA GLN C 73 9.58 -12.68 23.56
C GLN C 73 9.41 -13.05 25.03
N LEU C 74 8.74 -14.18 25.27
CA LEU C 74 8.57 -14.70 26.63
C LEU C 74 9.73 -15.63 26.94
N VAL C 75 10.64 -15.18 27.80
CA VAL C 75 11.84 -15.92 28.16
C VAL C 75 11.63 -16.57 29.51
N HIS C 76 11.95 -17.86 29.61
CA HIS C 76 11.84 -18.61 30.85
C HIS C 76 13.22 -19.03 31.32
N VAL C 77 13.42 -19.01 32.64
CA VAL C 77 14.73 -19.35 33.20
C VAL C 77 15.06 -20.80 32.85
N SER C 78 16.36 -21.07 32.69
CA SER C 78 16.94 -22.37 32.37
C SER C 78 16.74 -22.75 30.91
N GLN C 79 16.18 -21.87 30.08
CA GLN C 79 15.99 -22.16 28.67
C GLN C 79 17.13 -21.67 27.79
N GLU C 80 18.16 -21.05 28.38
CA GLU C 80 19.28 -20.55 27.62
C GLU C 80 20.34 -21.63 27.45
N ALA C 94 -0.80 -13.50 36.17
CA ALA C 94 -0.55 -13.17 37.58
C ALA C 94 0.83 -12.52 37.74
N GLU C 95 1.86 -13.26 37.34
CA GLU C 95 3.24 -12.78 37.43
C GLU C 95 3.71 -12.09 36.17
N GLU C 96 2.86 -11.95 35.15
CA GLU C 96 3.26 -11.30 33.92
C GLU C 96 3.61 -9.85 34.19
N TRP C 97 4.73 -9.40 33.61
CA TRP C 97 5.18 -8.03 33.77
C TRP C 97 6.11 -7.68 32.62
N GLY C 98 6.30 -6.37 32.41
CA GLY C 98 7.16 -5.88 31.37
C GLY C 98 8.53 -5.48 31.91
N LYS C 99 9.48 -5.32 30.99
CA LYS C 99 10.84 -4.95 31.34
C LYS C 99 11.58 -4.54 30.08
N PHE C 100 12.39 -3.49 30.20
CA PHE C 100 13.18 -2.98 29.09
C PHE C 100 14.59 -2.69 29.59
N LEU C 101 15.55 -2.72 28.65
CA LEU C 101 16.94 -2.46 29.02
C LEU C 101 17.11 -1.04 29.56
N HIS C 102 16.45 -0.07 28.93
CA HIS C 102 16.57 1.33 29.35
C HIS C 102 15.71 1.67 30.55
N THR C 103 14.79 0.79 30.96
CA THR C 103 13.93 1.04 32.10
C THR C 103 14.48 0.46 33.39
N LYS C 104 15.70 -0.09 33.36
CA LYS C 104 16.32 -0.66 34.55
C LYS C 104 15.46 -1.80 35.11
N ASN C 105 14.82 -1.59 36.26
CA ASN C 105 14.05 -2.62 36.94
C ASN C 105 12.69 -2.10 37.36
N LYS C 106 12.07 -1.27 36.53
CA LYS C 106 10.73 -0.78 36.83
C LYS C 106 9.72 -1.91 36.73
N LEU C 107 8.71 -1.87 37.61
CA LEU C 107 7.70 -2.91 37.69
C LEU C 107 6.48 -2.51 36.86
N TYR C 108 6.01 -3.43 36.03
CA TYR C 108 4.85 -3.24 35.17
C TYR C 108 3.94 -4.45 35.25
N THR C 109 3.63 -4.90 36.47
CA THR C 109 2.79 -6.08 36.64
C THR C 109 1.41 -5.86 36.06
N ASP C 110 0.82 -4.69 36.29
CA ASP C 110 -0.52 -4.42 35.80
C ASP C 110 -0.55 -4.39 34.28
N PHE C 111 -1.61 -4.95 33.70
CA PHE C 111 -1.72 -5.04 32.24
C PHE C 111 -1.81 -3.65 31.62
N ASP C 112 -2.59 -2.75 32.23
CA ASP C 112 -2.71 -1.40 31.68
C ASP C 112 -1.37 -0.68 31.70
N GLU C 113 -0.58 -0.90 32.74
CA GLU C 113 0.76 -0.30 32.77
C GLU C 113 1.62 -0.84 31.64
N ILE C 114 1.53 -2.14 31.36
CA ILE C 114 2.28 -2.71 30.25
C ILE C 114 1.86 -2.08 28.93
N ARG C 115 0.54 -1.94 28.72
CA ARG C 115 0.06 -1.34 27.48
C ARG C 115 0.53 0.10 27.35
N GLN C 116 0.45 0.87 28.43
CA GLN C 116 0.90 2.26 28.37
C GLN C 116 2.40 2.35 28.09
N GLU C 117 3.20 1.49 28.72
CA GLU C 117 4.63 1.49 28.48
C GLU C 117 4.94 1.13 27.03
N ILE C 118 4.24 0.14 26.48
CA ILE C 118 4.47 -0.26 25.10
C ILE C 118 4.11 0.89 24.15
N GLU C 119 2.97 1.54 24.40
CA GLU C 119 2.58 2.66 23.55
C GLU C 119 3.58 3.80 23.64
N ASN C 120 4.06 4.11 24.84
CA ASN C 120 5.04 5.18 25.00
C ASN C 120 6.33 4.85 24.28
N GLU C 121 6.80 3.61 24.41
CA GLU C 121 8.02 3.21 23.73
C GLU C 121 7.86 3.30 22.22
N THR C 122 6.71 2.84 21.70
CA THR C 122 6.47 2.91 20.27
C THR C 122 6.46 4.36 19.79
N GLU C 123 5.79 5.24 20.52
CA GLU C 123 5.76 6.65 20.14
C GLU C 123 7.15 7.26 20.17
N ARG C 124 7.95 6.93 21.20
CA ARG C 124 9.28 7.50 21.32
C ARG C 124 10.19 7.03 20.19
N ILE C 125 10.11 5.74 19.84
CA ILE C 125 11.05 5.18 18.86
C ILE C 125 10.59 5.47 17.45
N SER C 126 9.41 4.97 17.08
CA SER C 126 8.89 5.10 15.72
C SER C 126 8.10 6.38 15.51
N GLY C 127 7.94 7.21 16.54
CA GLY C 127 7.16 8.42 16.42
C GLY C 127 5.68 8.19 16.63
N ASN C 128 4.94 9.29 16.67
CA ASN C 128 3.49 9.25 16.88
C ASN C 128 2.75 9.18 15.55
N ASN C 129 3.14 8.22 14.70
CA ASN C 129 2.50 8.03 13.41
C ASN C 129 2.28 6.56 13.08
N LYS C 130 2.27 5.69 14.09
CA LYS C 130 2.10 4.24 13.87
C LYS C 130 3.15 3.71 12.91
N GLY C 131 4.38 4.21 13.04
CA GLY C 131 5.47 3.78 12.19
C GLY C 131 6.12 2.50 12.68
N VAL C 132 7.12 2.07 11.92
CA VAL C 132 7.86 0.84 12.25
C VAL C 132 9.35 1.10 12.02
N SER C 133 10.09 1.34 13.10
CA SER C 133 11.51 1.58 12.98
C SER C 133 12.22 0.27 12.59
N PRO C 134 13.36 0.36 11.89
CA PRO C 134 14.05 -0.87 11.48
C PRO C 134 14.48 -1.74 12.64
N GLU C 135 14.85 -1.15 13.78
CA GLU C 135 15.30 -1.92 14.92
C GLU C 135 14.11 -2.55 15.62
N PRO C 136 14.05 -3.87 15.78
CA PRO C 136 12.92 -4.49 16.48
C PRO C 136 12.90 -4.11 17.96
N ILE C 137 11.70 -4.09 18.52
CA ILE C 137 11.53 -3.77 19.94
C ILE C 137 12.19 -4.86 20.78
N HIS C 138 12.94 -4.44 21.79
CA HIS C 138 13.65 -5.35 22.68
C HIS C 138 12.84 -5.49 23.96
N LEU C 139 12.07 -6.57 24.06
CA LEU C 139 11.21 -6.82 25.21
C LEU C 139 11.35 -8.26 25.67
N LYS C 140 11.36 -8.46 26.98
CA LYS C 140 11.40 -9.79 27.58
C LYS C 140 10.29 -9.92 28.61
N ILE C 141 9.65 -11.08 28.63
CA ILE C 141 8.57 -11.38 29.56
C ILE C 141 8.94 -12.66 30.30
N PHE C 142 8.86 -12.61 31.63
CA PHE C 142 9.19 -13.75 32.49
C PHE C 142 7.97 -14.11 33.32
N SER C 143 7.40 -15.29 33.06
CA SER C 143 6.26 -15.77 33.82
C SER C 143 5.99 -17.24 33.47
N PRO C 144 5.59 -18.06 34.44
CA PRO C 144 5.33 -19.48 34.14
C PRO C 144 3.94 -19.71 33.56
N ASN C 145 2.99 -18.83 33.89
CA ASN C 145 1.62 -19.02 33.43
C ASN C 145 1.46 -18.84 31.93
N VAL C 146 2.46 -18.25 31.26
CA VAL C 146 2.42 -18.02 29.82
C VAL C 146 3.58 -18.77 29.19
N VAL C 147 3.29 -19.54 28.14
CA VAL C 147 4.32 -20.32 27.46
C VAL C 147 5.32 -19.38 26.80
N ASN C 148 6.56 -19.86 26.67
CA ASN C 148 7.64 -19.08 26.06
C ASN C 148 7.42 -19.05 24.54
N LEU C 149 6.55 -18.15 24.11
CA LEU C 149 6.24 -17.97 22.70
C LEU C 149 6.23 -16.47 22.39
N THR C 150 6.51 -16.15 21.13
CA THR C 150 6.62 -14.76 20.68
C THR C 150 5.36 -14.38 19.90
N LEU C 151 4.75 -13.27 20.31
CA LEU C 151 3.58 -12.71 19.64
C LEU C 151 3.95 -11.39 18.99
N VAL C 152 3.70 -11.27 17.69
CA VAL C 152 4.03 -10.08 16.93
C VAL C 152 2.82 -9.70 16.08
N ASP C 153 2.45 -8.42 16.11
CA ASP C 153 1.35 -7.89 15.31
C ASP C 153 1.94 -6.93 14.28
N LEU C 154 1.85 -7.30 13.01
CA LEU C 154 2.43 -6.52 11.93
C LEU C 154 1.37 -5.64 11.29
N PRO C 155 1.48 -4.31 11.36
CA PRO C 155 0.51 -3.47 10.65
C PRO C 155 0.54 -3.72 9.15
N GLY C 156 -0.62 -3.51 8.51
CA GLY C 156 -0.74 -3.75 7.10
C GLY C 156 -0.03 -2.71 6.25
N MET C 157 1.29 -2.57 6.45
CA MET C 157 2.12 -1.64 5.68
C MET C 157 1.72 -0.21 5.95
N THR C 158 2.67 0.72 5.78
CA THR C 158 2.42 2.14 5.96
C THR C 158 2.23 2.76 4.57
N LYS C 159 1.00 2.67 4.07
CA LYS C 159 0.71 3.16 2.73
C LYS C 159 0.95 4.66 2.63
N VAL C 160 0.54 5.41 3.65
CA VAL C 160 0.64 6.88 3.64
C VAL C 160 1.66 7.31 4.69
N PRO C 161 2.90 7.63 4.31
CA PRO C 161 3.88 8.11 5.30
C PRO C 161 3.64 9.56 5.66
N VAL C 162 3.18 9.79 6.88
CA VAL C 162 2.89 11.13 7.40
C VAL C 162 3.69 11.34 8.68
N GLY C 163 4.35 12.49 8.77
CA GLY C 163 5.12 12.83 9.95
C GLY C 163 6.60 12.57 9.79
N ASP C 164 7.23 12.02 10.83
CA ASP C 164 8.66 11.76 10.83
C ASP C 164 9.00 10.36 10.33
N GLN C 165 8.01 9.60 9.86
CA GLN C 165 8.26 8.25 9.40
C GLN C 165 9.20 8.28 8.19
N PRO C 166 10.05 7.26 8.03
CA PRO C 166 10.94 7.23 6.86
C PRO C 166 10.15 7.20 5.57
N LYS C 167 10.71 7.83 4.53
CA LYS C 167 10.06 7.84 3.22
C LYS C 167 9.90 6.43 2.68
N ASP C 168 10.91 5.58 2.87
CA ASP C 168 10.87 4.19 2.42
C ASP C 168 10.32 3.25 3.49
N ILE C 169 9.48 3.76 4.40
CA ILE C 169 8.94 2.91 5.45
C ILE C 169 8.11 1.78 4.85
N GLU C 170 7.29 2.08 3.84
CA GLU C 170 6.48 1.06 3.21
C GLU C 170 7.35 -0.01 2.58
N LEU C 171 8.43 0.40 1.90
CA LEU C 171 9.32 -0.58 1.27
C LEU C 171 9.98 -1.46 2.32
N GLN C 172 10.44 -0.87 3.42
CA GLN C 172 11.06 -1.66 4.48
C GLN C 172 10.07 -2.66 5.08
N ILE C 173 8.84 -2.21 5.33
CA ILE C 173 7.84 -3.11 5.89
C ILE C 173 7.54 -4.25 4.92
N ARG C 174 7.42 -3.94 3.63
CA ARG C 174 7.17 -4.98 2.64
C ARG C 174 8.31 -5.98 2.58
N GLU C 175 9.56 -5.49 2.62
CA GLU C 175 10.70 -6.39 2.61
C GLU C 175 10.72 -7.28 3.84
N LEU C 176 10.43 -6.70 5.02
CA LEU C 176 10.41 -7.50 6.24
C LEU C 176 9.32 -8.57 6.17
N ILE C 177 8.13 -8.21 5.68
CA ILE C 177 7.05 -9.17 5.57
C ILE C 177 7.43 -10.29 4.60
N LEU C 178 8.03 -9.93 3.46
CA LEU C 178 8.43 -10.95 2.50
C LEU C 178 9.48 -11.88 3.10
N ARG C 179 10.45 -11.33 3.83
CA ARG C 179 11.46 -12.17 4.47
C ARG C 179 10.81 -13.10 5.50
N PHE C 180 9.88 -12.59 6.29
CA PHE C 180 9.24 -13.41 7.30
C PHE C 180 8.44 -14.55 6.67
N ILE C 181 7.71 -14.25 5.59
CA ILE C 181 6.86 -15.28 4.98
C ILE C 181 7.62 -16.19 4.03
N SER C 182 8.85 -15.84 3.65
CA SER C 182 9.61 -16.69 2.75
C SER C 182 9.87 -18.05 3.37
N ASN C 183 10.25 -18.08 4.66
CA ASN C 183 10.53 -19.32 5.35
C ASN C 183 9.31 -19.78 6.14
N PRO C 184 9.17 -21.07 6.41
CA PRO C 184 8.01 -21.56 7.19
C PRO C 184 8.12 -21.26 8.68
N ASN C 185 9.16 -20.57 9.13
CA ASN C 185 9.31 -20.29 10.55
C ASN C 185 8.23 -19.34 11.07
N SER C 186 7.55 -18.62 10.18
CA SER C 186 6.51 -17.68 10.55
C SER C 186 5.15 -18.26 10.21
N ILE C 187 4.24 -18.25 11.19
CA ILE C 187 2.89 -18.74 10.98
C ILE C 187 2.06 -17.63 10.35
N ILE C 188 1.50 -17.89 9.18
CA ILE C 188 0.73 -16.89 8.44
C ILE C 188 -0.73 -17.05 8.88
N LEU C 189 -1.11 -16.30 9.92
CA LEU C 189 -2.47 -16.28 10.42
C LEU C 189 -3.16 -15.04 9.86
N ALA C 190 -4.13 -15.25 8.97
CA ALA C 190 -4.84 -14.15 8.32
C ALA C 190 -6.06 -13.79 9.16
N VAL C 191 -6.15 -12.53 9.55
CA VAL C 191 -7.27 -12.01 10.34
C VAL C 191 -7.93 -10.91 9.52
N THR C 192 -9.24 -11.05 9.28
CA THR C 192 -10.00 -10.08 8.51
C THR C 192 -11.32 -9.79 9.21
N ALA C 193 -11.78 -8.55 9.09
CA ALA C 193 -13.05 -8.17 9.69
C ALA C 193 -14.21 -8.87 8.98
N ALA C 194 -15.16 -9.37 9.76
CA ALA C 194 -16.30 -10.06 9.19
C ALA C 194 -17.14 -9.13 8.30
N ASN C 195 -17.35 -7.89 8.75
CA ASN C 195 -18.16 -6.96 7.98
C ASN C 195 -17.51 -6.66 6.63
N THR C 196 -16.20 -6.46 6.62
CA THR C 196 -15.49 -6.19 5.37
C THR C 196 -15.46 -7.43 4.49
N ASP C 197 -15.52 -7.20 3.18
CA ASP C 197 -15.46 -8.31 2.24
C ASP C 197 -14.14 -9.06 2.38
N MET C 198 -14.23 -10.39 2.40
CA MET C 198 -13.02 -11.20 2.60
C MET C 198 -12.04 -11.00 1.46
N ALA C 199 -12.53 -10.97 0.22
CA ALA C 199 -11.64 -10.81 -0.93
C ALA C 199 -10.91 -9.48 -0.88
N THR C 200 -11.62 -8.41 -0.51
CA THR C 200 -10.98 -7.09 -0.47
C THR C 200 -9.87 -7.03 0.55
N SER C 201 -9.96 -7.81 1.62
CA SER C 201 -8.94 -7.80 2.66
C SER C 201 -7.58 -8.18 2.07
N GLU C 202 -6.55 -7.40 2.40
CA GLU C 202 -5.22 -7.65 1.88
C GLU C 202 -4.51 -8.81 2.58
N ALA C 203 -4.97 -9.20 3.77
CA ALA C 203 -4.31 -10.27 4.50
C ALA C 203 -4.33 -11.57 3.71
N LEU C 204 -5.51 -11.97 3.23
CA LEU C 204 -5.61 -13.21 2.45
C LEU C 204 -4.80 -13.09 1.17
N LYS C 205 -4.87 -11.94 0.50
CA LYS C 205 -4.16 -11.78 -0.76
C LYS C 205 -2.65 -11.94 -0.57
N ILE C 206 -2.10 -11.33 0.47
CA ILE C 206 -0.66 -11.43 0.71
C ILE C 206 -0.30 -12.85 1.17
N SER C 207 -1.15 -13.46 2.00
CA SER C 207 -0.86 -14.79 2.50
C SER C 207 -0.82 -15.81 1.38
N ARG C 208 -1.76 -15.73 0.43
CA ARG C 208 -1.85 -16.72 -0.64
C ARG C 208 -0.70 -16.60 -1.64
N GLU C 209 0.08 -15.52 -1.60
CA GLU C 209 1.19 -15.37 -2.55
C GLU C 209 2.22 -16.47 -2.35
N VAL C 210 2.54 -16.80 -1.10
CA VAL C 210 3.60 -17.76 -0.81
C VAL C 210 3.01 -19.14 -0.57
N ASP C 211 1.82 -19.19 0.04
CA ASP C 211 1.16 -20.44 0.40
C ASP C 211 -0.28 -20.42 -0.12
N PRO C 212 -0.46 -20.48 -1.44
CA PRO C 212 -1.83 -20.53 -1.97
C PRO C 212 -2.61 -21.76 -1.52
N ASP C 213 -1.92 -22.89 -1.32
CA ASP C 213 -2.62 -24.11 -0.93
C ASP C 213 -3.32 -23.95 0.42
N GLY C 214 -2.65 -23.33 1.38
CA GLY C 214 -3.22 -23.11 2.70
C GLY C 214 -2.82 -24.12 3.75
N ARG C 215 -1.86 -25.00 3.46
CA ARG C 215 -1.44 -25.99 4.46
C ARG C 215 -0.87 -25.31 5.69
N ARG C 216 -0.02 -24.30 5.50
CA ARG C 216 0.59 -23.56 6.60
C ARG C 216 -0.04 -22.19 6.80
N THR C 217 -1.17 -21.92 6.15
CA THR C 217 -1.87 -20.64 6.27
C THR C 217 -3.28 -20.89 6.79
N LEU C 218 -3.69 -20.06 7.75
CA LEU C 218 -5.01 -20.17 8.36
C LEU C 218 -5.75 -18.85 8.21
N ALA C 219 -7.05 -18.92 7.95
CA ALA C 219 -7.90 -17.76 7.78
C ALA C 219 -8.75 -17.56 9.03
N VAL C 220 -8.76 -16.34 9.55
CA VAL C 220 -9.50 -15.99 10.76
C VAL C 220 -10.39 -14.80 10.46
N ILE C 221 -11.63 -14.87 10.95
CA ILE C 221 -12.61 -13.79 10.76
C ILE C 221 -12.95 -13.23 12.14
N THR C 222 -12.90 -11.91 12.26
CA THR C 222 -13.17 -11.21 13.51
C THR C 222 -14.35 -10.26 13.33
N LYS C 223 -14.64 -9.50 14.39
CA LYS C 223 -15.75 -8.55 14.38
C LYS C 223 -17.09 -9.25 14.16
N LEU C 224 -17.20 -10.50 14.62
CA LEU C 224 -18.46 -11.23 14.47
C LEU C 224 -19.58 -10.54 15.25
N ASP C 225 -19.29 -10.09 16.47
CA ASP C 225 -20.32 -9.43 17.27
C ASP C 225 -20.79 -8.15 16.60
N LEU C 226 -19.88 -7.37 16.02
CA LEU C 226 -20.21 -6.12 15.37
C LEU C 226 -20.57 -6.28 13.91
N MET C 227 -20.59 -7.51 13.40
CA MET C 227 -20.94 -7.74 12.00
C MET C 227 -22.37 -7.28 11.73
N ASP C 228 -22.57 -6.60 10.62
CA ASP C 228 -23.89 -6.11 10.25
C ASP C 228 -24.72 -7.23 9.62
N ALA C 229 -26.03 -7.04 9.63
CA ALA C 229 -26.94 -8.02 9.05
C ALA C 229 -26.81 -8.03 7.53
N GLY C 230 -27.07 -9.19 6.95
CA GLY C 230 -27.01 -9.39 5.51
C GLY C 230 -25.68 -9.92 5.01
N THR C 231 -24.57 -9.46 5.61
CA THR C 231 -23.24 -9.90 5.21
C THR C 231 -22.86 -11.18 5.96
N ASP C 232 -23.69 -12.21 5.79
CA ASP C 232 -23.45 -13.48 6.44
C ASP C 232 -22.19 -14.14 5.88
N ALA C 233 -21.43 -14.79 6.77
CA ALA C 233 -20.20 -15.46 6.41
C ALA C 233 -20.37 -16.98 6.34
N MET C 234 -21.59 -17.47 6.13
CA MET C 234 -21.82 -18.91 6.07
C MET C 234 -21.03 -19.52 4.92
N ASP C 235 -21.04 -18.88 3.75
CA ASP C 235 -20.28 -19.41 2.62
C ASP C 235 -18.79 -19.43 2.92
N VAL C 236 -18.27 -18.39 3.59
CA VAL C 236 -16.84 -18.35 3.90
C VAL C 236 -16.46 -19.51 4.81
N LEU C 237 -17.28 -19.77 5.83
CA LEU C 237 -16.97 -20.86 6.76
C LEU C 237 -16.93 -22.20 6.05
N MET C 238 -17.87 -22.44 5.14
CA MET C 238 -17.90 -23.70 4.40
C MET C 238 -16.76 -23.82 3.39
N GLY C 239 -16.03 -22.74 3.13
CA GLY C 239 -14.92 -22.79 2.20
C GLY C 239 -15.29 -22.70 0.74
N ARG C 240 -16.57 -22.46 0.42
CA ARG C 240 -16.97 -22.38 -0.97
C ARG C 240 -16.31 -21.19 -1.68
N VAL C 241 -16.01 -20.13 -0.94
CA VAL C 241 -15.36 -18.96 -1.52
C VAL C 241 -13.89 -18.86 -1.12
N ILE C 242 -13.49 -19.44 0.01
CA ILE C 242 -12.11 -19.40 0.47
C ILE C 242 -11.67 -20.81 0.80
N PRO C 243 -11.30 -21.63 -0.19
CA PRO C 243 -10.89 -23.01 0.11
C PRO C 243 -9.63 -23.06 0.95
N VAL C 244 -9.74 -23.56 2.18
CA VAL C 244 -8.64 -23.65 3.13
C VAL C 244 -8.52 -25.10 3.57
N LYS C 245 -7.30 -25.63 3.57
CA LYS C 245 -7.07 -27.00 3.99
C LYS C 245 -7.31 -27.20 5.48
N LEU C 246 -7.44 -26.11 6.26
CA LEU C 246 -7.71 -26.21 7.68
C LEU C 246 -9.05 -25.61 8.08
N GLY C 247 -9.70 -24.84 7.22
CA GLY C 247 -10.99 -24.25 7.51
C GLY C 247 -10.88 -22.85 8.08
N ILE C 248 -12.00 -22.12 8.01
CA ILE C 248 -12.09 -20.76 8.51
C ILE C 248 -12.61 -20.80 9.93
N ILE C 249 -11.89 -20.13 10.85
CA ILE C 249 -12.23 -20.10 12.25
C ILE C 249 -12.53 -18.66 12.64
N GLY C 250 -13.72 -18.44 13.22
CA GLY C 250 -14.13 -17.13 13.68
C GLY C 250 -13.98 -16.99 15.18
N VAL C 251 -13.63 -15.78 15.61
CA VAL C 251 -13.44 -15.46 17.01
C VAL C 251 -14.16 -14.17 17.32
N VAL C 252 -14.80 -14.11 18.50
CA VAL C 252 -15.52 -12.92 18.94
C VAL C 252 -14.56 -12.06 19.75
N ASN C 253 -14.42 -10.80 19.36
CA ASN C 253 -13.51 -9.89 20.03
C ASN C 253 -14.00 -9.56 21.44
N ARG C 254 -13.05 -9.37 22.34
CA ARG C 254 -13.34 -9.03 23.73
C ARG C 254 -13.05 -7.55 23.97
N SER C 255 -14.02 -6.85 24.55
CA SER C 255 -13.89 -5.43 24.79
C SER C 255 -13.10 -5.16 26.07
N GLN C 256 -12.79 -3.88 26.29
CA GLN C 256 -12.05 -3.50 27.49
C GLN C 256 -12.84 -3.76 28.75
N LEU C 257 -14.17 -3.59 28.71
CA LEU C 257 -14.98 -3.80 29.91
C LEU C 257 -14.88 -5.24 30.39
N ASP C 258 -14.93 -6.20 29.47
CA ASP C 258 -14.84 -7.60 29.86
C ASP C 258 -13.51 -7.90 30.54
N ILE C 259 -12.41 -7.38 30.00
CA ILE C 259 -11.10 -7.58 30.61
C ILE C 259 -11.04 -6.94 31.98
N ASN C 260 -11.56 -5.71 32.10
CA ASN C 260 -11.53 -5.02 33.38
C ASN C 260 -12.39 -5.74 34.42
N ASN C 261 -13.42 -6.45 33.98
CA ASN C 261 -14.29 -7.19 34.88
C ASN C 261 -13.73 -8.57 35.25
N LYS C 262 -12.45 -8.81 34.99
CA LYS C 262 -11.81 -10.08 35.34
C LYS C 262 -12.54 -11.26 34.71
N LYS C 263 -12.98 -11.08 33.47
CA LYS C 263 -13.65 -12.16 32.75
C LYS C 263 -12.68 -13.31 32.49
N SER C 264 -13.15 -14.53 32.69
CA SER C 264 -12.33 -15.72 32.51
C SER C 264 -12.36 -16.19 31.06
N VAL C 265 -11.36 -16.99 30.70
CA VAL C 265 -11.28 -17.51 29.34
C VAL C 265 -12.46 -18.43 29.06
N THR C 266 -12.89 -19.20 30.06
CA THR C 266 -14.03 -20.10 29.87
C THR C 266 -15.30 -19.32 29.54
N ASP C 267 -15.51 -18.19 30.20
CA ASP C 267 -16.67 -17.36 29.90
C ASP C 267 -16.62 -16.85 28.46
N SER C 268 -15.44 -16.42 28.01
CA SER C 268 -15.30 -15.95 26.64
C SER C 268 -15.57 -17.06 25.65
N ILE C 269 -15.07 -18.27 25.93
CA ILE C 269 -15.31 -19.40 25.03
C ILE C 269 -16.79 -19.73 24.96
N ARG C 270 -17.46 -19.74 26.11
CA ARG C 270 -18.89 -20.03 26.13
C ARG C 270 -19.68 -18.95 25.38
N ASP C 271 -19.30 -17.69 25.54
CA ASP C 271 -19.97 -16.61 24.82
C ASP C 271 -19.76 -16.77 23.32
N GLU C 272 -18.55 -17.13 22.90
CA GLU C 272 -18.29 -17.32 21.48
C GLU C 272 -19.11 -18.48 20.93
N TYR C 273 -19.19 -19.58 21.68
CA TYR C 273 -20.01 -20.71 21.22
C TYR C 273 -21.48 -20.32 21.12
N ALA C 274 -21.98 -19.57 22.10
CA ALA C 274 -23.37 -19.15 22.06
C ALA C 274 -23.63 -18.24 20.86
N PHE C 275 -22.71 -17.32 20.59
CA PHE C 275 -22.86 -16.43 19.44
C PHE C 275 -22.85 -17.22 18.13
N LEU C 276 -21.94 -18.20 18.03
CA LEU C 276 -21.89 -19.03 16.83
C LEU C 276 -23.19 -19.81 16.65
N GLN C 277 -23.73 -20.37 17.74
CA GLN C 277 -24.99 -21.08 17.66
C GLN C 277 -26.11 -20.15 17.21
N LYS C 278 -26.17 -18.95 17.77
CA LYS C 278 -27.23 -18.01 17.41
C LYS C 278 -27.15 -17.60 15.95
N LYS C 279 -25.96 -17.14 15.52
CA LYS C 279 -25.81 -16.67 14.14
C LYS C 279 -25.76 -17.84 13.17
N TYR C 280 -25.02 -18.88 13.51
CA TYR C 280 -24.82 -20.03 12.61
C TYR C 280 -25.53 -21.25 13.18
N PRO C 281 -26.68 -21.65 12.64
CA PRO C 281 -27.39 -22.82 13.23
C PRO C 281 -26.62 -24.12 13.12
N SER C 282 -25.68 -24.25 12.19
CA SER C 282 -25.00 -25.52 11.97
C SER C 282 -23.50 -25.34 11.76
N LEU C 283 -22.91 -24.29 12.33
CA LEU C 283 -21.47 -24.09 12.24
C LEU C 283 -20.88 -23.64 13.58
N ALA C 284 -21.44 -24.15 14.68
CA ALA C 284 -20.97 -23.73 16.00
C ALA C 284 -19.62 -24.36 16.34
N ASN C 285 -19.44 -25.63 16.00
CA ASN C 285 -18.23 -26.35 16.38
C ASN C 285 -17.07 -26.09 15.42
N ARG C 286 -17.28 -25.36 14.34
CA ARG C 286 -16.24 -25.08 13.36
C ARG C 286 -15.52 -23.76 13.60
N ASN C 287 -15.85 -23.05 14.69
CA ASN C 287 -15.22 -21.76 14.96
C ASN C 287 -14.88 -21.59 16.44
N GLY C 288 -14.73 -22.68 17.20
CA GLY C 288 -14.41 -22.55 18.60
C GLY C 288 -13.00 -22.05 18.83
N THR C 289 -12.82 -21.37 19.96
CA THR C 289 -11.49 -20.86 20.31
C THR C 289 -10.52 -22.02 20.56
N LYS C 290 -10.99 -23.08 21.20
CA LYS C 290 -10.15 -24.25 21.43
C LYS C 290 -9.70 -24.85 20.11
N TYR C 291 -10.60 -24.91 19.13
CA TYR C 291 -10.22 -25.40 17.81
C TYR C 291 -9.17 -24.52 17.17
N LEU C 292 -9.28 -23.20 17.33
CA LEU C 292 -8.27 -22.30 16.80
C LEU C 292 -6.92 -22.54 17.46
N ALA C 293 -6.92 -22.73 18.79
CA ALA C 293 -5.66 -23.01 19.49
C ALA C 293 -5.05 -24.32 19.01
N ARG C 294 -5.88 -25.34 18.83
CA ARG C 294 -5.38 -26.62 18.34
C ARG C 294 -4.81 -26.49 16.93
N THR C 295 -5.47 -25.71 16.08
CA THR C 295 -4.97 -25.49 14.73
C THR C 295 -3.63 -24.76 14.76
N LEU C 296 -3.50 -23.76 15.63
CA LEU C 296 -2.23 -23.05 15.77
C LEU C 296 -1.13 -24.00 16.24
N ASN C 297 -1.45 -24.88 17.20
CA ASN C 297 -0.48 -25.85 17.66
C ASN C 297 -0.07 -26.79 16.54
N ARG C 298 -1.04 -27.23 15.73
CA ARG C 298 -0.73 -28.10 14.60
C ARG C 298 0.17 -27.39 13.60
N LEU C 299 -0.10 -26.11 13.33
CA LEU C 299 0.77 -25.35 12.44
C LEU C 299 2.18 -25.24 12.99
N LEU C 300 2.30 -24.99 14.30
CA LEU C 300 3.63 -24.92 14.91
C LEU C 300 4.36 -26.25 14.79
N MET C 301 3.65 -27.36 15.03
CA MET C 301 4.28 -28.67 14.90
C MET C 301 4.71 -28.95 13.46
N HIS C 302 3.87 -28.54 12.50
CA HIS C 302 4.23 -28.71 11.10
C HIS C 302 5.48 -27.91 10.75
N HIS C 303 5.57 -26.69 11.26
CA HIS C 303 6.77 -25.89 11.07
C HIS C 303 7.99 -26.57 11.67
N ILE C 304 7.83 -27.12 12.88
CA ILE C 304 8.95 -27.81 13.52
C ILE C 304 9.40 -29.01 12.69
N ARG C 305 8.44 -29.77 12.15
CA ARG C 305 8.78 -30.94 11.36
C ARG C 305 9.59 -30.61 10.13
N ASP C 306 9.58 -29.35 9.68
CA ASP C 306 10.38 -28.98 8.51
C ASP C 306 11.87 -29.15 8.77
N CYS C 307 12.30 -29.10 10.04
CA CYS C 307 13.70 -29.23 10.40
C CYS C 307 13.99 -30.48 11.22
N LEU C 308 12.97 -31.20 11.69
CA LEU C 308 13.21 -32.40 12.48
C LEU C 308 14.05 -33.44 11.74
N PRO C 309 13.87 -33.68 10.43
CA PRO C 309 14.72 -34.67 9.76
C PRO C 309 16.19 -34.39 9.89
N GLU C 310 16.60 -33.12 9.84
CA GLU C 310 18.02 -32.79 10.01
C GLU C 310 18.51 -33.18 11.39
N LEU C 311 17.71 -32.89 12.43
CA LEU C 311 18.09 -33.28 13.78
C LEU C 311 18.17 -34.79 13.91
N LYS C 312 17.23 -35.51 13.30
CA LYS C 312 17.27 -36.97 13.34
C LYS C 312 18.52 -37.51 12.67
N THR C 313 18.88 -36.96 11.52
CA THR C 313 20.09 -37.39 10.83
C THR C 313 21.33 -37.10 11.66
N ARG C 314 21.39 -35.93 12.29
CA ARG C 314 22.53 -35.60 13.13
C ARG C 314 22.63 -36.56 14.32
N ILE C 315 21.49 -36.87 14.94
CA ILE C 315 21.48 -37.80 16.07
C ILE C 315 21.95 -39.17 15.62
N ASN C 316 21.48 -39.63 14.46
CA ASN C 316 21.91 -40.93 13.95
C ASN C 316 23.41 -40.96 13.68
N VAL C 317 23.94 -39.88 13.09
CA VAL C 317 25.37 -39.82 12.82
C VAL C 317 26.17 -39.84 14.12
N LEU C 318 25.72 -39.08 15.12
CA LEU C 318 26.41 -39.07 16.41
C LEU C 318 26.38 -40.44 17.06
N ALA C 319 25.22 -41.11 17.01
CA ALA C 319 25.13 -42.44 17.60
C ALA C 319 26.03 -43.43 16.87
N ALA C 320 26.10 -43.34 15.54
CA ALA C 320 26.98 -44.22 14.79
C ALA C 320 28.44 -43.97 15.15
N GLN C 321 28.83 -42.70 15.28
CA GLN C 321 30.20 -42.40 15.67
C GLN C 321 30.51 -42.92 17.06
N TYR C 322 29.58 -42.75 18.00
CA TYR C 322 29.79 -43.26 19.36
C TYR C 322 29.93 -44.78 19.35
N GLN C 323 29.08 -45.47 18.59
CA GLN C 323 29.18 -46.92 18.51
C GLN C 323 30.52 -47.35 17.91
N SER C 324 30.97 -46.63 16.88
CA SER C 324 32.26 -46.94 16.27
C SER C 324 33.39 -46.76 17.27
N LEU C 325 33.33 -45.70 18.07
CA LEU C 325 34.36 -45.47 19.08
C LEU C 325 34.38 -46.56 20.13
N LEU C 326 33.29 -47.32 20.29
CA LEU C 326 33.24 -48.39 21.28
C LEU C 326 33.90 -49.67 20.80
N ASN C 327 34.31 -49.74 19.54
CA ASN C 327 34.96 -50.96 19.04
C ASN C 327 36.26 -51.23 19.79
N SER C 328 37.06 -50.19 20.03
CA SER C 328 38.33 -50.34 20.74
C SER C 328 38.62 -49.04 21.48
N TYR C 329 38.90 -49.15 22.78
CA TYR C 329 39.20 -47.99 23.60
C TYR C 329 40.25 -48.33 24.65
N LYS C 336 40.52 -63.09 37.34
CA LYS C 336 41.78 -62.62 37.91
C LYS C 336 42.85 -63.73 37.84
N SER C 337 42.44 -64.96 38.13
CA SER C 337 43.36 -66.08 38.06
C SER C 337 43.87 -66.28 36.64
N ALA C 338 42.97 -66.19 35.66
CA ALA C 338 43.37 -66.34 34.27
C ALA C 338 44.34 -65.24 33.86
N THR C 339 44.07 -64.00 34.27
CA THR C 339 44.97 -62.90 33.95
C THR C 339 46.34 -63.11 34.58
N LEU C 340 46.37 -63.56 35.84
CA LEU C 340 47.65 -63.81 36.51
C LEU C 340 48.42 -64.92 35.79
N LEU C 341 47.72 -65.99 35.40
CA LEU C 341 48.38 -67.08 34.68
C LEU C 341 48.94 -66.59 33.34
N GLN C 342 48.17 -65.78 32.63
CA GLN C 342 48.64 -65.25 31.35
C GLN C 342 49.86 -64.37 31.55
N LEU C 343 49.86 -63.52 32.58
CA LEU C 343 51.01 -62.67 32.85
C LEU C 343 52.24 -63.50 33.20
N ILE C 344 52.05 -64.54 34.01
CA ILE C 344 53.17 -65.40 34.39
C ILE C 344 53.74 -66.10 33.15
N THR C 345 52.86 -66.60 32.29
CA THR C 345 53.31 -67.27 31.07
C THR C 345 54.07 -66.30 30.17
N LYS C 346 53.56 -65.08 30.01
CA LYS C 346 54.23 -64.09 29.19
C LYS C 346 55.60 -63.75 29.76
N PHE C 347 55.69 -63.57 31.08
CA PHE C 347 56.97 -63.27 31.70
C PHE C 347 57.96 -64.42 31.50
N ALA C 348 57.50 -65.66 31.67
CA ALA C 348 58.38 -66.81 31.46
C ALA C 348 58.87 -66.88 30.02
N THR C 349 57.96 -66.65 29.06
CA THR C 349 58.35 -66.68 27.66
C THR C 349 59.36 -65.58 27.35
N GLU C 350 59.14 -64.38 27.89
CA GLU C 350 60.08 -63.28 27.67
C GLU C 350 61.44 -63.60 28.26
N TYR C 351 61.47 -64.18 29.46
CA TYR C 351 62.74 -64.54 30.08
C TYR C 351 63.46 -65.61 29.27
N CYS C 352 62.73 -66.60 28.77
CA CYS C 352 63.34 -67.63 27.94
C CYS C 352 63.90 -67.02 26.65
N ASN C 353 63.15 -66.12 26.03
CA ASN C 353 63.64 -65.48 24.81
C ASN C 353 64.90 -64.66 25.09
N THR C 354 64.92 -63.94 26.21
CA THR C 354 66.11 -63.17 26.57
C THR C 354 67.29 -64.10 26.80
N ILE C 355 67.06 -65.24 27.44
CA ILE C 355 68.12 -66.24 27.61
C ILE C 355 68.64 -66.68 26.24
N GLU C 356 67.73 -66.96 25.31
CA GLU C 356 68.13 -67.32 23.96
C GLU C 356 68.72 -66.14 23.19
N GLY C 357 68.60 -64.92 23.72
CA GLY C 357 69.14 -63.75 23.07
C GLY C 357 68.16 -63.02 22.18
N THR C 358 66.98 -63.59 21.91
CA THR C 358 65.98 -62.95 21.06
C THR C 358 65.01 -62.13 21.91
N ALA C 359 65.57 -61.20 22.67
CA ALA C 359 64.77 -60.31 23.49
C ALA C 359 64.00 -59.32 22.61
N LYS C 360 62.87 -58.85 23.13
CA LYS C 360 62.02 -57.95 22.36
C LYS C 360 62.74 -56.65 22.03
N TYR C 361 63.29 -55.99 23.04
CA TYR C 361 63.96 -54.70 22.83
C TYR C 361 64.97 -54.48 23.95
N ILE C 362 66.24 -54.43 23.60
CA ILE C 362 67.31 -54.09 24.54
C ILE C 362 67.96 -52.81 24.06
N GLU C 363 67.98 -51.80 24.92
CA GLU C 363 68.55 -50.51 24.55
C GLU C 363 70.05 -50.63 24.30
N THR C 364 70.51 -49.95 23.25
CA THR C 364 71.93 -49.97 22.88
C THR C 364 72.74 -48.92 23.63
N SER C 365 72.09 -48.03 24.37
CA SER C 365 72.84 -47.00 25.10
C SER C 365 73.77 -47.63 26.13
N GLU C 366 73.28 -48.64 26.85
CA GLU C 366 74.06 -49.37 27.84
C GLU C 366 74.11 -50.84 27.44
N LEU C 367 75.30 -51.43 27.49
CA LEU C 367 75.46 -52.83 27.12
C LEU C 367 74.58 -53.70 28.01
N CYS C 368 73.85 -54.62 27.37
CA CYS C 368 72.94 -55.51 28.09
C CYS C 368 72.61 -56.69 27.19
N GLY C 369 72.04 -57.72 27.80
CA GLY C 369 71.64 -58.90 27.05
C GLY C 369 72.80 -59.83 26.76
N GLY C 370 72.65 -60.60 25.69
CA GLY C 370 73.66 -61.58 25.34
C GLY C 370 75.01 -60.95 25.03
N ALA C 371 75.00 -59.80 24.36
CA ALA C 371 76.26 -59.14 24.01
C ALA C 371 77.04 -58.77 25.26
N ARG C 372 76.35 -58.20 26.27
CA ARG C 372 77.03 -57.83 27.50
C ARG C 372 77.54 -59.07 28.24
N ILE C 373 76.76 -60.16 28.23
CA ILE C 373 77.20 -61.38 28.88
C ILE C 373 78.47 -61.91 28.22
N CYS C 374 78.49 -61.93 26.89
CA CYS C 374 79.69 -62.39 26.18
C CYS C 374 80.88 -61.47 26.46
N TYR C 375 80.65 -60.16 26.50
CA TYR C 375 81.73 -59.23 26.81
C TYR C 375 82.30 -59.50 28.20
N ILE C 376 81.42 -59.70 29.18
CA ILE C 376 81.89 -59.99 30.54
C ILE C 376 82.66 -61.30 30.55
N PHE C 377 82.17 -62.31 29.83
CA PHE C 377 82.85 -63.60 29.81
C PHE C 377 84.25 -63.48 29.22
N HIS C 378 84.40 -62.72 28.13
CA HIS C 378 85.68 -62.71 27.42
C HIS C 378 86.59 -61.58 27.87
N GLU C 379 86.18 -60.32 27.64
CA GLU C 379 87.11 -59.20 27.83
C GLU C 379 87.36 -58.94 29.31
N THR C 380 86.28 -58.90 30.10
CA THR C 380 86.44 -58.65 31.54
C THR C 380 87.21 -59.78 32.20
N PHE C 381 86.91 -61.02 31.82
CA PHE C 381 87.63 -62.16 32.39
C PHE C 381 89.11 -62.12 32.03
N GLY C 382 89.43 -61.79 30.78
CA GLY C 382 90.82 -61.67 30.39
C GLY C 382 91.54 -60.56 31.14
N ARG C 383 90.89 -59.41 31.30
CA ARG C 383 91.50 -58.32 32.05
C ARG C 383 91.73 -58.71 33.50
N THR C 384 90.76 -59.38 34.11
CA THR C 384 90.92 -59.81 35.50
C THR C 384 92.06 -60.80 35.63
N LEU C 385 92.16 -61.76 34.70
CA LEU C 385 93.26 -62.72 34.74
C LEU C 385 94.61 -62.02 34.57
N GLU C 386 94.70 -61.07 33.64
CA GLU C 386 95.95 -60.35 33.44
C GLU C 386 96.29 -59.47 34.63
N SER C 387 95.29 -59.06 35.41
CA SER C 387 95.55 -58.22 36.57
C SER C 387 96.44 -58.92 37.58
N VAL C 388 96.43 -60.26 37.59
CA VAL C 388 97.25 -61.04 38.52
C VAL C 388 98.63 -61.23 37.90
N ASP C 389 99.67 -60.87 38.65
CA ASP C 389 101.03 -61.01 38.15
C ASP C 389 101.41 -62.48 38.08
N PRO C 390 101.85 -62.98 36.91
CA PRO C 390 102.23 -64.40 36.84
C PRO C 390 103.33 -64.78 37.80
N LEU C 391 104.28 -63.89 38.07
CA LEU C 391 105.40 -64.21 38.95
C LEU C 391 105.01 -64.08 40.41
N GLY C 392 104.58 -62.90 40.83
CA GLY C 392 104.22 -62.67 42.21
C GLY C 392 105.37 -62.41 43.15
N GLY C 393 106.58 -62.31 42.63
CA GLY C 393 107.75 -62.06 43.45
C GLY C 393 108.52 -63.33 43.74
N LEU C 394 109.84 -63.18 43.91
CA LEU C 394 110.71 -64.32 44.19
C LEU C 394 111.90 -63.83 45.01
N ASN C 395 112.55 -64.78 45.67
CA ASN C 395 113.71 -64.49 46.51
C ASN C 395 114.81 -65.49 46.20
N THR C 396 116.06 -65.05 46.41
CA THR C 396 117.23 -65.88 46.17
C THR C 396 117.90 -66.34 47.46
N ILE C 397 118.10 -65.44 48.41
CA ILE C 397 118.74 -65.81 49.68
C ILE C 397 117.89 -66.83 50.42
N ASP C 398 116.56 -66.67 50.36
CA ASP C 398 115.68 -67.60 51.06
C ASP C 398 115.82 -69.01 50.51
N ILE C 399 115.91 -69.14 49.18
CA ILE C 399 116.07 -70.47 48.58
C ILE C 399 117.37 -71.11 49.03
N LEU C 400 118.46 -70.34 49.02
CA LEU C 400 119.74 -70.89 49.46
C LEU C 400 119.70 -71.30 50.93
N THR C 401 119.08 -70.48 51.77
CA THR C 401 118.97 -70.83 53.19
C THR C 401 118.15 -72.10 53.38
N ALA C 402 117.05 -72.23 52.65
CA ALA C 402 116.23 -73.44 52.75
C ALA C 402 117.00 -74.66 52.28
N ILE C 403 117.76 -74.53 51.19
CA ILE C 403 118.55 -75.66 50.70
C ILE C 403 119.60 -76.06 51.72
N ARG C 404 120.27 -75.08 52.32
CA ARG C 404 121.27 -75.38 53.33
C ARG C 404 120.64 -76.07 54.54
N ASN C 405 119.48 -75.58 54.97
CA ASN C 405 118.80 -76.21 56.11
C ASN C 405 118.40 -77.64 55.80
N ALA C 406 117.89 -77.89 54.59
CA ALA C 406 117.45 -79.22 54.21
C ALA C 406 118.60 -80.14 53.82
N THR C 407 119.81 -79.61 53.67
CA THR C 407 120.95 -80.47 53.31
C THR C 407 121.20 -81.52 54.37
N GLY C 408 121.17 -81.12 55.65
CA GLY C 408 121.38 -82.04 56.74
C GLY C 408 122.81 -82.52 56.80
N PRO C 409 123.06 -83.58 57.56
CA PRO C 409 124.41 -84.13 57.67
C PRO C 409 124.82 -85.05 56.52
N ARG C 410 124.10 -85.04 55.41
CA ARG C 410 124.41 -85.84 54.24
C ARG C 410 124.51 -84.94 53.03
N PRO C 411 125.25 -85.35 52.00
CA PRO C 411 125.34 -84.53 50.78
C PRO C 411 123.96 -84.30 50.16
N ALA C 412 123.78 -83.10 49.61
CA ALA C 412 122.53 -82.71 48.97
C ALA C 412 122.87 -82.14 47.59
N LEU C 413 122.88 -83.01 46.57
CA LEU C 413 123.18 -82.60 45.21
C LEU C 413 121.99 -82.70 44.27
N PHE C 414 120.96 -83.47 44.64
CA PHE C 414 119.78 -83.59 43.79
C PHE C 414 118.94 -82.33 43.83
N VAL C 415 118.18 -82.11 42.77
CA VAL C 415 117.30 -80.96 42.63
C VAL C 415 115.87 -81.45 42.81
N PRO C 416 115.20 -81.15 43.92
CA PRO C 416 113.83 -81.63 44.11
C PRO C 416 112.88 -81.01 43.09
N GLU C 417 111.87 -81.79 42.70
CA GLU C 417 110.85 -81.35 41.75
C GLU C 417 109.58 -80.85 42.43
N VAL C 418 109.56 -80.80 43.76
CA VAL C 418 108.37 -80.36 44.47
C VAL C 418 108.32 -78.85 44.65
N SER C 419 109.46 -78.15 44.53
CA SER C 419 109.46 -76.71 44.68
C SER C 419 108.60 -76.03 43.62
N PHE C 420 108.70 -76.48 42.37
CA PHE C 420 107.89 -75.91 41.31
C PHE C 420 106.40 -76.12 41.58
N GLU C 421 106.02 -77.32 42.01
CA GLU C 421 104.62 -77.59 42.30
C GLU C 421 104.12 -76.71 43.45
N LEU C 422 104.93 -76.58 44.51
CA LEU C 422 104.53 -75.74 45.63
C LEU C 422 104.38 -74.29 45.20
N LEU C 423 105.31 -73.78 44.39
CA LEU C 423 105.23 -72.39 43.95
C LEU C 423 104.00 -72.16 43.07
N VAL C 424 103.71 -73.10 42.16
CA VAL C 424 102.59 -72.90 41.24
C VAL C 424 101.24 -73.16 41.90
N LYS C 425 101.21 -73.90 43.01
CA LYS C 425 99.95 -74.12 43.71
C LYS C 425 99.36 -72.80 44.20
N ARG C 426 100.20 -71.92 44.74
CA ARG C 426 99.71 -70.62 45.20
C ARG C 426 99.15 -69.80 44.05
N GLN C 427 99.86 -69.80 42.91
CA GLN C 427 99.37 -69.05 41.75
C GLN C 427 98.04 -69.60 41.26
N ILE C 428 97.90 -70.93 41.23
CA ILE C 428 96.65 -71.53 40.80
C ILE C 428 95.52 -71.17 41.77
N LYS C 429 95.81 -71.22 43.08
CA LYS C 429 94.79 -70.89 44.07
C LYS C 429 94.36 -69.43 43.95
N ARG C 430 95.30 -68.54 43.62
CA ARG C 430 94.97 -67.13 43.48
C ARG C 430 93.95 -66.88 42.37
N LEU C 431 93.77 -67.84 41.46
CA LEU C 431 92.80 -67.69 40.38
C LEU C 431 91.36 -67.76 40.87
N GLU C 432 91.13 -68.12 42.13
CA GLU C 432 89.77 -68.21 42.63
C GLU C 432 89.08 -66.84 42.62
N GLU C 433 89.79 -65.79 43.02
CA GLU C 433 89.17 -64.47 43.10
C GLU C 433 88.62 -64.00 41.76
N PRO C 434 89.33 -64.13 40.64
CA PRO C 434 88.70 -63.81 39.34
C PRO C 434 87.41 -64.56 39.09
N SER C 435 87.32 -65.82 39.51
CA SER C 435 86.08 -66.56 39.33
C SER C 435 84.93 -65.93 40.12
N LEU C 436 85.21 -65.53 41.37
CA LEU C 436 84.18 -64.88 42.17
C LEU C 436 83.77 -63.55 41.56
N ARG C 437 84.74 -62.78 41.05
CA ARG C 437 84.42 -61.52 40.41
C ARG C 437 83.55 -61.74 39.17
N CYS C 438 83.88 -62.76 38.38
CA CYS C 438 83.06 -63.07 37.20
C CYS C 438 81.65 -63.49 37.60
N VAL C 439 81.52 -64.28 38.67
CA VAL C 439 80.20 -64.68 39.13
C VAL C 439 79.39 -63.46 39.56
N GLU C 440 80.03 -62.55 40.31
CA GLU C 440 79.33 -61.33 40.72
C GLU C 440 78.92 -60.50 39.52
N LEU C 441 79.80 -60.38 38.52
CA LEU C 441 79.45 -59.61 37.33
C LEU C 441 78.28 -60.26 36.59
N VAL C 442 78.26 -61.59 36.50
CA VAL C 442 77.15 -62.27 35.84
C VAL C 442 75.85 -62.05 36.61
N HIS C 443 75.92 -62.11 37.94
CA HIS C 443 74.72 -61.85 38.74
C HIS C 443 74.21 -60.43 38.52
N GLU C 444 75.11 -59.45 38.49
CA GLU C 444 74.70 -58.08 38.25
C GLU C 444 74.09 -57.93 36.85
N GLU C 445 74.68 -58.58 35.86
CA GLU C 445 74.13 -58.51 34.50
C GLU C 445 72.74 -59.13 34.45
N MET C 446 72.55 -60.26 35.13
CA MET C 446 71.23 -60.88 35.15
C MET C 446 70.21 -59.98 35.84
N GLN C 447 70.60 -59.33 36.94
CA GLN C 447 69.71 -58.40 37.61
C GLN C 447 69.34 -57.23 36.70
N ARG C 448 70.33 -56.69 35.98
CA ARG C 448 70.06 -55.60 35.04
C ARG C 448 69.12 -56.05 33.93
N ILE C 449 69.32 -57.27 33.43
CA ILE C 449 68.44 -57.79 32.38
C ILE C 449 67.02 -57.93 32.90
N ILE C 450 66.86 -58.44 34.13
CA ILE C 450 65.54 -58.57 34.72
C ILE C 450 64.89 -57.20 34.87
N GLN C 451 65.64 -56.21 35.34
CA GLN C 451 65.08 -54.87 35.50
C GLN C 451 64.65 -54.29 34.16
N HIS C 452 65.48 -54.47 33.12
CA HIS C 452 65.12 -53.95 31.80
C HIS C 452 63.88 -54.64 31.25
N CYS C 453 63.78 -55.97 31.45
CA CYS C 453 62.60 -56.70 31.01
C CYS C 453 61.36 -56.18 31.73
N SER C 454 61.45 -55.98 33.04
CA SER C 454 60.32 -55.44 33.78
C SER C 454 59.94 -54.05 33.27
N ASN C 455 60.94 -53.22 32.98
CA ASN C 455 60.67 -51.85 32.55
C ASN C 455 60.01 -51.80 31.18
N TYR C 456 60.47 -52.62 30.23
CA TYR C 456 60.05 -52.50 28.84
C TYR C 456 59.23 -53.68 28.35
N SER C 457 59.76 -54.90 28.46
CA SER C 457 59.12 -56.05 27.82
C SER C 457 57.86 -56.49 28.55
N THR C 458 57.73 -56.21 29.84
CA THR C 458 56.62 -56.69 30.66
C THR C 458 56.03 -55.55 31.48
N GLN C 459 55.73 -54.43 30.81
CA GLN C 459 55.11 -53.31 31.51
C GLN C 459 53.84 -53.72 32.23
N GLU C 460 53.14 -54.74 31.72
CA GLU C 460 51.98 -55.26 32.43
C GLU C 460 52.36 -55.77 33.81
N LEU C 461 53.56 -56.33 33.96
CA LEU C 461 54.03 -56.75 35.27
C LEU C 461 54.15 -55.55 36.21
N LEU C 462 54.71 -54.45 35.72
CA LEU C 462 54.80 -53.24 36.53
C LEU C 462 53.44 -52.62 36.79
N ARG C 463 52.44 -52.92 35.96
CA ARG C 463 51.09 -52.40 36.22
C ARG C 463 50.58 -52.83 37.59
N PHE C 464 51.07 -53.95 38.10
CA PHE C 464 50.72 -54.42 39.44
C PHE C 464 51.99 -54.43 40.29
N PRO C 465 52.25 -53.40 41.10
CA PRO C 465 53.51 -53.36 41.85
C PRO C 465 53.74 -54.58 42.73
N LYS C 466 52.68 -55.10 43.37
CA LYS C 466 52.85 -56.24 44.25
C LYS C 466 53.31 -57.48 43.47
N LEU C 467 52.72 -57.71 42.30
CA LEU C 467 53.11 -58.86 41.50
C LEU C 467 54.57 -58.74 41.05
N HIS C 468 54.97 -57.54 40.63
CA HIS C 468 56.36 -57.33 40.22
C HIS C 468 57.31 -57.56 41.38
N ASP C 469 56.96 -57.05 42.56
CA ASP C 469 57.80 -57.25 43.74
C ASP C 469 57.93 -58.73 44.08
N ALA C 470 56.81 -59.46 44.02
CA ALA C 470 56.86 -60.89 44.30
C ALA C 470 57.73 -61.63 43.30
N ILE C 471 57.60 -61.28 42.01
CA ILE C 471 58.41 -61.92 40.98
C ILE C 471 59.89 -61.64 41.21
N VAL C 472 60.22 -60.38 41.52
CA VAL C 472 61.61 -60.01 41.76
C VAL C 472 62.15 -60.77 42.97
N GLU C 473 61.37 -60.86 44.04
CA GLU C 473 61.82 -61.56 45.23
C GLU C 473 62.05 -63.04 44.93
N VAL C 474 61.15 -63.66 44.18
CA VAL C 474 61.31 -65.08 43.84
C VAL C 474 62.56 -65.28 43.00
N VAL C 475 62.78 -64.41 42.01
CA VAL C 475 63.95 -64.54 41.15
C VAL C 475 65.23 -64.37 41.97
N THR C 476 65.25 -63.38 42.86
CA THR C 476 66.44 -63.16 43.69
C THR C 476 66.69 -64.36 44.60
N CYS C 477 65.63 -64.93 45.18
CA CYS C 477 65.81 -66.09 46.04
C CYS C 477 66.36 -67.27 45.24
N LEU C 478 65.83 -67.48 44.03
CA LEU C 478 66.33 -68.58 43.20
C LEU C 478 67.79 -68.37 42.83
N LEU C 479 68.17 -67.14 42.48
CA LEU C 479 69.55 -66.85 42.15
C LEU C 479 70.47 -67.08 43.34
N ARG C 480 70.04 -66.64 44.53
CA ARG C 480 70.84 -66.87 45.72
C ARG C 480 70.99 -68.36 46.02
N LYS C 481 69.91 -69.12 45.82
CA LYS C 481 69.98 -70.56 46.04
C LYS C 481 70.93 -71.23 45.06
N ARG C 482 70.91 -70.81 43.79
CA ARG C 482 71.77 -71.41 42.78
C ARG C 482 73.22 -70.94 42.88
N LEU C 483 73.48 -69.79 43.51
CA LEU C 483 74.85 -69.30 43.61
C LEU C 483 75.79 -70.29 44.27
N PRO C 484 75.46 -70.88 45.43
CA PRO C 484 76.40 -71.85 46.02
C PRO C 484 76.68 -73.04 45.13
N VAL C 485 75.69 -73.49 44.34
CA VAL C 485 75.92 -74.64 43.47
C VAL C 485 76.99 -74.31 42.43
N THR C 486 76.85 -73.16 41.76
CA THR C 486 77.84 -72.79 40.75
C THR C 486 79.19 -72.50 41.38
N ASN C 487 79.21 -71.89 42.57
CA ASN C 487 80.48 -71.67 43.25
C ASN C 487 81.19 -72.98 43.58
N GLU C 488 80.43 -73.97 44.06
CA GLU C 488 81.02 -75.27 44.37
C GLU C 488 81.51 -75.94 43.10
N MET C 489 80.74 -75.84 42.01
CA MET C 489 81.18 -76.44 40.75
C MET C 489 82.48 -75.79 40.27
N VAL C 490 82.58 -74.47 40.36
CA VAL C 490 83.80 -73.78 39.94
C VAL C 490 84.97 -74.20 40.82
N HIS C 491 84.74 -74.30 42.13
CA HIS C 491 85.80 -74.73 43.05
C HIS C 491 86.28 -76.13 42.70
N ASN C 492 85.35 -77.05 42.42
CA ASN C 492 85.73 -78.41 42.05
C ASN C 492 86.51 -78.42 40.75
N LEU C 493 86.08 -77.62 39.76
CA LEU C 493 86.80 -77.55 38.50
C LEU C 493 88.22 -77.04 38.71
N VAL C 494 88.38 -76.02 39.55
CA VAL C 494 89.71 -75.49 39.85
C VAL C 494 90.56 -76.55 40.54
N ALA C 495 89.99 -77.25 41.51
CA ALA C 495 90.74 -78.24 42.29
C ALA C 495 91.08 -79.48 41.48
N ILE C 496 90.34 -79.75 40.40
CA ILE C 496 90.64 -80.92 39.57
C ILE C 496 92.06 -80.82 39.02
N GLU C 497 92.47 -79.62 38.62
CA GLU C 497 93.82 -79.45 38.06
C GLU C 497 94.88 -79.81 39.10
N LEU C 498 94.69 -79.37 40.35
CA LEU C 498 95.64 -79.67 41.41
C LEU C 498 95.54 -81.10 41.92
N ALA C 499 94.42 -81.79 41.63
CA ALA C 499 94.23 -83.14 42.15
C ALA C 499 95.31 -84.09 41.65
N TYR C 500 95.62 -84.03 40.35
CA TYR C 500 96.61 -84.93 39.77
C TYR C 500 97.03 -84.44 38.39
N ILE C 501 98.34 -84.34 38.17
CA ILE C 501 98.89 -83.95 36.88
C ILE C 501 99.40 -85.21 36.21
N ASN C 502 98.62 -85.74 35.26
CA ASN C 502 99.01 -86.96 34.57
C ASN C 502 100.32 -86.75 33.81
N THR C 503 101.23 -87.70 33.96
CA THR C 503 102.52 -87.64 33.28
C THR C 503 102.53 -88.36 31.94
N LYS C 504 101.46 -89.06 31.59
CA LYS C 504 101.38 -89.80 30.33
C LYS C 504 100.76 -88.98 29.21
N HIS C 505 100.29 -87.77 29.49
CA HIS C 505 99.67 -86.95 28.45
C HIS C 505 100.74 -86.51 27.45
N PRO C 506 100.51 -86.66 26.14
CA PRO C 506 101.56 -86.27 25.18
C PRO C 506 101.96 -84.81 25.30
N ASP C 507 101.02 -83.92 25.58
CA ASP C 507 101.36 -82.51 25.74
C ASP C 507 102.30 -82.32 26.93
N PHE C 508 102.05 -83.03 28.03
CA PHE C 508 102.93 -82.94 29.19
C PHE C 508 104.34 -83.44 28.85
N ALA C 509 104.42 -84.54 28.09
CA ALA C 509 105.73 -85.05 27.69
C ALA C 509 106.47 -84.05 26.81
N ASP C 510 105.75 -83.43 25.87
CA ASP C 510 106.38 -82.42 25.01
C ASP C 510 106.86 -81.23 25.83
N ALA C 511 106.04 -80.79 26.79
CA ALA C 511 106.45 -79.68 27.64
C ALA C 511 107.69 -80.03 28.46
N CYS C 512 107.74 -81.26 29.00
CA CYS C 512 108.91 -81.68 29.75
C CYS C 512 110.15 -81.73 28.86
N GLY C 513 110.00 -82.22 27.63
CA GLY C 513 111.13 -82.24 26.71
C GLY C 513 111.62 -80.84 26.37
N LEU C 514 110.69 -79.91 26.13
CA LEU C 514 111.08 -78.53 25.86
C LEU C 514 111.78 -77.91 27.05
N MET C 515 111.28 -78.19 28.26
CA MET C 515 111.92 -77.66 29.46
C MET C 515 113.33 -78.22 29.62
N ASN C 516 113.50 -79.53 29.37
CA ASN C 516 114.83 -80.12 29.45
C ASN C 516 115.78 -79.51 28.43
N ASN C 517 115.29 -79.29 27.20
CA ASN C 517 116.13 -78.67 26.18
C ASN C 517 116.53 -77.26 26.59
N ASN C 518 115.58 -76.49 27.12
CA ASN C 518 115.89 -75.14 27.57
C ASN C 518 116.90 -75.15 28.71
N ILE C 519 116.77 -76.09 29.64
CA ILE C 519 117.72 -76.19 30.75
C ILE C 519 119.11 -76.52 30.22
N GLU C 520 119.19 -77.46 29.28
CA GLU C 520 120.49 -77.82 28.70
C GLU C 520 121.10 -76.61 27.98
N GLU C 521 120.29 -75.87 27.23
CA GLU C 521 120.81 -74.69 26.53
C GLU C 521 121.31 -73.65 27.53
N GLN C 522 120.57 -73.43 28.61
CA GLN C 522 120.98 -72.45 29.61
C GLN C 522 122.27 -72.88 30.29
N ARG C 523 122.40 -74.17 30.60
CA ARG C 523 123.64 -74.67 31.19
C ARG C 523 124.81 -74.50 30.24
N ARG C 524 124.61 -74.80 28.96
CA ARG C 524 125.67 -74.61 27.98
C ARG C 524 126.07 -73.14 27.89
N ASN C 525 125.08 -72.24 27.89
CA ASN C 525 125.39 -70.81 27.86
C ASN C 525 126.18 -70.38 29.08
N ARG C 526 125.80 -70.88 30.26
CA ARG C 526 126.55 -70.55 31.47
C ARG C 526 127.98 -71.06 31.38
N LEU C 527 128.17 -72.29 30.87
CA LEU C 527 129.51 -72.81 30.70
C LEU C 527 130.30 -72.03 29.65
N ALA C 528 129.61 -71.36 28.72
CA ALA C 528 130.28 -70.56 27.71
C ALA C 528 130.91 -69.29 28.27
N ARG C 529 130.62 -68.95 29.52
CA ARG C 529 131.16 -67.75 30.14
C ARG C 529 132.42 -68.08 30.93
N GLU C 530 133.51 -67.37 30.62
CA GLU C 530 134.78 -67.53 31.33
C GLU C 530 135.28 -68.98 31.24
N LEU C 531 135.57 -69.40 30.02
CA LEU C 531 136.09 -70.72 29.73
C LEU C 531 137.32 -70.59 28.83
N PRO C 532 138.19 -71.61 28.82
CA PRO C 532 139.39 -71.57 27.97
C PRO C 532 139.09 -71.27 26.51
N LEU C 632 144.57 -67.94 31.62
CA LEU C 632 143.97 -67.18 32.70
C LEU C 632 142.92 -68.02 33.41
N LEU C 633 143.14 -69.33 33.45
CA LEU C 633 142.22 -70.26 34.09
C LEU C 633 143.03 -71.42 34.67
N ASP C 634 142.34 -72.50 35.03
CA ASP C 634 142.98 -73.69 35.61
C ASP C 634 143.63 -73.36 36.95
N VAL C 635 142.94 -72.59 37.77
CA VAL C 635 143.42 -72.21 39.10
C VAL C 635 143.49 -73.46 39.96
N PRO C 636 144.45 -73.58 40.88
CA PRO C 636 144.47 -74.76 41.75
C PRO C 636 143.19 -74.88 42.56
N VAL C 637 142.77 -76.12 42.78
CA VAL C 637 141.52 -76.42 43.46
C VAL C 637 140.38 -75.78 42.67
N PRO C 638 140.08 -76.29 41.47
CA PRO C 638 139.03 -75.67 40.65
C PRO C 638 137.68 -75.70 41.35
N VAL C 639 136.73 -74.95 40.77
CA VAL C 639 135.37 -74.88 41.30
C VAL C 639 134.53 -76.10 40.95
N ALA C 640 135.12 -77.08 40.24
CA ALA C 640 134.36 -78.26 39.86
C ALA C 640 133.78 -78.98 41.07
N ARG C 641 134.39 -78.82 42.24
CA ARG C 641 133.88 -79.45 43.45
C ARG C 641 132.53 -78.87 43.89
N LYS C 642 132.13 -77.73 43.32
CA LYS C 642 130.86 -77.09 43.65
C LYS C 642 130.79 -76.75 45.14
N LEU C 643 131.78 -75.98 45.58
CA LEU C 643 131.82 -75.55 46.98
C LEU C 643 130.61 -74.68 47.32
N SER C 644 130.25 -73.76 46.42
CA SER C 644 129.12 -72.87 46.64
C SER C 644 128.62 -72.37 45.30
N ALA C 645 127.52 -71.63 45.34
CA ALA C 645 126.87 -71.02 44.18
C ALA C 645 126.16 -72.02 43.30
N ARG C 646 126.19 -73.32 43.63
CA ARG C 646 125.51 -74.31 42.80
C ARG C 646 124.00 -74.15 42.88
N GLU C 647 123.49 -73.66 44.00
CA GLU C 647 122.04 -73.50 44.15
C GLU C 647 121.50 -72.44 43.19
N GLN C 648 122.26 -71.38 42.93
CA GLN C 648 121.78 -70.30 42.07
C GLN C 648 121.51 -70.78 40.64
N ARG C 649 122.05 -71.95 40.25
CA ARG C 649 121.82 -72.43 38.89
C ARG C 649 120.35 -72.66 38.61
N ASP C 650 119.63 -73.26 39.57
CA ASP C 650 118.23 -73.62 39.37
C ASP C 650 117.26 -72.51 39.76
N CYS C 651 117.74 -71.40 40.32
CA CYS C 651 116.85 -70.33 40.74
C CYS C 651 116.10 -69.74 39.55
N GLU C 652 116.82 -69.46 38.46
CA GLU C 652 116.20 -68.90 37.27
C GLU C 652 115.56 -69.95 36.38
N VAL C 653 115.89 -71.23 36.58
CA VAL C 653 115.34 -72.29 35.74
C VAL C 653 113.84 -72.43 35.98
N ILE C 654 113.43 -72.46 37.25
CA ILE C 654 112.03 -72.74 37.58
C ILE C 654 111.12 -71.58 37.17
N GLU C 655 111.67 -70.39 36.96
CA GLU C 655 110.83 -69.24 36.59
C GLU C 655 110.12 -69.47 35.27
N ARG C 656 110.85 -69.98 34.26
CA ARG C 656 110.23 -70.22 32.96
C ARG C 656 109.13 -71.26 33.06
N LEU C 657 109.39 -72.35 33.81
CA LEU C 657 108.37 -73.38 33.98
C LEU C 657 107.14 -72.81 34.69
N ILE C 658 107.35 -72.00 35.73
CA ILE C 658 106.21 -71.42 36.44
C ILE C 658 105.41 -70.53 35.50
N LYS C 659 106.08 -69.70 34.70
CA LYS C 659 105.38 -68.82 33.78
C LYS C 659 104.58 -69.62 32.77
N SER C 660 105.19 -70.67 32.20
CA SER C 660 104.50 -71.47 31.19
C SER C 660 103.28 -72.16 31.79
N TYR C 661 103.44 -72.74 32.98
CA TYR C 661 102.31 -73.43 33.61
C TYR C 661 101.21 -72.45 33.97
N PHE C 662 101.57 -71.26 34.45
CA PHE C 662 100.56 -70.26 34.77
C PHE C 662 99.81 -69.83 33.52
N LEU C 663 100.51 -69.62 32.42
CA LEU C 663 99.85 -69.25 31.18
C LEU C 663 98.90 -70.35 30.71
N ILE C 664 99.35 -71.61 30.78
CA ILE C 664 98.50 -72.72 30.36
C ILE C 664 97.25 -72.79 31.23
N VAL C 665 97.42 -72.66 32.55
CA VAL C 665 96.28 -72.72 33.45
C VAL C 665 95.32 -71.57 33.18
N ARG C 666 95.86 -70.36 32.94
CA ARG C 666 95.01 -69.22 32.66
C ARG C 666 94.21 -69.44 31.38
N LYS C 667 94.85 -69.95 30.33
CA LYS C 667 94.14 -70.21 29.08
C LYS C 667 93.05 -71.27 29.29
N ASN C 668 93.37 -72.35 30.01
CA ASN C 668 92.39 -73.39 30.24
C ASN C 668 91.20 -72.87 31.03
N ILE C 669 91.46 -72.07 32.07
CA ILE C 669 90.38 -71.52 32.87
C ILE C 669 89.51 -70.58 32.03
N GLN C 670 90.15 -69.73 31.22
CA GLN C 670 89.39 -68.81 30.39
C GLN C 670 88.52 -69.59 29.40
N ASP C 671 89.04 -70.67 28.83
CA ASP C 671 88.26 -71.44 27.87
C ASP C 671 87.13 -72.21 28.55
N SER C 672 87.33 -72.66 29.78
CA SER C 672 86.37 -73.55 30.42
C SER C 672 85.29 -72.82 31.21
N VAL C 673 85.60 -71.67 31.80
CA VAL C 673 84.65 -71.00 32.68
C VAL C 673 83.35 -70.65 31.97
N PRO C 674 83.36 -70.05 30.78
CA PRO C 674 82.08 -69.64 30.17
C PRO C 674 81.10 -70.78 29.98
N LYS C 675 81.57 -71.92 29.45
CA LYS C 675 80.67 -73.03 29.16
C LYS C 675 80.04 -73.58 30.44
N ALA C 676 80.87 -73.86 31.45
CA ALA C 676 80.36 -74.40 32.70
C ALA C 676 79.42 -73.41 33.39
N VAL C 677 79.78 -72.12 33.40
CA VAL C 677 78.94 -71.12 34.04
C VAL C 677 77.59 -71.06 33.36
N MET C 678 77.58 -71.02 32.02
CA MET C 678 76.31 -71.01 31.29
C MET C 678 75.50 -72.25 31.62
N HIS C 679 76.12 -73.42 31.54
CA HIS C 679 75.38 -74.67 31.74
C HIS C 679 74.76 -74.73 33.12
N PHE C 680 75.49 -74.29 34.14
CA PHE C 680 75.03 -74.41 35.52
C PHE C 680 74.29 -73.19 36.03
N LEU C 681 74.14 -72.14 35.23
CA LEU C 681 73.44 -70.94 35.68
C LEU C 681 72.32 -70.46 34.77
N VAL C 682 72.18 -71.00 33.55
CA VAL C 682 71.16 -70.50 32.64
C VAL C 682 70.24 -71.64 32.22
N ASN C 683 70.79 -72.65 31.55
CA ASN C 683 69.96 -73.75 31.04
C ASN C 683 69.33 -74.54 32.18
N HIS C 684 70.13 -74.86 33.21
CA HIS C 684 69.60 -75.63 34.33
C HIS C 684 68.50 -74.87 35.04
N VAL C 685 68.69 -73.57 35.23
CA VAL C 685 67.64 -72.76 35.87
C VAL C 685 66.39 -72.75 35.00
N LYS C 686 66.55 -72.44 33.71
CA LYS C 686 65.39 -72.34 32.82
C LYS C 686 64.65 -73.66 32.68
N ASP C 687 65.32 -74.79 32.94
CA ASP C 687 64.65 -76.07 32.82
C ASP C 687 63.40 -76.14 33.70
N THR C 688 63.41 -75.44 34.85
CA THR C 688 62.27 -75.50 35.77
C THR C 688 61.92 -74.13 36.35
N LEU C 689 62.42 -73.04 35.77
CA LEU C 689 62.08 -71.72 36.28
C LEU C 689 60.59 -71.48 36.25
N GLN C 690 59.94 -71.80 35.12
CA GLN C 690 58.50 -71.57 35.02
C GLN C 690 57.73 -72.40 36.04
N SER C 691 58.10 -73.68 36.18
CA SER C 691 57.40 -74.53 37.14
C SER C 691 57.58 -74.02 38.56
N GLU C 692 58.80 -73.63 38.93
CA GLU C 692 59.03 -73.12 40.28
C GLU C 692 58.26 -71.82 40.52
N LEU C 693 58.24 -70.93 39.53
CA LEU C 693 57.51 -69.68 39.68
C LEU C 693 56.02 -69.94 39.85
N VAL C 694 55.46 -70.86 39.05
CA VAL C 694 54.04 -71.18 39.16
C VAL C 694 53.75 -71.77 40.54
N GLY C 695 54.61 -72.69 41.00
CA GLY C 695 54.38 -73.31 42.28
C GLY C 695 54.45 -72.33 43.44
N GLN C 696 55.44 -71.44 43.42
CA GLN C 696 55.61 -70.50 44.53
C GLN C 696 54.56 -69.40 44.52
N LEU C 697 54.26 -68.85 43.34
CA LEU C 697 53.28 -67.77 43.23
C LEU C 697 51.95 -68.30 42.72
N GLU C 711 44.81 -43.99 36.29
CA GLU C 711 44.27 -42.82 35.59
C GLU C 711 43.60 -43.24 34.29
N ASP C 712 44.22 -44.17 33.57
CA ASP C 712 43.65 -44.63 32.31
C ASP C 712 42.30 -45.30 32.54
N MET C 713 42.19 -46.12 33.59
CA MET C 713 40.91 -46.77 33.89
C MET C 713 39.84 -45.73 34.17
N ALA C 714 40.16 -44.72 34.98
CA ALA C 714 39.19 -43.68 35.29
C ALA C 714 38.77 -42.93 34.03
N GLN C 715 39.73 -42.58 33.17
CA GLN C 715 39.41 -41.85 31.95
C GLN C 715 38.50 -42.69 31.04
N ARG C 716 38.83 -43.97 30.85
CA ARG C 716 38.05 -44.80 29.95
C ARG C 716 36.64 -45.04 30.50
N ARG C 717 36.51 -45.27 31.81
CA ARG C 717 35.18 -45.50 32.37
C ARG C 717 34.36 -44.22 32.35
N LYS C 718 35.00 -43.06 32.57
CA LYS C 718 34.28 -41.79 32.46
C LYS C 718 33.79 -41.57 31.03
N GLU C 719 34.64 -41.86 30.03
CA GLU C 719 34.23 -41.72 28.65
C GLU C 719 33.08 -42.68 28.32
N ALA C 720 33.15 -43.91 28.82
CA ALA C 720 32.06 -44.86 28.58
C ALA C 720 30.76 -44.38 29.20
N ALA C 721 30.82 -43.85 30.44
CA ALA C 721 29.62 -43.33 31.07
C ALA C 721 29.06 -42.15 30.30
N ASP C 722 29.93 -41.25 29.84
CA ASP C 722 29.46 -40.10 29.07
C ASP C 722 28.79 -40.55 27.77
N MET C 723 29.39 -41.52 27.08
CA MET C 723 28.79 -42.02 25.84
C MET C 723 27.44 -42.70 26.12
N LEU C 724 27.34 -43.45 27.21
CA LEU C 724 26.08 -44.08 27.56
C LEU C 724 25.01 -43.04 27.85
N LYS C 725 25.38 -41.98 28.59
CA LYS C 725 24.42 -40.91 28.87
C LYS C 725 24.00 -40.21 27.59
N ALA C 726 24.95 -39.98 26.67
CA ALA C 726 24.60 -39.36 25.40
C ALA C 726 23.64 -40.23 24.59
N LEU C 727 23.89 -41.55 24.58
CA LEU C 727 22.98 -42.45 23.87
C LEU C 727 21.60 -42.45 24.49
N GLN C 728 21.53 -42.46 25.83
CA GLN C 728 20.22 -42.40 26.50
C GLN C 728 19.50 -41.11 26.17
N GLY C 729 20.22 -39.98 26.17
CA GLY C 729 19.59 -38.72 25.81
C GLY C 729 19.10 -38.70 24.37
N ALA C 730 19.89 -39.28 23.46
CA ALA C 730 19.45 -39.35 22.07
C ALA C 730 18.21 -40.21 21.93
N SER C 731 18.16 -41.34 22.64
CA SER C 731 16.96 -42.19 22.60
C SER C 731 15.75 -41.45 23.14
N GLN C 732 15.91 -40.72 24.24
CA GLN C 732 14.81 -39.96 24.80
C GLN C 732 14.34 -38.88 23.83
N ILE C 733 15.28 -38.20 23.16
CA ILE C 733 14.91 -37.18 22.20
C ILE C 733 14.17 -37.80 21.02
N ILE C 734 14.61 -38.97 20.56
CA ILE C 734 13.92 -39.65 19.47
C ILE C 734 12.51 -40.01 19.88
N ALA C 735 12.34 -40.53 21.10
CA ALA C 735 11.01 -40.87 21.58
C ALA C 735 10.12 -39.64 21.66
N GLU C 736 10.66 -38.52 22.16
CA GLU C 736 9.89 -37.29 22.25
C GLU C 736 9.49 -36.80 20.86
N ILE C 737 10.39 -36.89 19.89
CA ILE C 737 10.08 -36.47 18.53
C ILE C 737 8.97 -37.36 17.95
N ARG C 738 9.07 -38.67 18.17
CA ARG C 738 8.03 -39.58 17.67
C ARG C 738 6.69 -39.25 18.30
N GLU C 739 6.66 -38.99 19.60
CA GLU C 739 5.41 -38.62 20.25
C GLU C 739 4.86 -37.31 19.69
N THR C 740 5.75 -36.34 19.44
CA THR C 740 5.32 -35.06 18.89
C THR C 740 4.72 -35.23 17.51
N HIS C 741 5.29 -36.12 16.70
CA HIS C 741 4.75 -36.33 15.36
C HIS C 741 3.29 -36.75 15.41
N LEU C 742 2.86 -37.39 16.49
CA LEU C 742 1.44 -37.70 16.66
C LEU C 742 0.61 -36.44 16.73
N TRP C 743 1.13 -35.41 17.39
CA TRP C 743 0.44 -34.12 17.52
C TRP C 743 -0.02 -33.62 16.15
N MET D 8 -47.11 -37.80 28.44
CA MET D 8 -46.82 -36.91 29.61
C MET D 8 -45.78 -37.55 30.53
N GLU D 9 -45.83 -38.88 30.63
CA GLU D 9 -44.90 -39.63 31.47
C GLU D 9 -43.62 -40.00 30.76
N ALA D 10 -43.46 -39.65 29.48
CA ALA D 10 -42.30 -40.03 28.69
C ALA D 10 -41.27 -38.91 28.55
N LEU D 11 -41.72 -37.66 28.42
CA LEU D 11 -40.76 -36.57 28.20
C LEU D 11 -39.83 -36.39 29.38
N ILE D 12 -40.35 -36.47 30.61
CA ILE D 12 -39.50 -36.28 31.79
C ILE D 12 -38.43 -37.35 31.88
N PRO D 13 -38.75 -38.65 31.75
CA PRO D 13 -37.66 -39.65 31.71
C PRO D 13 -36.68 -39.42 30.58
N VAL D 14 -37.15 -38.96 29.43
CA VAL D 14 -36.24 -38.69 28.31
C VAL D 14 -35.25 -37.59 28.69
N ILE D 15 -35.75 -36.52 29.29
CA ILE D 15 -34.88 -35.42 29.70
C ILE D 15 -33.90 -35.90 30.76
N ASN D 16 -34.38 -36.72 31.71
CA ASN D 16 -33.50 -37.22 32.75
C ASN D 16 -32.39 -38.08 32.17
N LYS D 17 -32.71 -38.97 31.23
CA LYS D 17 -31.70 -39.81 30.61
C LYS D 17 -30.70 -38.97 29.81
N LEU D 18 -31.19 -37.97 29.07
CA LEU D 18 -30.29 -37.11 28.32
C LEU D 18 -29.35 -36.36 29.24
N GLN D 19 -29.87 -35.82 30.35
CA GLN D 19 -29.01 -35.12 31.30
C GLN D 19 -27.99 -36.05 31.92
N ASP D 20 -28.40 -37.29 32.26
CA ASP D 20 -27.46 -38.24 32.82
C ASP D 20 -26.36 -38.58 31.82
N VAL D 21 -26.72 -38.76 30.54
CA VAL D 21 -25.72 -39.05 29.53
C VAL D 21 -24.76 -37.88 29.38
N PHE D 22 -25.29 -36.65 29.36
CA PHE D 22 -24.43 -35.48 29.23
C PHE D 22 -23.47 -35.38 30.42
N ASN D 23 -23.96 -35.62 31.63
CA ASN D 23 -23.09 -35.59 32.80
C ASN D 23 -22.03 -36.67 32.72
N THR D 24 -22.40 -37.87 32.30
CA THR D 24 -21.43 -38.96 32.21
C THR D 24 -20.34 -38.66 31.19
N VAL D 25 -20.72 -38.12 30.03
CA VAL D 25 -19.74 -37.82 29.00
C VAL D 25 -18.98 -36.53 29.29
N GLY D 26 -19.47 -35.71 30.21
CA GLY D 26 -18.76 -34.49 30.56
C GLY D 26 -18.78 -33.42 29.49
N ALA D 27 -19.79 -33.43 28.62
CA ALA D 27 -19.90 -32.46 27.54
C ALA D 27 -21.13 -31.60 27.76
N ASP D 28 -20.95 -30.28 27.66
CA ASP D 28 -22.03 -29.32 27.86
C ASP D 28 -22.07 -28.31 26.73
N ILE D 29 -21.73 -28.73 25.50
CA ILE D 29 -21.76 -27.83 24.37
C ILE D 29 -23.17 -27.33 24.11
N ILE D 30 -24.15 -28.24 24.17
CA ILE D 30 -25.56 -27.90 23.95
C ILE D 30 -26.37 -28.47 25.10
N GLN D 31 -27.57 -27.90 25.29
CA GLN D 31 -28.47 -28.29 26.36
C GLN D 31 -29.69 -29.00 25.78
N LEU D 32 -30.19 -29.99 26.51
CA LEU D 32 -31.36 -30.73 26.06
C LEU D 32 -32.60 -29.84 26.10
N PRO D 33 -33.65 -30.20 25.36
CA PRO D 33 -34.87 -29.40 25.39
C PRO D 33 -35.43 -29.28 26.79
N GLN D 34 -35.89 -28.08 27.13
CA GLN D 34 -36.43 -27.80 28.45
C GLN D 34 -37.06 -26.41 28.41
N ILE D 35 -37.53 -25.97 29.58
CA ILE D 35 -38.15 -24.65 29.73
C ILE D 35 -37.26 -23.82 30.65
N VAL D 36 -36.83 -22.66 30.17
CA VAL D 36 -35.97 -21.77 30.93
C VAL D 36 -36.84 -20.67 31.53
N VAL D 37 -36.72 -20.47 32.84
CA VAL D 37 -37.52 -19.50 33.57
C VAL D 37 -36.65 -18.26 33.79
N VAL D 38 -37.02 -17.15 33.15
CA VAL D 38 -36.32 -15.89 33.28
C VAL D 38 -37.34 -14.78 33.44
N GLY D 39 -36.92 -13.69 34.07
CA GLY D 39 -37.81 -12.55 34.27
C GLY D 39 -37.16 -11.50 35.13
N THR D 40 -37.94 -10.48 35.43
CA THR D 40 -37.47 -9.38 36.27
C THR D 40 -37.22 -9.87 37.68
N GLN D 41 -36.30 -9.19 38.37
CA GLN D 41 -35.98 -9.54 39.75
C GLN D 41 -37.25 -9.48 40.61
N SER D 42 -37.43 -10.51 41.45
CA SER D 42 -38.59 -10.60 42.33
C SER D 42 -39.90 -10.50 41.54
N SER D 43 -39.94 -11.17 40.39
CA SER D 43 -41.11 -11.19 39.53
C SER D 43 -42.03 -12.37 39.81
N GLY D 44 -41.72 -13.18 40.82
CA GLY D 44 -42.55 -14.32 41.16
C GLY D 44 -42.06 -15.65 40.64
N LYS D 45 -40.85 -15.72 40.07
CA LYS D 45 -40.34 -17.00 39.58
C LYS D 45 -40.23 -18.01 40.70
N SER D 46 -39.67 -17.59 41.84
CA SER D 46 -39.57 -18.49 42.99
C SER D 46 -40.96 -18.89 43.49
N SER D 47 -41.90 -17.94 43.52
CA SER D 47 -43.26 -18.26 43.93
C SER D 47 -43.89 -19.27 42.98
N VAL D 48 -43.69 -19.08 41.68
CA VAL D 48 -44.26 -20.01 40.70
C VAL D 48 -43.66 -21.40 40.88
N LEU D 49 -42.34 -21.48 41.10
CA LEU D 49 -41.70 -22.78 41.30
C LEU D 49 -42.23 -23.45 42.56
N GLU D 50 -42.39 -22.68 43.64
CA GLU D 50 -42.91 -23.26 44.88
C GLU D 50 -44.35 -23.76 44.69
N SER D 51 -45.17 -22.98 43.98
CA SER D 51 -46.54 -23.39 43.72
C SER D 51 -46.58 -24.68 42.90
N LEU D 52 -45.73 -24.77 41.87
CA LEU D 52 -45.67 -26.00 41.09
C LEU D 52 -45.24 -27.18 41.94
N VAL D 53 -44.23 -26.98 42.79
CA VAL D 53 -43.81 -28.03 43.71
C VAL D 53 -44.90 -28.29 44.75
N GLY D 54 -45.59 -27.23 45.18
CA GLY D 54 -46.61 -27.34 46.20
C GLY D 54 -46.15 -26.97 47.59
N ARG D 55 -44.85 -26.76 47.79
CA ARG D 55 -44.31 -26.38 49.08
C ARG D 55 -43.15 -25.40 48.88
N ASP D 56 -42.84 -24.65 49.93
CA ASP D 56 -41.79 -23.65 49.87
C ASP D 56 -40.43 -24.33 50.01
N LEU D 57 -39.61 -24.24 48.95
CA LEU D 57 -38.28 -24.84 48.98
C LEU D 57 -37.22 -23.95 48.33
N LEU D 58 -37.55 -22.71 47.98
CA LEU D 58 -36.61 -21.80 47.35
C LEU D 58 -36.63 -20.46 48.06
N PRO D 59 -35.52 -19.72 48.01
CA PRO D 59 -35.49 -18.41 48.69
C PRO D 59 -36.36 -17.39 47.98
N ARG D 60 -36.81 -16.41 48.75
CA ARG D 60 -37.65 -15.33 48.23
C ARG D 60 -37.31 -14.04 48.97
N GLY D 61 -37.68 -12.92 48.35
CA GLY D 61 -37.38 -11.63 48.94
C GLY D 61 -35.89 -11.35 48.98
N THR D 62 -35.47 -10.64 50.02
CA THR D 62 -34.06 -10.29 50.19
C THR D 62 -33.32 -11.43 50.89
N GLY D 63 -33.43 -12.64 50.34
CA GLY D 63 -32.77 -13.80 50.91
C GLY D 63 -32.27 -14.78 49.87
N ILE D 64 -32.12 -14.30 48.62
CA ILE D 64 -31.70 -15.17 47.53
C ILE D 64 -30.20 -15.42 47.66
N VAL D 65 -29.83 -16.69 47.76
CA VAL D 65 -28.43 -17.07 47.87
C VAL D 65 -28.01 -18.13 46.86
N THR D 66 -28.94 -18.93 46.32
CA THR D 66 -28.61 -19.97 45.35
C THR D 66 -28.62 -19.35 43.96
N ARG D 67 -27.46 -18.83 43.54
CA ARG D 67 -27.32 -18.21 42.23
C ARG D 67 -26.99 -19.22 41.13
N ARG D 68 -26.68 -20.46 41.49
CA ARG D 68 -26.40 -21.47 40.48
C ARG D 68 -27.69 -21.88 39.76
N PRO D 69 -27.60 -22.37 38.53
CA PRO D 69 -28.81 -22.79 37.81
C PRO D 69 -29.38 -24.07 38.42
N LEU D 70 -30.64 -24.00 38.85
CA LEU D 70 -31.35 -25.14 39.43
C LEU D 70 -32.35 -25.66 38.41
N ILE D 71 -32.26 -26.96 38.12
CA ILE D 71 -33.14 -27.61 37.16
C ILE D 71 -34.19 -28.37 37.95
N LEU D 72 -35.45 -27.94 37.85
CA LEU D 72 -36.56 -28.58 38.53
C LEU D 72 -37.23 -29.55 37.56
N GLN D 73 -37.18 -30.83 37.89
CA GLN D 73 -37.76 -31.89 37.05
C GLN D 73 -38.83 -32.60 37.88
N LEU D 74 -40.05 -32.07 37.82
CA LEU D 74 -41.17 -32.68 38.54
C LEU D 74 -41.57 -33.98 37.86
N VAL D 75 -41.78 -35.02 38.66
CA VAL D 75 -42.17 -36.35 38.16
C VAL D 75 -43.45 -36.76 38.87
N HIS D 76 -44.46 -37.12 38.08
CA HIS D 76 -45.71 -37.60 38.65
C HIS D 76 -45.52 -39.00 39.25
N VAL D 77 -46.26 -39.27 40.32
CA VAL D 77 -46.19 -40.54 41.03
C VAL D 77 -47.47 -41.31 40.74
N SER D 78 -47.32 -42.54 40.25
CA SER D 78 -48.45 -43.39 39.93
C SER D 78 -47.99 -44.84 39.99
N GLN D 79 -48.97 -45.74 40.07
CA GLN D 79 -48.65 -47.17 40.16
C GLN D 79 -47.90 -47.64 38.91
N GLU D 80 -48.34 -47.21 37.73
CA GLU D 80 -47.68 -47.61 36.50
C GLU D 80 -46.31 -46.95 36.33
N ASP D 81 -46.07 -45.83 37.00
CA ASP D 81 -44.82 -45.09 36.89
C ASP D 81 -43.76 -45.55 37.89
N LYS D 82 -44.09 -46.50 38.77
CA LYS D 82 -43.13 -46.94 39.78
C LYS D 82 -41.89 -47.53 39.14
N ARG D 83 -42.07 -48.40 38.14
CA ARG D 83 -40.92 -49.04 37.51
C ARG D 83 -40.01 -48.02 36.82
N LYS D 84 -40.61 -47.08 36.09
CA LYS D 84 -39.80 -46.08 35.39
C LYS D 84 -39.04 -45.21 36.37
N THR D 85 -39.70 -44.79 37.45
CA THR D 85 -39.02 -43.95 38.44
C THR D 85 -37.90 -44.72 39.14
N THR D 86 -38.13 -45.99 39.44
CA THR D 86 -37.14 -46.83 40.13
C THR D 86 -36.24 -47.58 39.17
N GLY D 87 -36.36 -47.36 37.86
CA GLY D 87 -35.51 -48.06 36.92
C GLY D 87 -34.04 -47.73 37.09
N GLU D 88 -33.72 -46.45 37.29
CA GLU D 88 -32.35 -46.00 37.45
C GLU D 88 -31.92 -45.92 38.91
N GLU D 89 -32.82 -46.20 39.85
CA GLU D 89 -32.50 -46.11 41.27
C GLU D 89 -33.07 -47.35 41.97
N ASN D 90 -33.04 -47.34 43.29
CA ASN D 90 -33.58 -48.42 44.09
C ASN D 90 -35.02 -48.12 44.49
N GLY D 91 -35.76 -49.17 44.84
CA GLY D 91 -37.13 -49.03 45.25
C GLY D 91 -37.31 -48.11 46.44
N VAL D 92 -38.20 -47.13 46.32
CA VAL D 92 -38.47 -46.18 47.39
C VAL D 92 -39.97 -46.21 47.67
N GLU D 93 -40.34 -46.48 48.92
CA GLU D 93 -41.73 -46.53 49.33
C GLU D 93 -42.27 -45.17 49.78
N ALA D 94 -41.41 -44.16 49.92
CA ALA D 94 -41.87 -42.85 50.34
C ALA D 94 -42.70 -42.20 49.24
N GLU D 95 -43.81 -41.57 49.64
CA GLU D 95 -44.68 -40.91 48.67
C GLU D 95 -43.96 -39.77 47.97
N GLU D 96 -43.21 -38.96 48.73
CA GLU D 96 -42.49 -37.82 48.18
C GLU D 96 -41.02 -37.92 48.60
N TRP D 97 -40.13 -37.74 47.63
CA TRP D 97 -38.70 -37.77 47.89
C TRP D 97 -37.99 -36.99 46.80
N GLY D 98 -36.74 -36.61 47.09
CA GLY D 98 -35.93 -35.88 46.13
C GLY D 98 -34.50 -36.36 46.15
N LYS D 99 -33.79 -36.06 45.07
CA LYS D 99 -32.41 -36.47 44.92
C LYS D 99 -31.70 -35.52 43.97
N PHE D 100 -30.37 -35.57 43.99
CA PHE D 100 -29.52 -34.77 43.12
C PHE D 100 -28.63 -35.69 42.31
N LEU D 101 -28.55 -35.45 41.00
CA LEU D 101 -27.75 -36.30 40.14
C LEU D 101 -26.27 -36.25 40.52
N HIS D 102 -25.75 -35.06 40.80
CA HIS D 102 -24.33 -34.94 41.14
C HIS D 102 -23.99 -35.60 42.46
N THR D 103 -24.98 -35.84 43.32
CA THR D 103 -24.74 -36.50 44.60
C THR D 103 -24.65 -38.01 44.40
N LYS D 104 -24.32 -38.72 45.48
CA LYS D 104 -24.21 -40.17 45.46
C LYS D 104 -25.56 -40.85 45.66
N ASN D 105 -26.54 -40.48 44.83
CA ASN D 105 -27.88 -41.04 44.89
C ASN D 105 -28.52 -40.82 46.26
N LYS D 106 -28.13 -39.76 46.96
CA LYS D 106 -28.70 -39.46 48.26
C LYS D 106 -30.16 -39.01 48.10
N LEU D 107 -30.99 -39.39 49.07
CA LEU D 107 -32.41 -39.06 49.04
C LEU D 107 -32.72 -38.06 50.14
N TYR D 108 -33.37 -36.96 49.76
CA TYR D 108 -33.77 -35.91 50.69
C TYR D 108 -35.26 -35.66 50.55
N THR D 109 -35.96 -35.61 51.69
CA THR D 109 -37.41 -35.43 51.71
C THR D 109 -37.82 -34.03 52.16
N ASP D 110 -37.32 -33.58 53.32
CA ASP D 110 -37.74 -32.28 53.84
C ASP D 110 -37.34 -31.16 52.89
N PHE D 111 -38.29 -30.27 52.60
CA PHE D 111 -38.03 -29.17 51.69
C PHE D 111 -37.00 -28.19 52.26
N ASP D 112 -37.12 -27.86 53.55
CA ASP D 112 -36.16 -26.96 54.17
C ASP D 112 -34.77 -27.57 54.17
N GLU D 113 -34.66 -28.88 54.46
CA GLU D 113 -33.37 -29.53 54.42
C GLU D 113 -32.78 -29.51 53.03
N ILE D 114 -33.62 -29.74 52.01
CA ILE D 114 -33.15 -29.68 50.63
C ILE D 114 -32.63 -28.29 50.29
N ARG D 115 -33.37 -27.26 50.70
CA ARG D 115 -32.93 -25.89 50.44
C ARG D 115 -31.61 -25.60 51.12
N GLN D 116 -31.46 -26.02 52.38
CA GLN D 116 -30.20 -25.79 53.09
C GLN D 116 -29.05 -26.52 52.41
N GLU D 117 -29.27 -27.76 51.99
CA GLU D 117 -28.22 -28.51 51.32
C GLU D 117 -27.83 -27.85 50.00
N ILE D 118 -28.82 -27.37 49.24
CA ILE D 118 -28.53 -26.70 47.98
C ILE D 118 -27.72 -25.44 48.23
N GLU D 119 -28.12 -24.65 49.23
CA GLU D 119 -27.38 -23.43 49.53
C GLU D 119 -25.95 -23.74 49.96
N ASN D 120 -25.77 -24.76 50.80
CA ASN D 120 -24.42 -25.12 51.24
C ASN D 120 -23.57 -25.58 50.07
N GLU D 121 -24.13 -26.40 49.18
CA GLU D 121 -23.38 -26.86 48.03
C GLU D 121 -23.01 -25.69 47.12
N THR D 122 -23.94 -24.75 46.90
CA THR D 122 -23.65 -23.59 46.07
C THR D 122 -22.53 -22.76 46.68
N GLU D 123 -22.59 -22.52 48.00
CA GLU D 123 -21.54 -21.75 48.65
C GLU D 123 -20.20 -22.45 48.55
N ARG D 124 -20.18 -23.77 48.74
CA ARG D 124 -18.93 -24.52 48.68
C ARG D 124 -18.32 -24.48 47.28
N ILE D 125 -19.14 -24.73 46.25
CA ILE D 125 -18.62 -24.77 44.89
C ILE D 125 -18.19 -23.39 44.44
N SER D 126 -19.03 -22.38 44.67
CA SER D 126 -18.71 -21.03 44.22
C SER D 126 -17.58 -20.42 45.03
N GLY D 127 -17.42 -20.83 46.29
CA GLY D 127 -16.40 -20.26 47.12
C GLY D 127 -16.68 -18.80 47.44
N ASN D 128 -15.60 -18.02 47.61
CA ASN D 128 -15.76 -16.61 47.91
C ASN D 128 -16.47 -15.88 46.78
N ASN D 129 -16.10 -16.16 45.55
CA ASN D 129 -16.76 -15.54 44.40
C ASN D 129 -18.14 -16.16 44.19
N LYS D 130 -19.09 -15.32 43.80
CA LYS D 130 -20.46 -15.76 43.54
C LYS D 130 -20.74 -15.91 42.05
N GLY D 131 -19.74 -16.35 41.28
CA GLY D 131 -19.91 -16.51 39.84
C GLY D 131 -20.68 -17.76 39.49
N VAL D 132 -20.30 -18.40 38.38
CA VAL D 132 -20.96 -19.61 37.90
C VAL D 132 -19.91 -20.67 37.63
N SER D 133 -20.35 -21.93 37.66
CA SER D 133 -19.51 -23.09 37.42
C SER D 133 -20.17 -24.01 36.42
N PRO D 134 -19.38 -24.77 35.63
CA PRO D 134 -19.93 -25.71 34.66
C PRO D 134 -20.47 -27.00 35.28
N GLU D 135 -21.30 -26.86 36.32
CA GLU D 135 -21.91 -28.00 37.01
C GLU D 135 -23.29 -27.59 37.48
N PRO D 136 -24.26 -27.51 36.57
CA PRO D 136 -25.61 -27.10 36.97
C PRO D 136 -26.19 -28.03 38.01
N ILE D 137 -26.95 -27.46 38.95
CA ILE D 137 -27.59 -28.24 40.00
C ILE D 137 -28.79 -28.96 39.41
N HIS D 138 -28.89 -30.26 39.66
CA HIS D 138 -29.97 -31.09 39.15
C HIS D 138 -30.86 -31.53 40.31
N LEU D 139 -32.15 -31.25 40.18
CA LEU D 139 -33.14 -31.59 41.21
C LEU D 139 -34.25 -32.40 40.58
N LYS D 140 -34.60 -33.52 41.23
CA LYS D 140 -35.66 -34.40 40.78
C LYS D 140 -36.68 -34.57 41.91
N ILE D 141 -37.95 -34.37 41.58
CA ILE D 141 -39.04 -34.45 42.55
C ILE D 141 -40.02 -35.52 42.08
N PHE D 142 -40.35 -36.44 42.99
CA PHE D 142 -41.31 -37.52 42.72
C PHE D 142 -42.44 -37.40 43.73
N SER D 143 -43.48 -36.64 43.36
CA SER D 143 -44.63 -36.43 44.21
C SER D 143 -45.91 -36.68 43.43
N PRO D 144 -46.97 -37.15 44.09
CA PRO D 144 -48.23 -37.38 43.37
C PRO D 144 -49.01 -36.11 43.08
N ASN D 145 -48.71 -35.00 43.74
CA ASN D 145 -49.41 -33.75 43.54
C ASN D 145 -48.79 -32.87 42.46
N VAL D 146 -47.71 -33.33 41.83
CA VAL D 146 -47.04 -32.58 40.77
C VAL D 146 -47.03 -33.43 39.51
N VAL D 147 -47.48 -32.83 38.40
CA VAL D 147 -47.50 -33.53 37.12
C VAL D 147 -46.09 -33.49 36.52
N ASN D 148 -45.86 -34.29 35.49
CA ASN D 148 -44.55 -34.36 34.86
C ASN D 148 -44.25 -33.05 34.14
N LEU D 149 -43.23 -32.34 34.59
CA LEU D 149 -42.83 -31.08 33.98
C LEU D 149 -41.39 -30.77 34.39
N THR D 150 -40.69 -30.07 33.50
CA THR D 150 -39.30 -29.70 33.72
C THR D 150 -39.16 -28.19 33.63
N LEU D 151 -38.47 -27.60 34.60
CA LEU D 151 -38.23 -26.17 34.64
C LEU D 151 -36.80 -25.91 35.07
N VAL D 152 -36.26 -24.76 34.66
CA VAL D 152 -34.92 -24.33 35.00
C VAL D 152 -35.01 -22.97 35.68
N ASP D 153 -34.34 -22.84 36.83
CA ASP D 153 -34.35 -21.62 37.62
C ASP D 153 -32.98 -20.98 37.60
N LEU D 154 -32.94 -19.69 37.27
CA LEU D 154 -31.70 -18.92 37.25
C LEU D 154 -31.89 -17.63 38.01
N PRO D 155 -30.82 -17.07 38.58
CA PRO D 155 -30.96 -15.81 39.33
C PRO D 155 -31.32 -14.65 38.41
N GLY D 156 -32.03 -13.70 38.98
CA GLY D 156 -32.43 -12.48 38.29
C GLY D 156 -31.47 -11.34 38.53
N MET D 157 -32.00 -10.11 38.42
CA MET D 157 -31.21 -8.91 38.67
C MET D 157 -31.18 -8.63 40.17
N THR D 158 -30.43 -9.47 40.88
CA THR D 158 -30.32 -9.39 42.33
C THR D 158 -29.26 -8.35 42.71
N LYS D 159 -29.58 -7.10 42.41
CA LYS D 159 -28.70 -5.98 42.74
C LYS D 159 -28.80 -5.58 44.21
N VAL D 160 -29.78 -6.09 44.94
CA VAL D 160 -29.92 -5.72 46.35
C VAL D 160 -28.67 -6.17 47.10
N PRO D 161 -28.15 -5.38 48.06
CA PRO D 161 -26.96 -5.82 48.79
C PRO D 161 -27.26 -6.94 49.78
N VAL D 162 -27.30 -8.17 49.29
CA VAL D 162 -27.60 -9.33 50.12
C VAL D 162 -26.33 -10.09 50.50
N GLY D 163 -25.17 -9.43 50.45
CA GLY D 163 -23.92 -10.08 50.75
C GLY D 163 -22.83 -9.73 49.75
N ASP D 164 -23.11 -8.78 48.85
CA ASP D 164 -22.15 -8.33 47.85
C ASP D 164 -21.92 -9.41 46.80
N GLN D 165 -21.77 -9.02 45.56
CA GLN D 165 -21.57 -9.93 44.44
C GLN D 165 -20.42 -9.43 43.58
N PRO D 166 -19.77 -10.32 42.83
CA PRO D 166 -18.71 -9.88 41.93
C PRO D 166 -19.23 -8.90 40.88
N LYS D 167 -18.35 -7.98 40.46
CA LYS D 167 -18.75 -6.98 39.48
C LYS D 167 -19.26 -7.63 38.20
N ASP D 168 -18.69 -8.78 37.82
CA ASP D 168 -19.09 -9.49 36.62
C ASP D 168 -20.25 -10.45 36.87
N ILE D 169 -21.01 -10.26 37.96
CA ILE D 169 -22.14 -11.14 38.24
C ILE D 169 -23.19 -11.03 37.14
N GLU D 170 -23.48 -9.81 36.68
CA GLU D 170 -24.45 -9.62 35.62
C GLU D 170 -23.99 -10.29 34.33
N LEU D 171 -22.70 -10.14 34.00
CA LEU D 171 -22.17 -10.79 32.80
C LEU D 171 -22.27 -12.30 32.91
N GLN D 172 -21.93 -12.86 34.07
CA GLN D 172 -22.04 -14.30 34.26
C GLN D 172 -23.47 -14.78 34.11
N ILE D 173 -24.43 -14.05 34.70
CA ILE D 173 -25.83 -14.43 34.58
C ILE D 173 -26.29 -14.37 33.13
N ARG D 174 -25.90 -13.32 32.41
CA ARG D 174 -26.29 -13.21 31.01
C ARG D 174 -25.69 -14.34 30.19
N GLU D 175 -24.42 -14.68 30.43
CA GLU D 175 -23.80 -15.77 29.71
C GLU D 175 -24.50 -17.10 30.00
N LEU D 176 -24.84 -17.33 31.27
CA LEU D 176 -25.52 -18.57 31.63
C LEU D 176 -26.89 -18.65 30.95
N ILE D 177 -27.64 -17.55 30.96
CA ILE D 177 -28.95 -17.55 30.31
C ILE D 177 -28.81 -17.80 28.82
N LEU D 178 -27.84 -17.14 28.18
CA LEU D 178 -27.63 -17.33 26.75
C LEU D 178 -27.28 -18.77 26.43
N ARG D 179 -26.40 -19.38 27.23
CA ARG D 179 -26.03 -20.77 27.00
C ARG D 179 -27.24 -21.69 27.18
N PHE D 180 -28.04 -21.44 28.21
CA PHE D 180 -29.23 -22.28 28.43
C PHE D 180 -30.21 -22.17 27.27
N ILE D 181 -30.44 -20.96 26.76
CA ILE D 181 -31.37 -20.77 25.65
C ILE D 181 -30.75 -21.05 24.30
N SER D 182 -29.46 -21.41 24.25
CA SER D 182 -28.81 -21.65 22.96
C SER D 182 -29.48 -22.80 22.21
N ASN D 183 -30.08 -23.74 22.93
CA ASN D 183 -30.74 -24.87 22.29
C ASN D 183 -32.00 -24.40 21.59
N PRO D 184 -32.14 -24.61 20.26
CA PRO D 184 -33.38 -24.19 19.60
C PRO D 184 -34.62 -24.90 20.10
N ASN D 185 -34.48 -26.07 20.70
CA ASN D 185 -35.61 -26.84 21.20
C ASN D 185 -36.02 -26.44 22.62
N SER D 186 -35.32 -25.49 23.23
CA SER D 186 -35.62 -25.06 24.59
C SER D 186 -36.48 -23.80 24.53
N ILE D 187 -37.57 -23.82 25.29
CA ILE D 187 -38.51 -22.70 25.35
C ILE D 187 -38.07 -21.74 26.43
N ILE D 188 -38.24 -20.44 26.18
CA ILE D 188 -37.90 -19.40 27.14
C ILE D 188 -39.20 -18.94 27.80
N LEU D 189 -39.31 -19.14 29.11
CA LEU D 189 -40.49 -18.77 29.87
C LEU D 189 -40.32 -17.37 30.43
N ALA D 190 -41.14 -16.44 29.96
CA ALA D 190 -41.10 -15.05 30.43
C ALA D 190 -42.09 -14.90 31.58
N VAL D 191 -41.58 -14.93 32.80
CA VAL D 191 -42.40 -14.77 33.99
C VAL D 191 -42.35 -13.30 34.41
N THR D 192 -43.52 -12.66 34.42
CA THR D 192 -43.61 -11.24 34.75
C THR D 192 -44.87 -11.01 35.57
N ALA D 193 -44.86 -9.91 36.32
CA ALA D 193 -45.99 -9.55 37.16
C ALA D 193 -47.13 -8.99 36.31
N ALA D 194 -48.20 -8.56 37.00
CA ALA D 194 -49.35 -8.02 36.28
C ALA D 194 -48.98 -6.75 35.51
N ASN D 195 -48.15 -5.89 36.11
CA ASN D 195 -47.79 -4.64 35.45
C ASN D 195 -47.05 -4.92 34.14
N THR D 196 -46.11 -5.86 34.15
CA THR D 196 -45.29 -6.17 32.99
C THR D 196 -45.90 -7.34 32.22
N ASP D 197 -47.06 -7.08 31.62
CA ASP D 197 -47.78 -8.12 30.91
C ASP D 197 -46.99 -8.65 29.72
N MET D 198 -46.80 -7.81 28.69
CA MET D 198 -46.05 -8.22 27.51
C MET D 198 -45.22 -7.11 26.88
N ALA D 199 -45.19 -5.91 27.46
CA ALA D 199 -44.55 -4.78 26.78
C ALA D 199 -43.06 -5.06 26.56
N THR D 200 -42.34 -5.40 27.62
CA THR D 200 -40.92 -5.69 27.53
C THR D 200 -40.52 -6.57 28.70
N SER D 201 -39.38 -7.23 28.54
CA SER D 201 -38.84 -8.11 29.58
C SER D 201 -37.48 -8.61 29.12
N GLU D 202 -36.69 -9.09 30.08
CA GLU D 202 -35.38 -9.64 29.74
C GLU D 202 -35.51 -10.86 28.83
N ALA D 203 -36.51 -11.71 29.11
CA ALA D 203 -36.73 -12.88 28.26
C ALA D 203 -37.05 -12.46 26.83
N LEU D 204 -37.93 -11.46 26.67
CA LEU D 204 -38.25 -10.98 25.33
C LEU D 204 -37.03 -10.41 24.63
N LYS D 205 -36.21 -9.66 25.37
CA LYS D 205 -35.01 -9.07 24.78
C LYS D 205 -34.05 -10.15 24.31
N ILE D 206 -33.83 -11.18 25.14
CA ILE D 206 -32.89 -12.23 24.77
C ILE D 206 -33.45 -13.04 23.59
N SER D 207 -34.77 -13.26 23.58
CA SER D 207 -35.37 -13.98 22.45
C SER D 207 -35.21 -13.20 21.16
N ARG D 208 -35.38 -11.88 21.22
CA ARG D 208 -35.19 -11.06 20.02
C ARG D 208 -33.73 -11.01 19.60
N GLU D 209 -32.80 -11.09 20.57
CA GLU D 209 -31.38 -11.05 20.23
C GLU D 209 -30.93 -12.36 19.58
N VAL D 210 -31.34 -13.49 20.14
CA VAL D 210 -30.88 -14.78 19.62
C VAL D 210 -31.39 -15.00 18.20
N ASP D 211 -32.65 -14.68 17.93
CA ASP D 211 -33.25 -14.83 16.62
C ASP D 211 -33.99 -13.56 16.24
N PRO D 212 -34.13 -13.28 14.95
CA PRO D 212 -34.83 -12.04 14.54
C PRO D 212 -36.23 -11.94 15.12
N ASP D 213 -36.96 -13.05 15.16
CA ASP D 213 -38.30 -13.10 15.76
C ASP D 213 -38.38 -14.04 16.94
N GLY D 214 -37.97 -15.29 16.77
CA GLY D 214 -38.02 -16.26 17.84
C GLY D 214 -39.34 -16.99 17.89
N ARG D 215 -39.31 -18.31 17.70
CA ARG D 215 -40.53 -19.11 17.71
C ARG D 215 -40.82 -19.67 19.11
N ARG D 216 -40.77 -18.78 20.11
CA ARG D 216 -41.13 -19.16 21.47
C ARG D 216 -41.40 -17.88 22.26
N THR D 217 -42.64 -17.70 22.69
CA THR D 217 -43.03 -16.51 23.45
C THR D 217 -44.22 -16.89 24.33
N LEU D 218 -43.96 -17.09 25.62
CA LEU D 218 -45.00 -17.39 26.59
C LEU D 218 -44.90 -16.41 27.76
N ALA D 219 -46.02 -15.82 28.12
CA ALA D 219 -46.09 -14.85 29.21
C ALA D 219 -46.94 -15.41 30.34
N VAL D 220 -46.41 -15.37 31.55
CA VAL D 220 -47.10 -15.84 32.74
C VAL D 220 -47.27 -14.66 33.69
N ILE D 221 -48.50 -14.43 34.15
CA ILE D 221 -48.83 -13.32 35.03
C ILE D 221 -49.05 -13.86 36.43
N THR D 222 -48.41 -13.24 37.42
CA THR D 222 -48.50 -13.66 38.81
C THR D 222 -49.12 -12.56 39.65
N LYS D 223 -49.58 -12.93 40.84
CA LYS D 223 -50.17 -12.00 41.80
C LYS D 223 -51.36 -11.26 41.19
N LEU D 224 -52.39 -12.04 40.86
CA LEU D 224 -53.64 -11.51 40.31
C LEU D 224 -54.81 -11.69 41.29
N ASP D 225 -54.53 -11.62 42.58
CA ASP D 225 -55.55 -11.75 43.62
C ASP D 225 -55.69 -10.52 44.48
N LEU D 226 -54.60 -9.80 44.76
CA LEU D 226 -54.63 -8.61 45.58
C LEU D 226 -54.86 -7.34 44.76
N MET D 227 -55.41 -7.47 43.56
CA MET D 227 -55.65 -6.31 42.71
C MET D 227 -56.80 -5.49 43.28
N ASP D 228 -57.10 -4.38 42.60
CA ASP D 228 -58.15 -3.46 43.00
C ASP D 228 -59.27 -3.45 41.96
N ALA D 229 -60.51 -3.48 42.44
CA ALA D 229 -61.65 -3.47 41.55
C ALA D 229 -61.75 -2.14 40.81
N GLY D 230 -62.36 -2.18 39.62
CA GLY D 230 -62.51 -0.99 38.81
C GLY D 230 -61.32 -0.67 37.93
N THR D 231 -60.30 -1.52 37.90
CA THR D 231 -59.12 -1.31 37.08
C THR D 231 -59.22 -2.14 35.81
N ASP D 232 -59.09 -1.50 34.66
CA ASP D 232 -59.20 -2.20 33.39
C ASP D 232 -58.05 -3.19 33.25
N ALA D 233 -58.37 -4.39 32.72
CA ALA D 233 -57.38 -5.43 32.51
C ALA D 233 -57.61 -6.14 31.19
N MET D 234 -58.17 -5.44 30.20
CA MET D 234 -58.42 -6.06 28.90
C MET D 234 -57.12 -6.49 28.24
N ASP D 235 -56.09 -5.64 28.29
CA ASP D 235 -54.81 -5.99 27.69
C ASP D 235 -54.13 -7.13 28.45
N VAL D 236 -54.44 -7.29 29.75
CA VAL D 236 -53.80 -8.33 30.54
C VAL D 236 -54.15 -9.71 29.99
N LEU D 237 -55.42 -9.93 29.67
CA LEU D 237 -55.87 -11.23 29.19
C LEU D 237 -55.83 -11.30 27.66
N MET D 238 -56.53 -10.40 26.98
CA MET D 238 -56.56 -10.43 25.52
C MET D 238 -55.18 -10.22 24.93
N GLY D 239 -54.42 -9.27 25.48
CA GLY D 239 -53.08 -9.02 24.98
C GLY D 239 -53.06 -8.55 23.54
N ARG D 240 -53.95 -7.63 23.18
CA ARG D 240 -54.02 -7.14 21.81
C ARG D 240 -52.84 -6.25 21.44
N VAL D 241 -52.02 -5.84 22.41
CA VAL D 241 -50.90 -4.95 22.11
C VAL D 241 -49.74 -5.73 21.50
N ILE D 242 -49.24 -6.72 22.23
CA ILE D 242 -48.14 -7.56 21.75
C ILE D 242 -48.52 -9.02 21.97
N PRO D 243 -49.47 -9.56 21.22
CA PRO D 243 -49.85 -10.97 21.40
C PRO D 243 -48.66 -11.89 21.14
N VAL D 244 -48.58 -12.96 21.93
CA VAL D 244 -47.49 -13.92 21.83
C VAL D 244 -48.03 -15.19 21.17
N LYS D 245 -47.10 -15.95 20.57
CA LYS D 245 -47.48 -17.17 19.87
C LYS D 245 -48.08 -18.19 20.82
N LEU D 246 -47.52 -18.34 22.00
CA LEU D 246 -47.94 -19.36 22.95
C LEU D 246 -49.06 -18.89 23.87
N GLY D 247 -49.55 -17.67 23.71
CA GLY D 247 -50.65 -17.17 24.51
C GLY D 247 -50.21 -16.63 25.85
N ILE D 248 -51.18 -16.09 26.58
CA ILE D 248 -50.96 -15.48 27.89
C ILE D 248 -51.74 -16.29 28.92
N ILE D 249 -51.07 -16.66 30.01
CA ILE D 249 -51.68 -17.44 31.08
C ILE D 249 -51.62 -16.62 32.36
N GLY D 250 -52.77 -16.46 33.02
CA GLY D 250 -52.84 -15.71 34.25
C GLY D 250 -53.06 -16.60 35.46
N VAL D 251 -52.12 -16.59 36.41
CA VAL D 251 -52.18 -17.42 37.60
C VAL D 251 -51.79 -16.56 38.81
N VAL D 252 -52.09 -17.09 39.99
CA VAL D 252 -51.77 -16.44 41.26
C VAL D 252 -50.83 -17.35 42.03
N ASN D 253 -49.77 -16.76 42.59
CA ASN D 253 -48.78 -17.50 43.36
C ASN D 253 -48.57 -16.83 44.70
N ARG D 254 -48.17 -17.62 45.69
CA ARG D 254 -47.97 -17.10 47.03
C ARG D 254 -46.87 -16.04 47.04
N SER D 255 -47.11 -14.96 47.79
CA SER D 255 -46.16 -13.87 47.89
C SER D 255 -45.21 -14.11 49.06
N GLN D 256 -44.36 -13.13 49.37
CA GLN D 256 -43.41 -13.28 50.46
C GLN D 256 -44.14 -13.48 51.78
N LEU D 257 -45.18 -12.69 52.04
CA LEU D 257 -45.93 -12.83 53.29
C LEU D 257 -46.59 -14.20 53.38
N ASP D 258 -47.20 -14.66 52.29
CA ASP D 258 -47.82 -15.98 52.29
C ASP D 258 -46.78 -17.07 52.49
N ILE D 259 -45.63 -16.96 51.84
CA ILE D 259 -44.58 -17.97 51.98
C ILE D 259 -44.09 -18.02 53.42
N ASN D 260 -43.88 -16.86 54.04
CA ASN D 260 -43.44 -16.83 55.43
C ASN D 260 -44.45 -17.50 56.36
N ASN D 261 -45.73 -17.46 55.99
CA ASN D 261 -46.79 -18.09 56.78
C ASN D 261 -47.09 -19.52 56.34
N LYS D 262 -46.36 -20.04 55.35
CA LYS D 262 -46.58 -21.39 54.85
C LYS D 262 -48.03 -21.58 54.41
N LYS D 263 -48.56 -20.60 53.68
CA LYS D 263 -49.94 -20.68 53.20
C LYS D 263 -50.10 -21.86 52.25
N SER D 264 -51.21 -22.57 52.38
CA SER D 264 -51.47 -23.72 51.54
C SER D 264 -51.82 -23.28 50.11
N VAL D 265 -51.43 -24.10 49.15
CA VAL D 265 -51.69 -23.79 47.75
C VAL D 265 -53.18 -23.81 47.47
N THR D 266 -53.92 -24.72 48.12
CA THR D 266 -55.35 -24.83 47.87
C THR D 266 -56.08 -23.54 48.25
N ASP D 267 -55.70 -22.94 49.38
CA ASP D 267 -56.34 -21.68 49.78
C ASP D 267 -56.05 -20.59 48.76
N SER D 268 -54.82 -20.53 48.25
CA SER D 268 -54.50 -19.52 47.23
C SER D 268 -55.31 -19.75 45.97
N ILE D 269 -55.48 -21.01 45.56
CA ILE D 269 -56.26 -21.31 44.37
C ILE D 269 -57.71 -20.90 44.58
N ARG D 270 -58.27 -21.20 45.75
CA ARG D 270 -59.65 -20.80 46.03
C ARG D 270 -59.81 -19.29 46.01
N ASP D 271 -58.84 -18.57 46.60
CA ASP D 271 -58.90 -17.12 46.60
C ASP D 271 -58.82 -16.57 45.18
N GLU D 272 -57.95 -17.16 44.35
CA GLU D 272 -57.84 -16.72 42.96
C GLU D 272 -59.16 -16.95 42.22
N TYR D 273 -59.77 -18.13 42.41
CA TYR D 273 -61.04 -18.40 41.74
C TYR D 273 -62.12 -17.43 42.20
N ALA D 274 -62.20 -17.16 43.51
CA ALA D 274 -63.19 -16.23 44.02
C ALA D 274 -62.99 -14.83 43.45
N PHE D 275 -61.73 -14.37 43.41
CA PHE D 275 -61.46 -13.04 42.87
C PHE D 275 -61.81 -12.96 41.40
N LEU D 276 -61.46 -14.00 40.63
CA LEU D 276 -61.80 -14.01 39.21
C LEU D 276 -63.31 -13.99 39.00
N GLN D 277 -64.05 -14.78 39.79
CA GLN D 277 -65.50 -14.78 39.68
C GLN D 277 -66.07 -13.41 40.02
N LYS D 278 -65.55 -12.78 41.07
CA LYS D 278 -66.03 -11.45 41.43
C LYS D 278 -65.75 -10.43 40.34
N LYS D 279 -64.58 -10.51 39.71
CA LYS D 279 -64.18 -9.55 38.68
C LYS D 279 -64.61 -10.03 37.30
N TYR D 280 -64.15 -11.22 36.89
CA TYR D 280 -64.47 -11.75 35.57
C TYR D 280 -65.65 -12.70 35.67
N PRO D 281 -66.82 -12.36 35.12
CA PRO D 281 -67.98 -13.26 35.25
C PRO D 281 -67.98 -14.43 34.29
N SER D 282 -67.07 -14.46 33.31
CA SER D 282 -67.08 -15.53 32.32
C SER D 282 -65.68 -16.06 32.00
N LEU D 283 -64.65 -15.69 32.77
CA LEU D 283 -63.28 -16.17 32.56
C LEU D 283 -62.75 -16.71 33.89
N ALA D 284 -63.04 -17.98 34.16
CA ALA D 284 -62.54 -18.63 35.36
C ALA D 284 -62.15 -20.08 35.15
N ASN D 285 -62.23 -20.61 33.93
CA ASN D 285 -61.97 -22.02 33.66
C ASN D 285 -60.55 -22.28 33.17
N ARG D 286 -59.69 -21.28 33.14
CA ARG D 286 -58.31 -21.42 32.66
C ARG D 286 -57.34 -20.89 33.70
N ASN D 287 -57.53 -21.27 34.95
CA ASN D 287 -56.66 -20.88 36.04
C ASN D 287 -56.45 -22.07 36.97
N GLY D 288 -55.30 -22.08 37.63
CA GLY D 288 -54.96 -23.14 38.56
C GLY D 288 -53.55 -23.66 38.32
N THR D 289 -52.91 -24.12 39.39
CA THR D 289 -51.55 -24.66 39.27
C THR D 289 -51.52 -25.89 38.36
N LYS D 290 -52.49 -26.80 38.54
CA LYS D 290 -52.55 -27.97 37.67
C LYS D 290 -52.83 -27.56 36.24
N TYR D 291 -53.74 -26.60 36.03
CA TYR D 291 -54.00 -26.11 34.68
C TYR D 291 -52.76 -25.49 34.08
N LEU D 292 -52.02 -24.70 34.87
CA LEU D 292 -50.80 -24.08 34.37
C LEU D 292 -49.78 -25.14 33.96
N ALA D 293 -49.61 -26.16 34.79
CA ALA D 293 -48.64 -27.21 34.48
C ALA D 293 -49.04 -27.97 33.22
N ARG D 294 -50.33 -28.30 33.09
CA ARG D 294 -50.79 -29.00 31.90
C ARG D 294 -50.61 -28.15 30.65
N THR D 295 -50.91 -26.85 30.74
CA THR D 295 -50.71 -25.97 29.60
C THR D 295 -49.24 -25.88 29.22
N LEU D 296 -48.35 -25.79 30.22
CA LEU D 296 -46.93 -25.75 29.93
C LEU D 296 -46.47 -27.03 29.26
N ASN D 297 -46.95 -28.18 29.74
CA ASN D 297 -46.57 -29.44 29.12
C ASN D 297 -47.07 -29.52 27.68
N ARG D 298 -48.31 -29.09 27.45
CA ARG D 298 -48.86 -29.11 26.09
C ARG D 298 -48.07 -28.20 25.16
N LEU D 299 -47.72 -27.00 25.64
CA LEU D 299 -46.94 -26.08 24.82
C LEU D 299 -45.55 -26.65 24.51
N LEU D 300 -44.92 -27.28 25.51
CA LEU D 300 -43.62 -27.89 25.27
C LEU D 300 -43.72 -29.01 24.24
N MET D 301 -44.75 -29.85 24.35
CA MET D 301 -44.93 -30.92 23.39
C MET D 301 -45.16 -30.37 21.98
N HIS D 302 -45.98 -29.33 21.86
CA HIS D 302 -46.24 -28.72 20.56
C HIS D 302 -44.96 -28.14 19.98
N HIS D 303 -44.16 -27.45 20.80
CA HIS D 303 -42.91 -26.87 20.31
C HIS D 303 -41.95 -27.97 19.86
N ILE D 304 -41.86 -29.05 20.63
CA ILE D 304 -40.97 -30.15 20.24
C ILE D 304 -41.42 -30.75 18.92
N ARG D 305 -42.73 -30.98 18.77
CA ARG D 305 -43.23 -31.54 17.52
C ARG D 305 -42.95 -30.61 16.34
N ASP D 306 -43.14 -29.30 16.55
CA ASP D 306 -42.89 -28.34 15.47
C ASP D 306 -41.42 -28.32 15.08
N CYS D 307 -40.52 -28.37 16.08
CA CYS D 307 -39.09 -28.28 15.82
C CYS D 307 -38.47 -29.60 15.39
N LEU D 308 -39.19 -30.71 15.53
CA LEU D 308 -38.64 -32.00 15.11
C LEU D 308 -38.13 -32.00 13.68
N PRO D 309 -38.89 -31.55 12.68
CA PRO D 309 -38.30 -31.45 11.33
C PRO D 309 -37.11 -30.51 11.27
N GLU D 310 -37.17 -29.39 11.98
CA GLU D 310 -36.04 -28.46 12.01
C GLU D 310 -34.84 -29.12 12.69
N LEU D 311 -35.06 -29.85 13.77
CA LEU D 311 -33.97 -30.54 14.44
C LEU D 311 -33.33 -31.58 13.52
N LYS D 312 -34.16 -32.34 12.80
CA LYS D 312 -33.63 -33.32 11.86
C LYS D 312 -32.82 -32.64 10.77
N THR D 313 -33.33 -31.53 10.23
CA THR D 313 -32.61 -30.82 9.18
C THR D 313 -31.26 -30.30 9.68
N ARG D 314 -31.24 -29.72 10.89
CA ARG D 314 -29.99 -29.18 11.41
C ARG D 314 -29.00 -30.30 11.73
N ILE D 315 -29.51 -31.44 12.21
CA ILE D 315 -28.62 -32.58 12.45
C ILE D 315 -28.02 -33.08 11.15
N ASN D 316 -28.84 -33.16 10.09
CA ASN D 316 -28.32 -33.58 8.80
C ASN D 316 -27.29 -32.60 8.27
N VAL D 317 -27.53 -31.30 8.43
CA VAL D 317 -26.58 -30.30 7.97
C VAL D 317 -25.26 -30.43 8.73
N LEU D 318 -25.34 -30.62 10.06
CA LEU D 318 -24.14 -30.78 10.86
C LEU D 318 -23.36 -32.02 10.43
N ALA D 319 -24.07 -33.14 10.20
CA ALA D 319 -23.40 -34.35 9.77
C ALA D 319 -22.72 -34.17 8.42
N ALA D 320 -23.41 -33.51 7.48
CA ALA D 320 -22.82 -33.27 6.17
C ALA D 320 -21.58 -32.40 6.28
N GLN D 321 -21.65 -31.33 7.09
CA GLN D 321 -20.49 -30.46 7.26
C GLN D 321 -19.32 -31.21 7.90
N TYR D 322 -19.60 -32.03 8.90
CA TYR D 322 -18.55 -32.81 9.54
C TYR D 322 -17.91 -33.78 8.56
N GLN D 323 -18.72 -34.46 7.76
CA GLN D 323 -18.18 -35.38 6.76
C GLN D 323 -17.33 -34.64 5.74
N SER D 324 -17.80 -33.48 5.28
CA SER D 324 -17.06 -32.73 4.27
C SER D 324 -15.72 -32.25 4.82
N LEU D 325 -15.71 -31.73 6.05
CA LEU D 325 -14.46 -31.24 6.62
C LEU D 325 -13.51 -32.39 6.93
N LEU D 326 -14.04 -33.54 7.35
CA LEU D 326 -13.19 -34.70 7.58
C LEU D 326 -12.55 -35.17 6.27
N ASN D 327 -13.34 -35.22 5.20
CA ASN D 327 -12.79 -35.61 3.91
C ASN D 327 -11.73 -34.62 3.43
N SER D 328 -11.99 -33.32 3.59
CA SER D 328 -11.02 -32.32 3.16
C SER D 328 -9.73 -32.43 3.95
N TYR D 329 -9.84 -32.65 5.27
CA TYR D 329 -8.66 -32.77 6.12
C TYR D 329 -8.02 -34.14 5.96
N LYS D 336 -5.63 -49.59 5.22
CA LYS D 336 -4.46 -49.07 5.92
C LYS D 336 -3.31 -50.08 5.86
N SER D 337 -3.63 -51.34 6.13
CA SER D 337 -2.60 -52.39 6.06
C SER D 337 -2.06 -52.52 4.64
N ALA D 338 -2.95 -52.48 3.65
CA ALA D 338 -2.51 -52.57 2.25
C ALA D 338 -1.62 -51.39 1.90
N THR D 339 -1.99 -50.18 2.33
CA THR D 339 -1.18 -49.00 2.05
C THR D 339 0.19 -49.12 2.71
N LEU D 340 0.24 -49.59 3.96
CA LEU D 340 1.51 -49.77 4.64
C LEU D 340 2.38 -50.78 3.93
N LEU D 341 1.78 -51.90 3.50
CA LEU D 341 2.55 -52.92 2.78
C LEU D 341 3.08 -52.37 1.47
N GLN D 342 2.26 -51.60 0.74
CA GLN D 342 2.71 -51.01 -0.51
C GLN D 342 3.86 -50.03 -0.28
N LEU D 343 3.75 -49.21 0.76
CA LEU D 343 4.83 -48.27 1.07
C LEU D 343 6.11 -49.00 1.42
N ILE D 344 6.01 -50.06 2.22
CA ILE D 344 7.21 -50.82 2.58
C ILE D 344 7.84 -51.46 1.35
N THR D 345 7.00 -52.02 0.47
CA THR D 345 7.52 -52.63 -0.75
C THR D 345 8.20 -51.59 -1.64
N LYS D 346 7.60 -50.42 -1.77
CA LYS D 346 8.20 -49.36 -2.58
C LYS D 346 9.53 -48.92 -1.98
N PHE D 347 9.59 -48.76 -0.66
CA PHE D 347 10.84 -48.36 -0.03
C PHE D 347 11.93 -49.42 -0.24
N ALA D 348 11.57 -50.70 -0.10
CA ALA D 348 12.53 -51.77 -0.32
C ALA D 348 13.02 -51.77 -1.76
N THR D 349 12.11 -51.60 -2.71
CA THR D 349 12.50 -51.58 -4.12
C THR D 349 13.43 -50.40 -4.41
N GLU D 350 13.12 -49.22 -3.85
CA GLU D 350 13.96 -48.06 -4.05
C GLU D 350 15.35 -48.29 -3.46
N TYR D 351 15.41 -48.87 -2.26
CA TYR D 351 16.71 -49.15 -1.64
C TYR D 351 17.52 -50.13 -2.48
N CYS D 352 16.86 -51.19 -2.98
CA CYS D 352 17.56 -52.15 -3.81
C CYS D 352 18.07 -51.51 -5.10
N ASN D 353 17.25 -50.67 -5.72
CA ASN D 353 17.68 -49.99 -6.94
C ASN D 353 18.86 -49.07 -6.66
N THR D 354 18.82 -48.34 -5.54
CA THR D 354 19.94 -47.47 -5.19
C THR D 354 21.21 -48.28 -4.96
N ILE D 355 21.09 -49.44 -4.31
CA ILE D 355 22.25 -50.31 -4.13
C ILE D 355 22.79 -50.73 -5.49
N GLU D 356 21.90 -51.17 -6.39
CA GLU D 356 22.33 -51.55 -7.73
C GLU D 356 22.86 -50.35 -8.50
N GLY D 357 22.22 -49.19 -8.35
CA GLY D 357 22.60 -47.99 -9.06
C GLY D 357 21.55 -47.45 -10.01
N THR D 358 20.38 -48.07 -10.09
CA THR D 358 19.31 -47.61 -10.98
C THR D 358 18.24 -46.83 -10.23
N ALA D 359 18.64 -46.05 -9.23
CA ALA D 359 17.69 -45.28 -8.45
C ALA D 359 16.96 -44.28 -9.33
N LYS D 360 15.66 -44.10 -9.04
CA LYS D 360 14.86 -43.16 -9.83
C LYS D 360 15.38 -41.74 -9.70
N TYR D 361 15.77 -41.34 -8.50
CA TYR D 361 16.28 -40.00 -8.22
C TYR D 361 17.76 -40.10 -7.86
N ILE D 362 18.58 -39.30 -8.54
CA ILE D 362 20.02 -39.26 -8.32
C ILE D 362 20.42 -37.84 -8.00
N GLU D 363 21.15 -37.65 -6.90
CA GLU D 363 21.61 -36.34 -6.48
C GLU D 363 22.89 -35.98 -7.21
N THR D 364 22.84 -34.95 -8.04
CA THR D 364 23.98 -34.52 -8.83
C THR D 364 24.87 -33.52 -8.10
N SER D 365 24.47 -33.07 -6.91
CA SER D 365 25.29 -32.11 -6.17
C SER D 365 26.64 -32.72 -5.80
N GLU D 366 26.64 -33.98 -5.37
CA GLU D 366 27.87 -34.66 -4.99
C GLU D 366 27.70 -36.15 -5.25
N LEU D 367 28.84 -36.85 -5.33
CA LEU D 367 28.81 -38.28 -5.56
C LEU D 367 27.99 -38.98 -4.50
N CYS D 368 27.11 -39.88 -4.93
CA CYS D 368 26.21 -40.58 -4.02
C CYS D 368 25.72 -41.85 -4.71
N GLY D 369 25.14 -42.74 -3.91
CA GLY D 369 24.61 -43.98 -4.43
C GLY D 369 25.70 -45.02 -4.68
N GLY D 370 25.42 -45.92 -5.63
CA GLY D 370 26.36 -46.98 -5.91
C GLY D 370 27.70 -46.47 -6.39
N ALA D 371 27.69 -45.39 -7.17
CA ALA D 371 28.95 -44.84 -7.69
C ALA D 371 29.86 -44.40 -6.54
N ARG D 372 29.29 -43.70 -5.55
CA ARG D 372 30.09 -43.26 -4.42
C ARG D 372 30.61 -44.45 -3.62
N ILE D 373 29.77 -45.48 -3.45
CA ILE D 373 30.21 -46.66 -2.70
C ILE D 373 31.37 -47.34 -3.40
N CYS D 374 31.27 -47.51 -4.72
CA CYS D 374 32.36 -48.13 -5.47
C CYS D 374 33.62 -47.28 -5.42
N TYR D 375 33.47 -45.95 -5.52
CA TYR D 375 34.62 -45.07 -5.43
C TYR D 375 35.31 -45.22 -4.08
N ILE D 376 34.54 -45.24 -3.00
CA ILE D 376 35.12 -45.41 -1.67
C ILE D 376 35.82 -46.75 -1.56
N PHE D 377 35.20 -47.81 -2.09
CA PHE D 377 35.81 -49.13 -2.00
C PHE D 377 37.13 -49.19 -2.75
N HIS D 378 37.20 -48.59 -3.94
CA HIS D 378 38.37 -48.78 -4.79
C HIS D 378 39.41 -47.67 -4.60
N GLU D 379 39.05 -46.42 -4.94
CA GLU D 379 40.06 -45.37 -5.00
C GLU D 379 40.55 -44.99 -3.61
N THR D 380 39.62 -44.77 -2.67
CA THR D 380 40.02 -44.39 -1.32
C THR D 380 40.82 -45.51 -0.65
N PHE D 381 40.37 -46.76 -0.82
CA PHE D 381 41.08 -47.88 -0.22
C PHE D 381 42.49 -48.00 -0.79
N GLY D 382 42.63 -47.90 -2.12
CA GLY D 382 43.95 -47.97 -2.72
C GLY D 382 44.86 -46.84 -2.27
N ARG D 383 44.34 -45.62 -2.21
CA ARG D 383 45.16 -44.50 -1.76
C ARG D 383 45.59 -44.68 -0.31
N THR D 384 44.68 -45.13 0.55
CA THR D 384 45.03 -45.35 1.94
C THR D 384 46.09 -46.45 2.08
N LEU D 385 45.95 -47.53 1.33
CA LEU D 385 46.95 -48.59 1.39
C LEU D 385 48.30 -48.11 0.89
N GLU D 386 48.32 -47.33 -0.19
CA GLU D 386 49.58 -46.84 -0.73
C GLU D 386 50.24 -45.83 0.20
N SER D 387 49.45 -45.04 0.92
CA SER D 387 50.01 -44.04 1.83
C SER D 387 50.86 -44.68 2.92
N VAL D 388 50.62 -45.94 3.24
CA VAL D 388 51.39 -46.63 4.27
C VAL D 388 52.74 -47.02 3.70
N ASP D 389 53.81 -46.62 4.39
CA ASP D 389 55.17 -46.90 3.95
C ASP D 389 55.74 -48.04 4.78
N PRO D 390 56.03 -49.21 4.21
CA PRO D 390 56.58 -50.30 5.03
C PRO D 390 57.90 -49.93 5.71
N LEU D 391 58.74 -49.12 5.05
CA LEU D 391 59.99 -48.70 5.67
C LEU D 391 59.76 -47.78 6.86
N GLY D 392 58.58 -47.19 6.98
CA GLY D 392 58.31 -46.31 8.11
C GLY D 392 58.34 -47.06 9.43
N GLY D 393 58.68 -46.33 10.49
CA GLY D 393 58.78 -46.92 11.81
C GLY D 393 60.08 -47.64 12.09
N LEU D 394 61.05 -47.59 11.17
CA LEU D 394 62.33 -48.24 11.33
C LEU D 394 63.40 -47.21 11.65
N ASN D 395 64.18 -47.47 12.69
CA ASN D 395 65.23 -46.57 13.14
C ASN D 395 66.55 -47.33 13.24
N THR D 396 67.65 -46.58 13.14
CA THR D 396 68.96 -47.19 13.22
C THR D 396 69.17 -47.88 14.57
N ILE D 397 68.72 -47.25 15.65
CA ILE D 397 68.85 -47.86 16.97
C ILE D 397 68.05 -49.16 17.03
N ASP D 398 66.83 -49.15 16.48
CA ASP D 398 66.02 -50.36 16.48
C ASP D 398 66.68 -51.47 15.65
N ILE D 399 67.25 -51.11 14.50
CA ILE D 399 67.92 -52.10 13.66
C ILE D 399 69.11 -52.70 14.39
N LEU D 400 69.91 -51.84 15.05
CA LEU D 400 71.05 -52.34 15.80
C LEU D 400 70.61 -53.25 16.94
N THR D 401 69.54 -52.88 17.63
CA THR D 401 69.03 -53.73 18.71
C THR D 401 68.57 -55.08 18.17
N ALA D 402 67.86 -55.08 17.04
CA ALA D 402 67.42 -56.34 16.45
C ALA D 402 68.61 -57.20 16.05
N ILE D 403 69.64 -56.59 15.46
CA ILE D 403 70.82 -57.35 15.06
C ILE D 403 71.50 -57.94 16.29
N ARG D 404 71.62 -57.16 17.36
CA ARG D 404 72.25 -57.67 18.58
C ARG D 404 71.45 -58.82 19.17
N ASN D 405 70.12 -58.71 19.18
CA ASN D 405 69.30 -59.81 19.67
C ASN D 405 69.46 -61.05 18.81
N ALA D 406 69.51 -60.87 17.49
CA ALA D 406 69.68 -62.00 16.59
C ALA D 406 71.02 -62.70 16.83
N THR D 407 72.09 -61.91 17.03
CA THR D 407 73.40 -62.50 17.26
C THR D 407 73.41 -63.35 18.53
N GLY D 408 72.80 -62.84 19.60
CA GLY D 408 72.75 -63.56 20.85
C GLY D 408 74.08 -63.51 21.59
N PRO D 409 74.15 -64.19 22.74
CA PRO D 409 75.40 -64.21 23.51
C PRO D 409 76.52 -64.91 22.77
N ARG D 410 76.27 -66.14 22.33
CA ARG D 410 77.27 -66.89 21.58
C ARG D 410 77.41 -66.32 20.16
N PRO D 411 78.57 -66.52 19.54
CA PRO D 411 78.75 -66.03 18.17
C PRO D 411 77.76 -66.65 17.21
N ALA D 412 77.29 -65.86 16.25
CA ALA D 412 76.33 -66.33 15.27
C ALA D 412 76.19 -65.26 14.19
N LEU D 413 75.74 -65.68 13.01
CA LEU D 413 75.51 -64.79 11.89
C LEU D 413 74.09 -64.85 11.35
N PHE D 414 73.48 -66.04 11.33
CA PHE D 414 72.12 -66.16 10.83
C PHE D 414 71.14 -65.44 11.76
N VAL D 415 70.16 -64.78 11.17
CA VAL D 415 69.15 -64.03 11.91
C VAL D 415 67.99 -64.98 12.21
N PRO D 416 67.64 -65.21 13.47
CA PRO D 416 66.49 -66.08 13.76
C PRO D 416 65.22 -65.54 13.14
N GLU D 417 64.37 -66.46 12.68
CA GLU D 417 63.12 -66.07 12.03
C GLU D 417 62.11 -65.44 12.99
N VAL D 418 62.33 -65.56 14.30
CA VAL D 418 61.39 -64.99 15.27
C VAL D 418 61.35 -63.48 15.14
N SER D 419 62.53 -62.84 15.03
CA SER D 419 62.57 -61.39 14.92
C SER D 419 61.89 -60.92 13.63
N PHE D 420 62.16 -61.61 12.51
CA PHE D 420 61.52 -61.23 11.26
C PHE D 420 60.02 -61.40 11.34
N GLU D 421 59.55 -62.50 11.94
CA GLU D 421 58.12 -62.71 12.08
C GLU D 421 57.48 -61.61 12.92
N LEU D 422 58.12 -61.25 14.04
CA LEU D 422 57.58 -60.19 14.88
C LEU D 422 57.54 -58.86 14.13
N LEU D 423 58.60 -58.53 13.40
CA LEU D 423 58.64 -57.27 12.67
C LEU D 423 57.56 -57.22 11.59
N VAL D 424 57.38 -58.32 10.85
CA VAL D 424 56.39 -58.32 9.78
C VAL D 424 54.98 -58.27 10.36
N LYS D 425 54.75 -58.95 11.49
CA LYS D 425 53.46 -58.87 12.14
C LYS D 425 53.17 -57.45 12.61
N ARG D 426 54.17 -56.79 13.19
CA ARG D 426 53.97 -55.40 13.62
C ARG D 426 53.66 -54.50 12.44
N GLN D 427 54.39 -54.68 11.33
CA GLN D 427 54.13 -53.87 10.14
C GLN D 427 52.72 -54.11 9.60
N ILE D 428 52.29 -55.37 9.56
CA ILE D 428 50.96 -55.68 9.07
C ILE D 428 49.88 -55.12 9.99
N LYS D 429 50.13 -55.10 11.29
CA LYS D 429 49.13 -54.60 12.24
C LYS D 429 48.76 -53.14 11.96
N ARG D 430 49.63 -52.40 11.27
CA ARG D 430 49.32 -51.01 10.93
C ARG D 430 48.20 -50.90 9.90
N LEU D 431 47.79 -52.00 9.27
CA LEU D 431 46.75 -51.98 8.25
C LEU D 431 45.35 -52.06 8.84
N GLU D 432 45.22 -52.13 10.17
CA GLU D 432 43.89 -52.19 10.77
C GLU D 432 43.15 -50.87 10.64
N GLU D 433 43.84 -49.75 10.85
CA GLU D 433 43.17 -48.46 10.80
C GLU D 433 42.53 -48.15 9.46
N PRO D 434 43.19 -48.39 8.31
CA PRO D 434 42.49 -48.18 7.03
C PRO D 434 41.19 -48.95 6.92
N SER D 435 41.14 -50.19 7.42
CA SER D 435 39.90 -50.95 7.35
C SER D 435 38.80 -50.29 8.16
N LEU D 436 39.12 -49.83 9.37
CA LEU D 436 38.12 -49.17 10.19
C LEU D 436 37.65 -47.88 9.53
N ARG D 437 38.58 -47.12 8.95
CA ARG D 437 38.20 -45.88 8.28
C ARG D 437 37.27 -46.16 7.09
N CYS D 438 37.60 -47.19 6.31
CA CYS D 438 36.75 -47.56 5.17
C CYS D 438 35.36 -47.98 5.64
N VAL D 439 35.30 -48.77 6.72
CA VAL D 439 34.01 -49.22 7.24
C VAL D 439 33.18 -48.02 7.70
N GLU D 440 33.83 -47.08 8.41
CA GLU D 440 33.11 -45.89 8.87
C GLU D 440 32.61 -45.06 7.71
N LEU D 441 33.44 -44.87 6.68
CA LEU D 441 33.01 -44.10 5.53
C LEU D 441 31.85 -44.78 4.81
N VAL D 442 31.91 -46.10 4.67
CA VAL D 442 30.83 -46.83 4.01
C VAL D 442 29.53 -46.70 4.81
N HIS D 443 29.63 -46.83 6.14
CA HIS D 443 28.44 -46.69 6.97
C HIS D 443 27.84 -45.30 6.87
N GLU D 444 28.69 -44.26 6.88
CA GLU D 444 28.18 -42.90 6.73
C GLU D 444 27.53 -42.70 5.37
N GLU D 445 28.14 -43.24 4.31
CA GLU D 445 27.54 -43.12 2.99
C GLU D 445 26.19 -43.82 2.92
N MET D 446 26.09 -45.01 3.53
CA MET D 446 24.81 -45.72 3.55
C MET D 446 23.76 -44.93 4.32
N GLN D 447 24.15 -44.34 5.45
CA GLN D 447 23.20 -43.53 6.20
C GLN D 447 22.73 -42.33 5.39
N ARG D 448 23.66 -41.65 4.70
CA ARG D 448 23.28 -40.51 3.88
C ARG D 448 22.35 -40.94 2.75
N ILE D 449 22.64 -42.08 2.12
CA ILE D 449 21.78 -42.58 1.04
C ILE D 449 20.38 -42.87 1.57
N ILE D 450 20.30 -43.52 2.73
CA ILE D 450 19.00 -43.85 3.31
C ILE D 450 18.22 -42.59 3.63
N GLN D 451 18.89 -41.59 4.22
CA GLN D 451 18.21 -40.34 4.54
C GLN D 451 17.72 -39.64 3.28
N HIS D 452 18.55 -39.61 2.24
CA HIS D 452 18.16 -38.96 0.99
C HIS D 452 16.96 -39.67 0.37
N CYS D 453 16.98 -41.01 0.35
CA CYS D 453 15.86 -41.75 -0.21
C CYS D 453 14.58 -41.51 0.59
N SER D 454 14.68 -41.52 1.92
CA SER D 454 13.50 -41.31 2.74
C SER D 454 12.93 -39.91 2.55
N ASN D 455 13.81 -38.90 2.49
CA ASN D 455 13.34 -37.52 2.38
C ASN D 455 12.83 -37.22 0.97
N TYR D 456 13.55 -37.70 -0.05
CA TYR D 456 13.27 -37.35 -1.44
C TYR D 456 12.59 -38.45 -2.22
N SER D 457 13.13 -39.67 -2.19
CA SER D 457 12.58 -40.75 -3.01
C SER D 457 11.24 -41.26 -2.50
N THR D 458 10.81 -40.85 -1.31
CA THR D 458 9.57 -41.33 -0.69
C THR D 458 8.70 -40.15 -0.29
N GLN D 459 8.50 -39.21 -1.22
CA GLN D 459 7.66 -38.04 -0.92
C GLN D 459 6.29 -38.47 -0.40
N GLU D 460 5.76 -39.57 -0.92
CA GLU D 460 4.47 -40.07 -0.43
C GLU D 460 4.55 -40.45 1.04
N LEU D 461 5.67 -41.06 1.45
CA LEU D 461 5.83 -41.46 2.85
C LEU D 461 5.82 -40.27 3.79
N LEU D 462 6.09 -39.06 3.29
CA LEU D 462 6.09 -37.88 4.15
C LEU D 462 4.73 -37.65 4.78
N ARG D 463 3.67 -38.11 4.12
CA ARG D 463 2.32 -37.96 4.68
C ARG D 463 2.10 -38.79 5.93
N PHE D 464 3.00 -39.75 6.22
CA PHE D 464 2.90 -40.61 7.39
C PHE D 464 4.22 -40.53 8.13
N PRO D 465 4.46 -39.45 8.88
CA PRO D 465 5.75 -39.32 9.57
C PRO D 465 6.03 -40.43 10.57
N LYS D 466 4.99 -41.02 11.17
CA LYS D 466 5.21 -42.10 12.12
C LYS D 466 5.85 -43.30 11.43
N LEU D 467 5.36 -43.66 10.24
CA LEU D 467 5.94 -44.77 9.51
C LEU D 467 7.39 -44.48 9.12
N HIS D 468 7.66 -43.24 8.70
CA HIS D 468 9.03 -42.87 8.37
C HIS D 468 9.94 -43.00 9.58
N ASP D 469 9.49 -42.53 10.75
CA ASP D 469 10.30 -42.64 11.96
C ASP D 469 10.53 -44.09 12.33
N ALA D 470 9.50 -44.93 12.22
CA ALA D 470 9.65 -46.35 12.55
C ALA D 470 10.65 -47.02 11.60
N ILE D 471 10.57 -46.71 10.31
CA ILE D 471 11.49 -47.30 9.34
C ILE D 471 12.92 -46.84 9.64
N VAL D 472 13.10 -45.55 9.95
CA VAL D 472 14.43 -45.05 10.25
C VAL D 472 14.99 -45.74 11.48
N GLU D 473 14.16 -45.90 12.52
CA GLU D 473 14.63 -46.57 13.73
C GLU D 473 15.00 -48.01 13.46
N VAL D 474 14.19 -48.72 12.68
CA VAL D 474 14.49 -50.11 12.36
C VAL D 474 15.80 -50.21 11.58
N VAL D 475 15.99 -49.34 10.60
CA VAL D 475 17.22 -49.38 9.80
C VAL D 475 18.42 -49.07 10.68
N THR D 476 18.30 -48.08 11.56
CA THR D 476 19.41 -47.74 12.46
C THR D 476 19.74 -48.91 13.38
N CYS D 477 18.72 -49.56 13.93
CA CYS D 477 18.98 -50.72 14.79
C CYS D 477 19.66 -51.84 14.02
N LEU D 478 19.20 -52.10 12.80
CA LEU D 478 19.83 -53.14 11.99
C LEU D 478 21.28 -52.81 11.70
N LEU D 479 21.57 -51.56 11.35
CA LEU D 479 22.95 -51.16 11.08
C LEU D 479 23.81 -51.30 12.32
N ARG D 480 23.28 -50.90 13.48
CA ARG D 480 24.04 -51.02 14.72
C ARG D 480 24.32 -52.48 15.04
N LYS D 481 23.34 -53.36 14.83
CA LYS D 481 23.55 -54.78 15.07
C LYS D 481 24.58 -55.36 14.11
N ARG D 482 24.54 -54.96 12.84
CA ARG D 482 25.43 -55.53 11.84
C ARG D 482 26.86 -55.00 11.96
N LEU D 483 27.04 -53.78 12.49
CA LEU D 483 28.38 -53.21 12.57
C LEU D 483 29.35 -54.09 13.33
N PRO D 484 29.06 -54.56 14.55
CA PRO D 484 30.00 -55.46 15.23
C PRO D 484 30.25 -56.75 14.47
N VAL D 485 29.25 -57.28 13.79
CA VAL D 485 29.45 -58.49 12.99
C VAL D 485 30.45 -58.24 11.87
N THR D 486 30.29 -57.11 11.18
CA THR D 486 31.23 -56.77 10.11
C THR D 486 32.63 -56.55 10.66
N ASN D 487 32.75 -55.88 11.81
CA ASN D 487 34.05 -55.66 12.41
C ASN D 487 34.72 -56.98 12.78
N GLU D 488 33.95 -57.90 13.37
CA GLU D 488 34.50 -59.21 13.73
C GLU D 488 34.92 -59.98 12.49
N MET D 489 34.12 -59.91 11.42
CA MET D 489 34.48 -60.61 10.19
C MET D 489 35.77 -60.05 9.61
N VAL D 490 35.92 -58.72 9.61
CA VAL D 490 37.14 -58.10 9.09
C VAL D 490 38.33 -58.51 9.94
N HIS D 491 38.17 -58.51 11.27
CA HIS D 491 39.26 -58.92 12.15
C HIS D 491 39.67 -60.36 11.89
N ASN D 492 38.68 -61.25 11.73
CA ASN D 492 38.98 -62.65 11.45
C ASN D 492 39.70 -62.79 10.11
N LEU D 493 39.26 -62.07 9.09
CA LEU D 493 39.92 -62.14 7.80
C LEU D 493 41.36 -61.67 7.90
N VAL D 494 41.61 -60.58 8.63
CA VAL D 494 42.97 -60.10 8.81
C VAL D 494 43.81 -61.13 9.55
N ALA D 495 43.26 -61.72 10.60
CA ALA D 495 44.02 -62.67 11.41
C ALA D 495 44.30 -63.96 10.65
N ILE D 496 43.45 -64.31 9.67
CA ILE D 496 43.65 -65.54 8.92
C ILE D 496 44.99 -65.51 8.19
N GLU D 497 45.38 -64.33 7.69
CA GLU D 497 46.63 -64.23 6.93
C GLU D 497 47.81 -64.66 7.79
N LEU D 498 47.86 -64.21 9.04
CA LEU D 498 48.95 -64.57 9.95
C LEU D 498 48.72 -65.91 10.64
N ALA D 499 47.50 -66.47 10.57
CA ALA D 499 47.23 -67.73 11.25
C ALA D 499 48.07 -68.86 10.68
N TYR D 500 48.20 -68.93 9.35
CA TYR D 500 48.92 -70.00 8.68
C TYR D 500 50.32 -69.52 8.35
N ILE D 501 51.32 -70.05 9.05
CA ILE D 501 52.73 -69.75 8.80
C ILE D 501 53.47 -71.08 8.71
N ASN D 502 54.14 -71.31 7.59
CA ASN D 502 54.88 -72.55 7.36
C ASN D 502 56.28 -72.21 6.88
N THR D 503 57.29 -72.83 7.50
CA THR D 503 58.67 -72.61 7.08
C THR D 503 58.90 -73.13 5.67
N LYS D 504 58.32 -74.28 5.34
CA LYS D 504 58.48 -74.90 4.03
C LYS D 504 57.48 -74.36 3.00
N HIS D 505 56.88 -73.21 3.27
CA HIS D 505 55.93 -72.65 2.32
C HIS D 505 56.66 -72.31 1.01
N PRO D 506 56.07 -72.63 -0.15
CA PRO D 506 56.79 -72.37 -1.41
C PRO D 506 57.18 -70.92 -1.60
N ASP D 507 56.32 -69.99 -1.18
CA ASP D 507 56.66 -68.57 -1.29
C ASP D 507 57.87 -68.23 -0.44
N PHE D 508 57.93 -68.77 0.78
CA PHE D 508 59.07 -68.52 1.65
C PHE D 508 60.35 -69.09 1.04
N ALA D 509 60.27 -70.30 0.48
CA ALA D 509 61.44 -70.89 -0.16
C ALA D 509 61.90 -70.06 -1.35
N ASP D 510 60.97 -69.59 -2.17
CA ASP D 510 61.32 -68.75 -3.31
C ASP D 510 61.97 -67.46 -2.85
N ALA D 511 61.43 -66.83 -1.81
CA ALA D 511 62.02 -65.61 -1.29
C ALA D 511 63.43 -65.85 -0.77
N CYS D 512 63.63 -66.96 -0.04
CA CYS D 512 64.96 -67.29 0.46
C CYS D 512 65.93 -67.50 -0.69
N GLY D 513 65.50 -68.21 -1.75
CA GLY D 513 66.36 -68.42 -2.89
C GLY D 513 66.72 -67.12 -3.58
N LEU D 514 65.75 -66.23 -3.76
CA LEU D 514 66.02 -64.94 -4.38
C LEU D 514 66.99 -64.12 -3.54
N MET D 515 66.81 -64.12 -2.23
CA MET D 515 67.72 -63.38 -1.36
C MET D 515 69.13 -63.97 -1.41
N ASN D 516 69.25 -65.30 -1.44
CA ASN D 516 70.56 -65.91 -1.56
C ASN D 516 71.22 -65.56 -2.88
N ASN D 517 70.45 -65.56 -3.97
CA ASN D 517 71.00 -65.18 -5.26
C ASN D 517 71.48 -63.72 -5.25
N ASN D 518 70.69 -62.83 -4.63
CA ASN D 518 71.09 -61.44 -4.54
C ASN D 518 72.37 -61.29 -3.72
N ILE D 519 72.49 -62.04 -2.61
CA ILE D 519 73.69 -61.98 -1.80
C ILE D 519 74.89 -62.46 -2.60
N GLU D 520 74.73 -63.56 -3.33
CA GLU D 520 75.83 -64.07 -4.16
C GLU D 520 76.23 -63.06 -5.23
N GLU D 521 75.25 -62.41 -5.85
CA GLU D 521 75.56 -61.40 -6.86
C GLU D 521 76.31 -60.23 -6.25
N GLN D 522 75.89 -59.78 -5.07
CA GLN D 522 76.60 -58.69 -4.39
C GLN D 522 78.03 -59.09 -4.05
N ARG D 523 78.21 -60.31 -3.55
CA ARG D 523 79.55 -60.78 -3.23
C ARG D 523 80.42 -60.83 -4.48
N ARG D 524 79.87 -61.32 -5.59
CA ARG D 524 80.63 -61.36 -6.83
C ARG D 524 81.00 -59.95 -7.29
N ASN D 525 80.07 -59.00 -7.18
CA ASN D 525 80.38 -57.63 -7.55
C ASN D 525 81.49 -57.06 -6.68
N ARG D 526 81.45 -57.33 -5.37
CA ARG D 526 82.49 -56.84 -4.48
C ARG D 526 83.87 -57.40 -4.83
N LEU D 527 83.92 -58.54 -5.51
CA LEU D 527 85.18 -59.15 -5.92
C LEU D 527 85.60 -58.74 -7.33
N ALA D 528 84.87 -57.84 -7.96
CA ALA D 528 85.15 -57.40 -9.33
C ALA D 528 85.40 -55.89 -9.38
N ARG D 529 86.19 -55.38 -8.44
CA ARG D 529 86.52 -53.96 -8.36
C ARG D 529 87.87 -53.73 -9.03
N GLU D 530 87.84 -53.26 -10.27
CA GLU D 530 89.04 -52.88 -11.01
C GLU D 530 90.08 -53.99 -11.02
N LEU D 531 89.63 -55.19 -11.42
CA LEU D 531 90.54 -56.31 -11.54
C LEU D 531 91.42 -56.17 -12.78
N PRO D 532 92.56 -56.86 -12.81
CA PRO D 532 93.46 -56.79 -13.97
C PRO D 532 92.76 -57.07 -15.29
N LEU D 632 99.72 -54.29 -11.15
CA LEU D 632 99.33 -53.06 -10.46
C LEU D 632 97.97 -53.23 -9.81
N LEU D 633 96.98 -53.67 -10.59
CA LEU D 633 95.62 -53.88 -10.10
C LEU D 633 95.40 -55.27 -9.52
N ASP D 634 96.38 -56.15 -9.63
CA ASP D 634 96.22 -57.50 -9.09
C ASP D 634 96.08 -57.45 -7.57
N VAL D 635 95.13 -58.21 -7.05
CA VAL D 635 94.88 -58.27 -5.61
C VAL D 635 94.80 -59.72 -5.17
N PRO D 636 95.92 -60.44 -5.09
CA PRO D 636 95.87 -61.83 -4.63
C PRO D 636 95.29 -61.93 -3.23
N VAL D 637 94.53 -63.00 -3.00
CA VAL D 637 93.89 -63.24 -1.71
C VAL D 637 93.00 -62.05 -1.39
N PRO D 638 91.89 -61.85 -2.12
CA PRO D 638 91.04 -60.69 -1.86
C PRO D 638 90.49 -60.72 -0.44
N VAL D 639 90.37 -59.53 0.15
CA VAL D 639 89.85 -59.37 1.50
C VAL D 639 88.57 -58.54 1.44
N ALA D 640 87.83 -58.68 0.34
CA ALA D 640 86.60 -57.89 0.18
C ALA D 640 85.59 -58.18 1.27
N ARG D 641 85.66 -59.34 1.92
CA ARG D 641 84.71 -59.65 2.99
C ARG D 641 84.83 -58.64 4.13
N LYS D 642 86.06 -58.32 4.53
CA LYS D 642 86.30 -57.34 5.58
C LYS D 642 85.58 -57.74 6.87
N LEU D 643 85.56 -56.83 7.85
CA LEU D 643 84.88 -57.05 9.12
C LEU D 643 83.69 -56.13 9.29
N SER D 644 83.87 -54.83 9.10
CA SER D 644 82.78 -53.87 9.21
C SER D 644 81.88 -53.95 7.98
N ALA D 645 80.68 -53.38 8.12
CA ALA D 645 79.66 -53.34 7.08
C ALA D 645 79.07 -54.70 6.76
N ARG D 646 79.43 -55.73 7.53
CA ARG D 646 78.85 -57.06 7.29
C ARG D 646 77.35 -57.05 7.54
N GLU D 647 76.90 -56.35 8.58
CA GLU D 647 75.49 -56.30 8.91
C GLU D 647 74.65 -55.58 7.86
N GLN D 648 75.30 -54.84 6.94
CA GLN D 648 74.54 -54.13 5.92
C GLN D 648 73.78 -55.10 5.02
N ARG D 649 74.42 -56.20 4.62
CA ARG D 649 73.76 -57.18 3.77
C ARG D 649 72.56 -57.79 4.48
N ASP D 650 72.72 -58.14 5.76
CA ASP D 650 71.61 -58.70 6.52
C ASP D 650 70.47 -57.70 6.65
N CYS D 651 70.79 -56.44 6.90
CA CYS D 651 69.75 -55.41 6.99
C CYS D 651 69.01 -55.26 5.67
N GLU D 652 69.75 -55.24 4.56
CA GLU D 652 69.10 -55.13 3.26
C GLU D 652 68.20 -56.32 2.99
N VAL D 653 68.67 -57.53 3.31
CA VAL D 653 67.86 -58.72 3.09
C VAL D 653 66.59 -58.67 3.92
N ILE D 654 66.71 -58.27 5.20
CA ILE D 654 65.54 -58.19 6.06
C ILE D 654 64.56 -57.16 5.53
N GLU D 655 65.06 -56.00 5.10
CA GLU D 655 64.18 -54.96 4.56
C GLU D 655 63.47 -55.44 3.31
N ARG D 656 64.18 -56.11 2.41
CA ARG D 656 63.56 -56.61 1.19
C ARG D 656 62.48 -57.63 1.51
N LEU D 657 62.78 -58.56 2.42
CA LEU D 657 61.78 -59.57 2.79
C LEU D 657 60.55 -58.92 3.41
N ILE D 658 60.77 -57.95 4.31
CA ILE D 658 59.65 -57.27 4.95
C ILE D 658 58.80 -56.54 3.92
N LYS D 659 59.45 -55.84 2.98
CA LYS D 659 58.71 -55.13 1.95
C LYS D 659 57.90 -56.09 1.08
N SER D 660 58.51 -57.21 0.69
CA SER D 660 57.80 -58.18 -0.14
C SER D 660 56.59 -58.74 0.60
N TYR D 661 56.77 -59.10 1.87
CA TYR D 661 55.65 -59.65 2.64
C TYR D 661 54.56 -58.61 2.83
N PHE D 662 54.94 -57.36 3.08
CA PHE D 662 53.95 -56.29 3.24
C PHE D 662 53.17 -56.08 1.95
N LEU D 663 53.85 -56.10 0.81
CA LEU D 663 53.16 -55.96 -0.47
C LEU D 663 52.20 -57.12 -0.70
N ILE D 664 52.62 -58.35 -0.39
CA ILE D 664 51.74 -59.50 -0.55
C ILE D 664 50.51 -59.36 0.34
N VAL D 665 50.72 -58.94 1.59
CA VAL D 665 49.60 -58.78 2.52
C VAL D 665 48.65 -57.70 2.02
N ARG D 666 49.19 -56.59 1.53
CA ARG D 666 48.36 -55.52 1.01
C ARG D 666 47.53 -56.00 -0.17
N LYS D 667 48.14 -56.74 -1.10
CA LYS D 667 47.40 -57.24 -2.24
C LYS D 667 46.31 -58.21 -1.80
N ASN D 668 46.62 -59.10 -0.87
CA ASN D 668 45.61 -60.05 -0.39
C ASN D 668 44.45 -59.31 0.28
N ILE D 669 44.76 -58.31 1.11
CA ILE D 669 43.71 -57.54 1.78
C ILE D 669 42.83 -56.84 0.75
N GLN D 670 43.45 -56.15 -0.21
CA GLN D 670 42.67 -55.44 -1.21
C GLN D 670 41.82 -56.40 -2.04
N ASP D 671 42.30 -57.62 -2.27
CA ASP D 671 41.55 -58.57 -3.07
C ASP D 671 40.39 -59.18 -2.28
N SER D 672 40.57 -59.41 -0.98
CA SER D 672 39.60 -60.18 -0.20
C SER D 672 38.65 -59.29 0.62
N VAL D 673 39.20 -58.43 1.46
CA VAL D 673 38.36 -57.73 2.45
C VAL D 673 37.26 -56.91 1.79
N PRO D 674 37.52 -56.11 0.74
CA PRO D 674 36.44 -55.29 0.18
C PRO D 674 35.24 -56.11 -0.27
N LYS D 675 35.45 -57.27 -0.90
CA LYS D 675 34.33 -58.07 -1.39
C LYS D 675 33.48 -58.58 -0.24
N ALA D 676 34.12 -59.14 0.79
CA ALA D 676 33.37 -59.65 1.93
C ALA D 676 32.64 -58.52 2.65
N VAL D 677 33.28 -57.38 2.81
CA VAL D 677 32.63 -56.24 3.48
C VAL D 677 31.40 -55.82 2.70
N MET D 678 31.55 -55.64 1.38
CA MET D 678 30.42 -55.27 0.54
C MET D 678 29.28 -56.27 0.68
N HIS D 679 29.60 -57.56 0.52
CA HIS D 679 28.58 -58.60 0.62
C HIS D 679 27.83 -58.50 1.96
N PHE D 680 28.57 -58.65 3.06
CA PHE D 680 27.94 -58.73 4.37
C PHE D 680 27.15 -57.47 4.69
N LEU D 681 27.69 -56.30 4.35
CA LEU D 681 27.10 -55.03 4.76
C LEU D 681 26.01 -54.54 3.80
N VAL D 682 25.85 -55.15 2.64
CA VAL D 682 24.83 -54.69 1.70
C VAL D 682 23.80 -55.79 1.42
N ASN D 683 24.26 -56.94 0.92
CA ASN D 683 23.32 -57.95 0.44
C ASN D 683 22.48 -58.51 1.58
N HIS D 684 23.14 -58.94 2.67
CA HIS D 684 22.39 -59.47 3.80
C HIS D 684 21.49 -58.40 4.42
N VAL D 685 21.99 -57.17 4.51
CA VAL D 685 21.21 -56.09 5.11
C VAL D 685 19.94 -55.87 4.31
N LYS D 686 20.05 -55.78 2.98
CA LYS D 686 18.87 -55.53 2.17
C LYS D 686 17.93 -56.73 2.17
N ASP D 687 18.49 -57.94 2.22
CA ASP D 687 17.63 -59.12 2.27
C ASP D 687 16.82 -59.17 3.56
N THR D 688 17.45 -58.82 4.68
CA THR D 688 16.77 -58.89 5.97
C THR D 688 15.93 -57.66 6.28
N LEU D 689 16.13 -56.56 5.56
CA LEU D 689 15.37 -55.35 5.84
C LEU D 689 13.89 -55.56 5.61
N GLN D 690 13.53 -56.20 4.49
CA GLN D 690 12.11 -56.44 4.20
C GLN D 690 11.50 -57.35 5.25
N SER D 691 12.20 -58.41 5.64
CA SER D 691 11.67 -59.31 6.66
C SER D 691 11.48 -58.60 7.99
N GLU D 692 12.45 -57.77 8.38
CA GLU D 692 12.32 -57.04 9.64
C GLU D 692 11.15 -56.07 9.59
N LEU D 693 11.00 -55.35 8.48
CA LEU D 693 9.89 -54.40 8.35
C LEU D 693 8.56 -55.13 8.42
N VAL D 694 8.43 -56.26 7.74
CA VAL D 694 7.19 -57.03 7.78
C VAL D 694 6.91 -57.51 9.20
N GLY D 695 7.95 -58.01 9.88
CA GLY D 695 7.75 -58.55 11.22
C GLY D 695 7.34 -57.48 12.22
N GLN D 696 7.98 -56.32 12.17
CA GLN D 696 7.71 -55.26 13.14
C GLN D 696 6.63 -54.30 12.64
N LEU D 697 6.86 -53.67 11.50
CA LEU D 697 5.89 -52.71 10.96
C LEU D 697 4.66 -53.43 10.41
N GLU D 711 -3.10 -33.37 16.32
CA GLU D 711 -3.99 -33.42 17.47
C GLU D 711 -5.27 -32.64 17.19
N ASP D 712 -5.15 -31.56 16.41
CA ASP D 712 -6.32 -30.76 16.07
C ASP D 712 -7.33 -31.57 15.28
N MET D 713 -6.87 -32.32 14.28
CA MET D 713 -7.77 -33.11 13.47
C MET D 713 -8.43 -34.20 14.30
N ALA D 714 -7.66 -34.87 15.17
CA ALA D 714 -8.24 -35.90 16.02
C ALA D 714 -9.29 -35.32 16.97
N GLN D 715 -9.00 -34.17 17.57
CA GLN D 715 -9.96 -33.54 18.47
C GLN D 715 -11.23 -33.14 17.72
N ARG D 716 -11.08 -32.57 16.53
CA ARG D 716 -12.25 -32.20 15.74
C ARG D 716 -13.08 -33.42 15.39
N ARG D 717 -12.43 -34.50 14.96
CA ARG D 717 -13.16 -35.72 14.62
C ARG D 717 -13.89 -36.28 15.83
N LYS D 718 -13.22 -36.31 16.98
CA LYS D 718 -13.85 -36.83 18.19
C LYS D 718 -15.06 -35.98 18.59
N GLU D 719 -14.91 -34.65 18.54
CA GLU D 719 -16.03 -33.78 18.91
C GLU D 719 -17.19 -33.96 17.94
N ALA D 720 -16.91 -34.03 16.64
CA ALA D 720 -17.98 -34.22 15.66
C ALA D 720 -18.68 -35.55 15.86
N ALA D 721 -17.92 -36.63 16.11
CA ALA D 721 -18.53 -37.93 16.32
C ALA D 721 -19.39 -37.93 17.58
N ASP D 722 -18.90 -37.33 18.66
CA ASP D 722 -19.68 -37.27 19.89
C ASP D 722 -20.97 -36.48 19.69
N MET D 723 -20.88 -35.33 19.03
CA MET D 723 -22.07 -34.52 18.78
C MET D 723 -23.08 -35.27 17.92
N LEU D 724 -22.60 -35.92 16.85
CA LEU D 724 -23.51 -36.67 15.99
C LEU D 724 -24.17 -37.82 16.75
N LYS D 725 -23.39 -38.55 17.54
CA LYS D 725 -23.97 -39.65 18.32
C LYS D 725 -25.01 -39.15 19.30
N ALA D 726 -24.71 -38.05 20.01
CA ALA D 726 -25.67 -37.51 20.96
C ALA D 726 -26.95 -37.07 20.25
N LEU D 727 -26.81 -36.37 19.12
CA LEU D 727 -28.00 -35.91 18.40
C LEU D 727 -28.83 -37.08 17.89
N GLN D 728 -28.17 -38.11 17.34
CA GLN D 728 -28.90 -39.27 16.85
C GLN D 728 -29.60 -40.00 17.99
N GLY D 729 -28.93 -40.15 19.14
CA GLY D 729 -29.56 -40.80 20.27
C GLY D 729 -30.77 -40.02 20.77
N ALA D 730 -30.63 -38.69 20.85
CA ALA D 730 -31.76 -37.87 21.30
C ALA D 730 -32.93 -37.99 20.31
N SER D 731 -32.64 -37.94 19.01
CA SER D 731 -33.72 -38.07 18.03
C SER D 731 -34.40 -39.43 18.12
N GLN D 732 -33.62 -40.50 18.26
CA GLN D 732 -34.21 -41.83 18.38
C GLN D 732 -35.06 -41.94 19.64
N ILE D 733 -34.58 -41.41 20.76
CA ILE D 733 -35.35 -41.47 22.00
C ILE D 733 -36.64 -40.69 21.86
N ILE D 734 -36.59 -39.51 21.25
CA ILE D 734 -37.80 -38.72 21.05
C ILE D 734 -38.78 -39.47 20.16
N ALA D 735 -38.27 -40.10 19.09
CA ALA D 735 -39.15 -40.85 18.20
C ALA D 735 -39.81 -42.02 18.93
N GLU D 736 -39.05 -42.70 19.80
CA GLU D 736 -39.61 -43.82 20.54
C GLU D 736 -40.77 -43.41 21.45
N ILE D 737 -40.88 -42.13 21.78
CA ILE D 737 -41.98 -41.67 22.63
C ILE D 737 -43.30 -41.97 21.94
N ARG D 738 -44.32 -42.28 22.73
CA ARG D 738 -45.62 -42.63 22.19
C ARG D 738 -46.20 -41.45 21.40
N GLU D 739 -46.88 -41.76 20.31
CA GLU D 739 -47.48 -40.72 19.49
C GLU D 739 -48.53 -39.94 20.26
N THR D 740 -49.34 -40.64 21.07
CA THR D 740 -50.37 -39.96 21.84
C THR D 740 -49.79 -39.00 22.87
N HIS D 741 -48.51 -39.12 23.18
CA HIS D 741 -47.84 -38.27 24.15
C HIS D 741 -47.03 -37.15 23.49
N LEU D 742 -47.24 -36.91 22.20
CA LEU D 742 -46.52 -35.87 21.46
C LEU D 742 -47.49 -34.96 20.74
N TRP D 743 -48.58 -34.57 21.41
CA TRP D 743 -49.57 -33.67 20.82
C TRP D 743 -49.55 -32.32 21.54
#